data_9NHJ
#
_entry.id   9NHJ
#
_cell.length_a   1.00
_cell.length_b   1.00
_cell.length_c   1.00
_cell.angle_alpha   90.00
_cell.angle_beta   90.00
_cell.angle_gamma   90.00
#
_symmetry.space_group_name_H-M   'P 1'
#
loop_
_entity.id
_entity.type
_entity.pdbx_description
1 polymer 'RQk-FP-A pAb heavy chain'
2 polymer 'RQk-FP-A pAb light chain'
3 polymer 'AMC016 v4.2 envelope glycoprotein gp120'
4 polymer 'AMC016 v4.2 transmembrane protein gp41'
5 branched 2-acetamido-2-deoxy-beta-D-glucopyranose-(1-4)-2-acetamido-2-deoxy-beta-D-glucopyranose
6 branched alpha-D-mannopyranose-(1-3)-[alpha-D-mannopyranose-(1-6)]beta-D-mannopyranose-(1-4)-2-acetamido-2-deoxy-beta-D-glucopyranose-(1-4)-2-acetamido-2-deoxy-beta-D-glucopyranose
7 branched beta-D-mannopyranose-(1-4)-2-acetamido-2-deoxy-beta-D-glucopyranose-(1-4)-2-acetamido-2-deoxy-beta-D-glucopyranose
8 non-polymer 2-acetamido-2-deoxy-beta-D-glucopyranose
#
loop_
_entity_poly.entity_id
_entity_poly.type
_entity_poly.pdbx_seq_one_letter_code
_entity_poly.pdbx_strand_id
1 'polypeptide(L)'
;(UNK)(UNK)(UNK)(UNK)(UNK)(UNK)(UNK)(UNK)(UNK)(UNK)(UNK)(UNK)(UNK)(UNK)(UNK)(UNK)
(UNK)(UNK)(UNK)(UNK)(UNK)C(UNK)(UNK)(UNK)(UNK)(UNK)(UNK)(UNK)(UNK)(UNK)(UNK)
(UNK)(UNK)(UNK)(UNK)(UNK)(UNK)(UNK)(UNK)(UNK)(UNK)(UNK)(UNK)(UNK)(UNK)W(UNK)
(UNK)(UNK)(UNK)(UNK)(UNK)(UNK)(UNK)(UNK)(UNK)(UNK)(UNK)(UNK)(UNK)(UNK)(UNK)(UNK)
(UNK)(UNK)(UNK)(UNK)(UNK)(UNK)(UNK)(UNK)(UNK)(UNK)(UNK)(UNK)(UNK)(UNK)(UNK)(UNK)
(UNK)(UNK)(UNK)(UNK)(UNK)(UNK)(UNK)(UNK)(UNK)(UNK)(UNK)(UNK)(UNK)(UNK)(UNK)C
(UNK)(UNK)(UNK)(UNK)(UNK)(UNK)(UNK)(UNK)(UNK)(UNK)(UNK)(UNK)(UNK)(UNK)(UNK)(UNK)
(UNK)(UNK)(UNK)W(UNK)(UNK)(UNK)(UNK)(UNK)(UNK)(UNK)(UNK)
;
H
2 'polypeptide(L)'
;(UNK)(UNK)(UNK)(UNK)(UNK)(UNK)(UNK)(UNK)(UNK)(UNK)(UNK)(UNK)(UNK)(UNK)(UNK)(UNK)
(UNK)(UNK)(UNK)(UNK)(UNK)C(UNK)(UNK)(UNK)(UNK)(UNK)(UNK)(UNK)(UNK)(UNK)(UNK)
(UNK)W(UNK)(UNK)(UNK)(UNK)(UNK)(UNK)(UNK)(UNK)(UNK)(UNK)(UNK)(UNK)(UNK)(UNK)
(UNK)(UNK)(UNK)(UNK)(UNK)(UNK)(UNK)(UNK)(UNK)(UNK)(UNK)(UNK)(UNK)(UNK)(UNK)(UNK)
(UNK)(UNK)(UNK)(UNK)(UNK)(UNK)(UNK)(UNK)(UNK)(UNK)(UNK)(UNK)(UNK)(UNK)(UNK)(UNK)
(UNK)(UNK)(UNK)(UNK)(UNK)(UNK)C(UNK)(UNK)(UNK)(UNK)(UNK)(UNK)(UNK)(UNK)(UNK)F
(UNK)(UNK)(UNK)(UNK)(UNK)(UNK)(UNK)(UNK)
;
L
3 'polypeptide(L)'
;MDAMKRGLCCVLLLCGAVFVSPSQEIHARFRRGARAEEELWVTVYYGVPVWKEATTTLFCASDAKAYDTEVHNVWATHCC
VPTDPSPQEVVLENVTENFNMWKNNMVEQMHEDIISLWDQSLKPCVKLTPLCVTLNCTDLGNATDAINRNTTDAPNSTLR
TMEEKGEIKNCSFNITTSVRDKMQKEYATFYKLDIVPIDNDNNSYRLINCNTSVITQACPKVSFEPIPIHYCAPAGFAIL
KCNNKTFNGTGPCTNVSTVQCTHGIRPVVSTQLLLNGSLAEEEIVIRSENFTDNGKTIIVQLNESVEINCTRPNNNTRKS
IHIGPGRAFYTTGQIIGNIRQAHCNISRAKWNNTLHKIVKKLREQFRNKTIVFKQSSGGDPEIVMHSFNCGGEFFYCNST
QLFNSTWYGNESSDNPGVEGNITLPCRIKQIINLWQEVGKAMYAPPIGGQIRCSSNITGLLLTRDGGNNNITTEIFRPGG
GDMRDNWRSELYKYKVVKIEPLGVAPTKCKRRVVQRRRRRR
;
A,C,D
4 'polypeptide(L)'
;AVGIGAVFLGFLGAAGSTMGAASMTLTVQARQLLSGIVQQQSNLLRAPECQQHLLKDTHWGIKQLQARVLAVEHYLKDQQ
LLGIWGCSGKLICTTAVPWNATWSNKTLDNIWNNMTWMEWEKEISNYTNLIYNLIEESQNQQEKNETENLTLC
;
G,E,F
#
loop_
_chem_comp.id
_chem_comp.type
_chem_comp.name
_chem_comp.formula
BMA D-saccharide, beta linking beta-D-mannopyranose 'C6 H12 O6'
MAN D-saccharide, alpha linking alpha-D-mannopyranose 'C6 H12 O6'
NAG D-saccharide, beta linking 2-acetamido-2-deoxy-beta-D-glucopyranose 'C8 H15 N O6'
#
# COMPACT_ATOMS: atom_id res chain seq x y z
N UNK A 1 44.45 27.96 8.35
CA UNK A 1 44.21 27.82 6.89
C UNK A 1 44.13 26.36 6.48
N UNK A 2 43.58 26.12 5.28
CA UNK A 2 43.36 24.77 4.81
C UNK A 2 44.66 23.98 4.77
N UNK A 3 44.59 22.70 5.15
CA UNK A 3 45.76 21.84 5.21
C UNK A 3 45.41 20.46 4.66
N UNK A 4 45.02 20.42 3.39
CA UNK A 4 44.64 19.18 2.74
C UNK A 4 45.85 18.25 2.65
N UNK A 5 45.60 16.94 2.78
CA UNK A 5 46.67 15.95 2.66
C UNK A 5 46.17 14.71 1.96
N UNK A 6 46.92 14.28 0.96
CA UNK A 6 46.58 13.15 0.11
C UNK A 6 47.13 11.83 0.63
N UNK A 7 46.46 10.74 0.23
CA UNK A 7 46.90 9.38 0.48
C UNK A 7 46.45 8.55 -0.72
N UNK A 8 47.21 7.50 -1.03
CA UNK A 8 46.87 6.67 -2.18
C UNK A 8 47.49 5.29 -2.04
N UNK A 9 46.95 4.36 -2.83
CA UNK A 9 47.50 3.01 -2.91
C UNK A 9 48.96 3.08 -3.34
N UNK A 10 49.79 2.24 -2.70
CA UNK A 10 51.22 2.23 -3.00
C UNK A 10 51.48 1.92 -4.47
N UNK A 11 50.68 1.02 -5.06
CA UNK A 11 50.83 0.70 -6.48
C UNK A 11 49.53 0.10 -6.98
N UNK A 12 49.29 0.24 -8.28
CA UNK A 12 48.18 -0.41 -8.96
C UNK A 12 48.68 -1.27 -10.10
N UNK A 13 47.86 -2.27 -10.46
CA UNK A 13 48.11 -3.09 -11.62
C UNK A 13 47.73 -2.33 -12.88
N UNK A 14 48.40 -2.65 -13.98
CA UNK A 14 48.03 -2.04 -15.25
C UNK A 14 46.69 -2.58 -15.70
N UNK A 15 45.90 -1.72 -16.36
CA UNK A 15 44.58 -2.09 -16.86
C UNK A 15 43.69 -2.53 -15.71
N UNK A 16 43.74 -1.79 -14.61
CA UNK A 16 42.94 -2.07 -13.42
C UNK A 16 42.56 -0.75 -12.77
N UNK A 17 41.45 -0.77 -12.04
CA UNK A 17 40.97 0.43 -11.37
C UNK A 17 41.95 0.89 -10.30
N UNK A 18 42.05 2.22 -10.15
CA UNK A 18 42.89 2.86 -9.15
C UNK A 18 42.05 3.83 -8.35
N UNK A 19 42.49 4.11 -7.11
CA UNK A 19 41.77 5.05 -6.25
C UNK A 19 42.74 5.77 -5.33
N UNK A 20 42.29 6.93 -4.87
CA UNK A 20 43.06 7.79 -3.97
C UNK A 20 42.08 8.55 -3.08
N UNK A 21 42.59 9.12 -2.00
CA UNK A 21 41.77 9.86 -1.06
C UNK A 21 42.55 11.07 -0.56
N CYS A 22 41.80 12.07 -0.07
CA CYS A 22 42.39 13.30 0.45
C CYS A 22 41.60 13.75 1.66
N UNK A 23 42.29 14.02 2.75
CA UNK A 23 41.67 14.53 3.96
C UNK A 23 41.75 16.05 3.98
N UNK A 24 40.65 16.69 4.34
CA UNK A 24 40.61 18.13 4.50
C UNK A 24 40.93 18.47 5.95
N UNK A 25 41.45 19.67 6.18
CA UNK A 25 41.68 20.12 7.54
C UNK A 25 41.61 21.63 7.65
N UNK A 26 41.15 22.09 8.81
CA UNK A 26 41.07 23.51 9.14
C UNK A 26 40.29 24.32 8.12
N UNK A 27 39.24 23.72 7.57
CA UNK A 27 38.41 24.44 6.61
C UNK A 27 37.06 23.74 6.52
N UNK A 28 36.05 24.49 6.12
CA UNK A 28 34.76 23.89 5.81
C UNK A 28 34.87 23.10 4.52
N UNK A 29 34.26 21.92 4.47
CA UNK A 29 34.21 21.21 3.20
C UNK A 29 33.23 21.91 2.27
N UNK A 30 32.11 22.35 2.82
CA UNK A 30 31.07 23.01 2.06
C UNK A 30 31.53 24.42 1.68
N UNK A 31 30.88 25.00 0.67
CA UNK A 31 31.23 26.32 0.16
C UNK A 31 32.64 26.35 -0.42
N UNK A 32 33.05 25.23 -1.02
CA UNK A 32 34.32 25.10 -1.70
C UNK A 32 34.17 23.88 -2.60
N UNK A 33 34.97 23.81 -3.66
CA UNK A 33 34.96 22.65 -4.55
C UNK A 33 36.21 21.80 -4.33
N UNK A 34 35.99 20.55 -3.95
CA UNK A 34 37.10 19.63 -3.76
C UNK A 34 37.60 19.29 -5.16
N UNK A 35 38.90 19.13 -5.33
CA UNK A 35 39.40 18.84 -6.67
C UNK A 35 40.67 18.02 -6.62
N UNK A 36 40.98 17.39 -7.74
CA UNK A 36 42.21 16.64 -7.90
C UNK A 36 42.73 16.88 -9.30
N UNK A 37 44.06 16.93 -9.39
CA UNK A 37 44.79 17.12 -10.63
C UNK A 37 46.10 16.36 -10.46
N UNK A 38 46.72 15.95 -11.56
CA UNK A 38 47.96 15.21 -11.46
C UNK A 38 48.90 15.63 -12.57
N UNK A 39 50.19 15.64 -12.25
CA UNK A 39 51.24 15.99 -13.20
C UNK A 39 52.06 14.77 -13.55
N UNK A 40 52.13 14.45 -14.83
CA UNK A 40 52.95 13.34 -15.27
C UNK A 40 54.41 13.76 -15.12
N UNK A 41 55.31 12.78 -15.08
CA UNK A 41 56.72 13.14 -14.97
C UNK A 41 57.13 14.00 -16.16
N UNK A 42 57.92 15.04 -15.88
CA UNK A 42 58.43 15.96 -16.90
C UNK A 42 57.28 16.54 -17.73
N UNK A 43 56.22 16.98 -17.03
CA UNK A 43 55.06 17.52 -17.70
C UNK A 43 54.34 18.53 -16.81
N UNK A 44 53.55 19.39 -17.44
CA UNK A 44 52.71 20.33 -16.71
C UNK A 44 51.53 19.59 -16.10
N UNK A 45 50.97 20.16 -15.04
CA UNK A 45 49.81 19.55 -14.39
C UNK A 45 48.59 19.57 -15.32
N UNK A 46 47.82 18.49 -15.26
CA UNK A 46 46.54 18.38 -15.95
C UNK A 46 45.42 18.26 -14.93
N TRP A 47 44.32 18.96 -15.17
CA TRP A 47 43.17 18.87 -14.27
C TRP A 47 42.48 17.54 -14.49
N UNK A 48 42.11 16.87 -13.40
CA UNK A 48 41.40 15.59 -13.48
C UNK A 48 39.93 15.68 -13.07
N UNK A 49 39.62 16.32 -11.94
CA UNK A 49 38.22 16.30 -11.52
C UNK A 49 37.99 17.31 -10.41
N UNK A 50 36.71 17.61 -10.17
CA UNK A 50 36.31 18.43 -9.05
C UNK A 50 34.88 18.08 -8.69
N UNK A 51 34.47 18.39 -7.47
CA UNK A 51 33.08 18.23 -7.09
C UNK A 51 32.71 19.21 -6.00
N UNK A 52 31.57 19.88 -6.15
CA UNK A 52 31.12 20.74 -5.06
C UNK A 52 30.78 19.86 -3.88
N UNK A 53 31.42 20.14 -2.75
CA UNK A 53 31.25 19.36 -1.53
C UNK A 53 29.85 19.48 -0.95
N UNK A 54 29.24 20.66 -1.09
CA UNK A 54 27.91 20.89 -0.52
C UNK A 54 26.86 19.94 -1.09
N UNK A 55 27.01 19.52 -2.35
CA UNK A 55 26.02 18.66 -2.97
C UNK A 55 26.62 17.59 -3.86
N UNK A 56 27.93 17.34 -3.78
CA UNK A 56 28.58 16.34 -4.63
C UNK A 56 28.34 16.64 -6.10
N UNK A 57 28.39 17.92 -6.46
CA UNK A 57 28.14 18.32 -7.85
C UNK A 57 29.45 18.16 -8.62
N UNK A 58 29.72 16.91 -8.98
CA UNK A 58 30.96 16.54 -9.65
C UNK A 58 31.02 17.03 -11.09
N UNK A 59 32.25 17.31 -11.53
CA UNK A 59 32.58 17.67 -12.90
C UNK A 59 33.96 17.05 -13.17
N UNK A 60 34.24 16.75 -14.43
CA UNK A 60 35.52 16.14 -14.77
C UNK A 60 35.97 16.55 -16.16
N UNK A 61 37.28 16.46 -16.38
CA UNK A 61 37.84 16.73 -17.69
C UNK A 61 37.27 15.75 -18.70
N UNK A 62 36.95 16.25 -19.90
CA UNK A 62 36.37 15.39 -20.92
C UNK A 62 37.26 14.19 -21.24
N UNK A 63 38.59 14.40 -21.23
CA UNK A 63 39.51 13.30 -21.55
C UNK A 63 39.35 12.13 -20.59
N UNK A 64 39.03 12.40 -19.33
CA UNK A 64 38.90 11.37 -18.29
C UNK A 64 37.45 11.11 -17.90
N UNK A 65 36.49 11.73 -18.58
CA UNK A 65 35.09 11.62 -18.16
C UNK A 65 34.58 10.19 -18.21
N UNK A 66 35.06 9.40 -19.17
CA UNK A 66 34.59 8.04 -19.35
C UNK A 66 35.24 7.03 -18.40
N UNK A 67 36.25 7.42 -17.62
CA UNK A 67 36.93 6.49 -16.74
C UNK A 67 37.40 7.20 -15.47
N UNK A 68 36.47 7.90 -14.80
CA UNK A 68 36.83 8.63 -13.59
C UNK A 68 35.59 8.81 -12.73
N UNK A 69 35.82 8.94 -11.42
CA UNK A 69 34.77 9.23 -10.46
C UNK A 69 35.39 10.06 -9.34
N UNK A 70 34.54 10.85 -8.69
CA UNK A 70 34.91 11.65 -7.53
C UNK A 70 33.76 11.63 -6.54
N UNK A 71 34.09 11.63 -5.25
CA UNK A 71 33.08 11.57 -4.20
C UNK A 71 33.67 12.19 -2.95
N UNK A 72 32.79 12.52 -2.00
CA UNK A 72 33.27 13.01 -0.72
C UNK A 72 32.29 12.59 0.37
N UNK A 73 32.85 12.40 1.57
CA UNK A 73 32.09 12.08 2.77
C UNK A 73 32.10 13.27 3.70
N UNK A 74 30.95 13.95 3.76
CA UNK A 74 30.81 15.15 4.59
C UNK A 74 31.02 14.82 6.06
N UNK A 75 30.58 13.62 6.48
CA UNK A 75 30.72 13.21 7.88
C UNK A 75 32.18 13.13 8.28
N UNK A 76 33.05 12.76 7.34
CA UNK A 76 34.47 12.62 7.59
C UNK A 76 35.25 13.83 7.10
N UNK A 77 34.60 14.73 6.34
CA UNK A 77 35.26 15.86 5.70
C UNK A 77 36.40 15.38 4.84
N UNK A 78 36.15 14.36 4.02
CA UNK A 78 37.22 13.83 3.17
C UNK A 78 36.71 13.52 1.77
N UNK A 79 37.57 13.76 0.78
CA UNK A 79 37.29 13.53 -0.62
C UNK A 79 38.02 12.28 -1.10
N UNK A 80 37.50 11.71 -2.18
CA UNK A 80 38.10 10.54 -2.79
C UNK A 80 37.91 10.61 -4.29
N UNK A 81 38.79 9.91 -5.01
CA UNK A 81 38.72 9.87 -6.46
C UNK A 81 39.15 8.49 -6.92
N UNK A 82 38.68 8.09 -8.10
CA UNK A 82 39.02 6.80 -8.66
C UNK A 82 38.95 6.87 -10.17
N UNK A 83 39.61 5.91 -10.82
CA UNK A 83 39.54 5.78 -12.26
C UNK A 83 39.55 4.31 -12.64
N UNK A 84 38.70 3.96 -13.60
CA UNK A 84 38.59 2.59 -14.07
C UNK A 84 39.67 2.25 -15.10
N UNK A 85 40.11 0.99 -15.09
CA UNK A 85 41.06 0.43 -16.04
C UNK A 85 42.28 1.34 -16.26
N UNK A 86 42.87 1.79 -15.15
CA UNK A 86 43.99 2.72 -15.26
C UNK A 86 45.15 2.10 -16.03
N UNK A 87 45.64 2.83 -17.03
CA UNK A 87 46.75 2.42 -17.86
C UNK A 87 48.08 2.76 -17.17
N UNK A 88 49.14 2.04 -17.57
CA UNK A 88 50.46 2.37 -17.07
C UNK A 88 50.84 3.81 -17.41
N UNK A 89 50.35 4.31 -18.55
CA UNK A 89 50.62 5.68 -19.00
C UNK A 89 50.02 6.72 -18.06
N UNK A 90 49.12 6.33 -17.16
CA UNK A 90 48.46 7.24 -16.24
C UNK A 90 49.31 7.60 -15.03
N UNK A 91 50.49 7.00 -14.88
CA UNK A 91 51.34 7.27 -13.72
C UNK A 91 51.61 8.76 -13.63
N UNK A 92 51.47 9.32 -12.44
CA UNK A 92 51.66 10.75 -12.24
C UNK A 92 51.70 11.04 -10.76
N UNK A 93 52.17 12.24 -10.43
CA UNK A 93 52.09 12.73 -9.05
C UNK A 93 50.75 13.44 -8.92
N UNK A 94 49.79 12.78 -8.26
CA UNK A 94 48.42 13.28 -8.18
C UNK A 94 48.23 14.04 -6.88
N UNK A 95 47.80 15.29 -6.98
CA UNK A 95 47.58 16.16 -5.84
C UNK A 95 46.11 16.54 -5.75
N CYS A 96 45.65 16.70 -4.51
CA CYS A 96 44.31 17.19 -4.22
C CYS A 96 44.40 18.66 -3.83
N UNK A 97 43.32 19.39 -4.07
CA UNK A 97 43.30 20.81 -3.75
C UNK A 97 41.88 21.29 -3.51
N UNK A 98 41.77 22.42 -2.82
CA UNK A 98 40.51 23.11 -2.63
C UNK A 98 40.46 24.32 -3.54
N UNK A 99 39.40 24.39 -4.37
CA UNK A 99 39.13 25.49 -5.26
C UNK A 99 38.01 26.33 -4.66
N UNK A 100 38.32 27.57 -4.27
CA UNK A 100 37.33 28.38 -3.58
C UNK A 100 36.15 28.66 -4.50
N UNK A 101 34.94 28.65 -3.94
CA UNK A 101 33.71 28.96 -4.66
C UNK A 101 33.41 30.45 -4.52
N UNK A 102 33.70 31.23 -5.56
CA UNK A 102 33.55 32.68 -5.49
C UNK A 102 32.11 33.10 -5.81
N UNK A 103 31.19 32.69 -4.93
CA UNK A 103 29.78 33.01 -5.14
C UNK A 103 29.52 34.48 -4.87
N UNK A 104 28.66 35.07 -5.69
CA UNK A 104 28.23 36.46 -5.56
C UNK A 104 26.74 36.52 -5.21
N UNK A 105 26.32 37.71 -4.78
CA UNK A 105 24.90 37.95 -4.53
C UNK A 105 24.06 37.84 -5.80
N UNK A 106 24.70 37.96 -6.96
CA UNK A 106 24.09 37.88 -8.28
C UNK A 106 23.93 36.44 -8.77
N UNK A 107 24.33 35.46 -7.96
CA UNK A 107 24.36 34.03 -8.29
C UNK A 107 25.43 33.71 -9.33
N UNK A 108 26.44 34.57 -9.43
CA UNK A 108 27.60 34.33 -10.29
C UNK A 108 28.49 33.30 -9.60
N UNK A 109 29.33 32.63 -10.38
CA UNK A 109 30.25 31.65 -9.81
C UNK A 109 31.51 31.58 -10.64
N UNK A 110 32.57 31.10 -9.99
CA UNK A 110 33.87 30.85 -10.60
C UNK A 110 34.59 29.85 -9.72
N UNK A 111 35.54 29.11 -10.30
CA UNK A 111 36.33 28.22 -9.47
C UNK A 111 37.69 27.92 -10.10
N UNK A 112 38.72 27.92 -9.25
CA UNK A 112 40.08 27.57 -9.61
C UNK A 112 40.77 27.08 -8.34
N UNK A 113 41.74 26.17 -8.50
CA UNK A 113 42.43 25.63 -7.34
C UNK A 113 43.20 26.73 -6.60
N UNK A 114 43.16 26.70 -5.28
CA UNK A 114 43.88 27.65 -4.45
C UNK A 114 44.73 26.99 -3.38
N UNK A 115 44.14 26.09 -2.59
CA UNK A 115 44.86 25.41 -1.50
C UNK A 115 45.30 24.04 -2.00
N TRP A 116 46.62 23.83 -2.13
CA TRP A 116 47.16 22.59 -2.67
C TRP A 116 47.78 21.72 -1.58
N UNK A 117 47.58 20.41 -1.74
CA UNK A 117 48.18 19.35 -0.95
C UNK A 117 49.46 18.85 -1.62
N UNK A 118 50.33 18.25 -0.81
CA UNK A 118 51.51 17.60 -1.37
C UNK A 118 51.03 16.46 -2.28
N UNK A 119 51.73 16.24 -3.38
CA UNK A 119 51.31 15.20 -4.31
C UNK A 119 51.60 13.80 -3.78
N UNK A 120 50.71 12.89 -4.15
CA UNK A 120 50.85 11.45 -3.92
C UNK A 120 51.29 10.78 -5.21
N UNK A 121 52.52 10.30 -5.25
CA UNK A 121 53.02 9.66 -6.46
C UNK A 121 52.24 8.37 -6.69
N UNK A 122 51.90 8.10 -7.95
CA UNK A 122 51.19 6.86 -8.26
C UNK A 122 51.56 6.36 -9.65
N UNK A 123 51.47 5.05 -9.82
CA UNK A 123 51.72 4.40 -11.10
C UNK A 123 50.87 3.15 -11.18
N UNK A 124 50.57 2.75 -12.41
CA UNK A 124 49.76 1.54 -12.67
C UNK A 124 50.63 0.47 -13.32
N UNK B 1 38.19 26.03 -25.11
CA UNK B 1 39.43 26.79 -25.11
C UNK B 1 40.59 25.92 -24.62
N UNK B 2 41.79 26.48 -24.72
CA UNK B 2 43.01 25.85 -24.24
C UNK B 2 44.00 26.96 -23.96
N UNK B 3 44.94 26.70 -23.06
CA UNK B 3 45.98 27.67 -22.69
C UNK B 3 47.35 27.16 -23.13
N UNK B 4 48.23 28.10 -23.45
CA UNK B 4 49.59 27.78 -23.87
C UNK B 4 50.55 28.84 -23.35
N UNK B 5 51.78 28.41 -23.08
CA UNK B 5 52.85 29.30 -22.63
C UNK B 5 53.55 29.86 -23.86
N UNK B 6 53.36 31.16 -24.11
CA UNK B 6 53.96 31.76 -25.30
C UNK B 6 55.48 31.81 -25.21
N UNK B 7 56.02 32.00 -24.01
CA UNK B 7 57.47 32.07 -23.81
C UNK B 7 57.95 30.70 -23.38
N UNK B 8 58.84 30.09 -24.18
CA UNK B 8 59.37 28.78 -23.82
C UNK B 8 60.18 28.86 -22.53
N UNK B 9 60.88 29.98 -22.33
CA UNK B 9 61.69 30.17 -21.13
C UNK B 9 61.70 31.65 -20.80
N UNK B 10 61.94 31.95 -19.53
CA UNK B 10 62.00 33.32 -19.03
C UNK B 10 63.11 33.42 -17.98
N UNK B 11 64.34 33.09 -18.37
CA UNK B 11 65.45 32.99 -17.44
C UNK B 11 66.34 34.22 -17.51
N UNK B 12 66.89 34.58 -16.35
CA UNK B 12 67.88 35.64 -16.23
C UNK B 12 68.80 35.28 -15.08
N UNK B 13 70.03 35.81 -15.12
CA UNK B 13 70.96 35.55 -14.03
C UNK B 13 70.47 36.13 -12.70
N UNK B 14 69.98 37.36 -12.71
CA UNK B 14 69.47 37.95 -11.47
C UNK B 14 68.75 39.26 -11.74
N UNK B 15 67.74 39.54 -10.91
CA UNK B 15 67.09 40.85 -10.81
C UNK B 15 66.54 41.36 -12.13
N UNK B 16 66.19 40.48 -13.06
CA UNK B 16 65.59 40.89 -14.32
C UNK B 16 64.09 41.03 -14.14
N UNK B 17 63.48 41.90 -14.96
CA UNK B 17 62.02 42.02 -14.97
C UNK B 17 61.44 40.94 -15.88
N UNK B 18 61.58 39.70 -15.42
CA UNK B 18 61.14 38.55 -16.20
C UNK B 18 59.63 38.57 -16.37
N UNK B 19 59.16 38.12 -17.53
CA UNK B 19 57.73 38.12 -17.80
C UNK B 19 57.39 36.97 -18.72
N UNK B 20 56.12 36.57 -18.67
CA UNK B 20 55.60 35.51 -19.51
C UNK B 20 54.15 35.84 -19.85
N UNK B 21 53.69 35.33 -20.98
CA UNK B 21 52.31 35.50 -21.41
C UNK B 21 51.62 34.15 -21.49
N CYS B 22 50.32 34.17 -21.22
CA CYS B 22 49.45 33.00 -21.25
C CYS B 22 48.48 33.22 -22.42
N UNK B 23 48.74 32.50 -23.52
CA UNK B 23 47.98 32.61 -24.75
C UNK B 23 46.85 31.60 -24.68
N UNK B 24 45.79 31.82 -25.47
CA UNK B 24 44.73 30.82 -25.52
C UNK B 24 44.08 30.74 -26.88
N UNK B 25 43.47 29.57 -27.12
CA UNK B 25 42.75 29.29 -28.36
C UNK B 25 41.48 30.12 -28.46
N UNK B 26 40.96 30.58 -27.33
CA UNK B 26 39.74 31.36 -27.23
C UNK B 26 39.87 32.12 -25.92
N UNK B 27 39.06 33.16 -25.77
CA UNK B 27 39.14 33.94 -24.54
C UNK B 27 38.75 33.15 -23.31
N UNK B 28 39.53 33.33 -22.25
CA UNK B 28 39.27 32.84 -20.91
C UNK B 28 38.66 33.92 -20.01
N UNK B 29 38.41 35.11 -20.55
CA UNK B 29 37.87 36.27 -19.84
C UNK B 29 38.72 36.53 -18.59
N UNK B 30 38.11 36.64 -17.41
CA UNK B 30 38.82 36.94 -16.17
C UNK B 30 39.38 35.71 -15.46
N UNK B 31 39.27 34.53 -16.04
CA UNK B 31 39.69 33.28 -15.40
C UNK B 31 41.12 32.88 -15.70
N UNK B 32 41.92 33.71 -16.36
CA UNK B 32 43.29 33.35 -16.73
C UNK B 32 44.17 33.41 -15.49
N UNK B 33 44.03 32.40 -14.63
CA UNK B 33 44.72 32.37 -13.34
C UNK B 33 46.17 31.94 -13.53
N TRP B 34 47.05 32.37 -12.61
CA TRP B 34 48.46 32.00 -12.64
C TRP B 34 48.90 31.27 -11.39
N UNK B 35 49.88 30.38 -11.55
CA UNK B 35 50.45 29.63 -10.43
C UNK B 35 51.93 29.39 -10.67
N UNK B 36 52.67 29.23 -9.56
CA UNK B 36 54.11 28.99 -9.57
C UNK B 36 54.38 27.53 -9.24
N UNK B 37 54.68 26.74 -10.26
CA UNK B 37 54.89 25.30 -10.13
C UNK B 37 56.36 25.05 -9.74
N UNK B 38 56.64 25.32 -8.46
CA UNK B 38 58.01 25.18 -7.95
C UNK B 38 58.43 23.72 -8.00
N UNK B 39 59.73 23.51 -8.17
CA UNK B 39 60.26 22.14 -8.21
C UNK B 39 60.00 21.40 -6.89
N UNK B 40 59.66 20.12 -7.03
CA UNK B 40 59.44 19.21 -5.89
C UNK B 40 58.41 19.76 -4.91
N UNK B 41 57.36 20.38 -5.42
CA UNK B 41 56.31 20.91 -4.57
C UNK B 41 55.04 21.04 -5.39
N UNK B 42 53.90 21.03 -4.70
CA UNK B 42 52.66 21.35 -5.39
C UNK B 42 52.73 22.82 -5.76
N UNK B 43 52.13 23.18 -6.90
CA UNK B 43 52.24 24.57 -7.33
C UNK B 43 51.53 25.52 -6.36
N UNK B 44 52.16 26.66 -6.12
CA UNK B 44 51.56 27.72 -5.33
C UNK B 44 50.69 28.57 -6.23
N UNK B 45 49.60 29.10 -5.70
CA UNK B 45 48.85 30.05 -6.52
C UNK B 45 49.67 31.32 -6.61
N UNK B 46 49.67 31.92 -7.81
CA UNK B 46 50.36 33.20 -8.03
C UNK B 46 49.39 34.35 -8.15
N UNK B 47 48.29 34.16 -8.89
CA UNK B 47 47.30 35.22 -9.03
C UNK B 47 45.95 34.60 -9.35
N UNK B 48 44.94 35.08 -8.64
CA UNK B 48 43.56 34.65 -8.83
C UNK B 48 42.95 35.45 -9.97
N UNK B 49 41.96 34.86 -10.64
CA UNK B 49 41.28 35.50 -11.77
C UNK B 49 42.34 35.97 -12.76
N UNK B 50 42.14 37.12 -13.44
CA UNK B 50 43.14 37.55 -14.40
C UNK B 50 44.28 38.32 -13.74
N UNK B 51 44.01 39.03 -12.66
CA UNK B 51 45.07 39.82 -12.03
C UNK B 51 44.78 40.14 -10.56
N UNK B 52 44.21 39.19 -9.82
CA UNK B 52 43.96 39.35 -8.39
C UNK B 52 45.06 38.61 -7.65
N UNK B 53 45.93 39.36 -6.97
CA UNK B 53 47.10 38.78 -6.32
C UNK B 53 46.70 37.67 -5.36
N UNK B 54 47.44 36.57 -5.39
CA UNK B 54 47.16 35.46 -4.50
C UNK B 54 47.45 35.87 -3.06
N UNK B 55 46.75 35.24 -2.12
CA UNK B 55 47.01 35.53 -0.71
C UNK B 55 48.48 35.28 -0.39
N UNK B 56 49.08 36.21 0.34
CA UNK B 56 50.49 36.14 0.75
C UNK B 56 51.43 36.15 -0.45
N UNK B 57 50.97 36.60 -1.62
CA UNK B 57 51.85 36.74 -2.77
C UNK B 57 52.87 37.85 -2.55
N UNK B 58 54.03 37.69 -3.16
CA UNK B 58 55.06 38.72 -3.07
C UNK B 58 54.59 40.01 -3.72
N UNK B 59 55.03 41.13 -3.14
CA UNK B 59 54.72 42.44 -3.72
C UNK B 59 55.29 42.59 -5.13
N UNK B 60 56.37 41.87 -5.44
CA UNK B 60 57.02 41.96 -6.73
C UNK B 60 56.37 41.13 -7.83
N UNK B 61 55.33 40.35 -7.53
CA UNK B 61 54.68 39.50 -8.54
C UNK B 61 53.51 40.24 -9.17
N UNK B 62 53.70 40.74 -10.39
CA UNK B 62 52.71 41.50 -11.12
C UNK B 62 51.91 40.54 -12.01
N UNK B 63 50.64 40.88 -12.23
CA UNK B 63 49.77 40.18 -13.14
C UNK B 63 48.98 41.20 -13.94
N UNK B 64 48.71 40.89 -15.21
CA UNK B 64 48.09 41.88 -16.08
C UNK B 64 47.34 41.19 -17.21
N UNK B 65 46.50 41.99 -17.88
CA UNK B 65 45.75 41.62 -19.08
C UNK B 65 44.79 40.49 -18.73
N UNK B 66 44.29 39.77 -19.73
CA UNK B 66 43.25 38.78 -19.46
C UNK B 66 43.08 37.87 -20.66
N UNK B 67 42.30 36.80 -20.44
CA UNK B 67 41.82 35.90 -21.48
C UNK B 67 42.92 35.32 -22.38
N UNK B 68 42.88 35.58 -23.70
CA UNK B 68 43.79 34.97 -24.67
C UNK B 68 45.13 35.67 -24.76
N UNK B 69 45.37 36.71 -23.98
CA UNK B 69 46.65 37.39 -23.99
C UNK B 69 46.97 37.86 -22.57
N UNK B 70 46.89 36.94 -21.61
CA UNK B 70 47.15 37.33 -20.22
C UNK B 70 48.65 37.33 -19.99
N UNK B 71 49.09 38.01 -18.94
CA UNK B 71 50.53 38.04 -18.69
C UNK B 71 50.81 38.15 -17.20
N UNK B 72 52.02 37.77 -16.83
CA UNK B 72 52.51 37.90 -15.47
C UNK B 72 53.99 38.22 -15.54
N UNK B 73 54.50 38.88 -14.50
CA UNK B 73 55.91 39.23 -14.51
C UNK B 73 56.41 39.42 -13.09
N UNK B 74 57.71 39.22 -12.92
CA UNK B 74 58.37 39.55 -11.67
C UNK B 74 58.86 40.99 -11.78
N UNK B 75 58.73 41.77 -10.70
CA UNK B 75 59.35 43.09 -10.73
C UNK B 75 60.86 42.96 -10.85
N UNK B 76 61.42 41.97 -10.16
CA UNK B 76 62.84 41.65 -10.22
C UNK B 76 62.97 40.23 -9.68
N UNK B 77 63.46 39.31 -10.51
CA UNK B 77 63.59 37.90 -10.11
C UNK B 77 64.85 37.73 -9.28
N UNK B 78 64.82 38.31 -8.07
CA UNK B 78 66.00 38.32 -7.21
C UNK B 78 66.38 36.93 -6.74
N UNK B 79 65.40 36.06 -6.46
CA UNK B 79 65.72 34.74 -5.94
C UNK B 79 64.56 33.78 -6.12
N UNK B 80 64.90 32.49 -6.12
CA UNK B 80 63.95 31.39 -6.11
C UNK B 80 62.92 31.49 -7.23
N UNK B 81 63.38 31.88 -8.41
CA UNK B 81 62.51 32.02 -9.58
C UNK B 81 62.42 30.74 -10.40
N UNK B 82 63.14 29.68 -10.03
CA UNK B 82 63.19 28.46 -10.85
C UNK B 82 61.94 27.63 -10.58
N UNK B 83 60.82 28.13 -11.07
CA UNK B 83 59.51 27.50 -10.94
C UNK B 83 58.78 27.68 -12.25
N UNK B 84 58.10 26.64 -12.72
CA UNK B 84 57.40 26.80 -13.99
C UNK B 84 56.24 27.78 -13.83
N UNK B 85 56.09 28.68 -14.80
CA UNK B 85 55.05 29.71 -14.79
C UNK B 85 53.75 29.16 -15.36
N UNK B 86 53.08 28.34 -14.56
CA UNK B 86 51.82 27.74 -15.00
C UNK B 86 50.69 28.75 -14.99
N CYS B 87 49.69 28.51 -15.85
CA CYS B 87 48.49 29.33 -15.88
C CYS B 87 47.34 28.43 -16.30
N UNK B 88 46.11 28.91 -16.13
CA UNK B 88 44.96 28.11 -16.50
C UNK B 88 43.75 28.94 -16.90
N UNK B 89 42.98 28.35 -17.82
CA UNK B 89 41.71 28.87 -18.32
C UNK B 89 40.56 28.29 -17.48
N UNK B 90 40.42 28.80 -16.26
CA UNK B 90 39.46 28.26 -15.29
C UNK B 90 38.06 28.82 -15.55
N UNK B 91 37.51 28.47 -16.71
CA UNK B 91 36.22 29.01 -17.13
C UNK B 91 35.37 27.96 -17.84
N UNK B 92 34.93 28.19 -19.08
CA UNK B 92 34.14 27.18 -19.75
C UNK B 92 34.98 25.96 -20.12
N UNK B 93 36.25 26.18 -20.47
CA UNK B 93 37.11 25.09 -20.93
C UNK B 93 37.71 24.34 -19.76
N UNK B 94 36.82 23.68 -18.99
CA UNK B 94 37.20 22.92 -17.80
C UNK B 94 38.17 23.74 -16.94
N UNK B 95 39.38 23.25 -16.70
CA UNK B 95 40.41 23.99 -15.97
C UNK B 95 41.76 23.68 -16.61
N UNK B 96 41.80 23.83 -17.94
CA UNK B 96 42.99 23.51 -18.73
C UNK B 96 44.18 24.35 -18.29
N PHE B 97 45.33 23.71 -18.18
CA PHE B 97 46.58 24.35 -17.80
C PHE B 97 47.50 24.48 -19.01
N UNK B 98 48.30 25.53 -18.99
CA UNK B 98 49.32 25.73 -20.00
C UNK B 98 50.56 24.89 -19.73
N UNK B 99 51.36 24.71 -20.78
CA UNK B 99 52.63 23.99 -20.64
C UNK B 99 53.54 24.62 -19.60
N UNK B 100 53.41 25.94 -19.39
CA UNK B 100 54.18 26.76 -18.44
C UNK B 100 55.56 27.11 -18.97
N UNK B 101 55.98 28.36 -18.73
CA UNK B 101 57.30 28.81 -19.14
C UNK B 101 58.35 28.35 -18.12
N UNK B 102 59.53 28.04 -18.64
CA UNK B 102 60.66 27.62 -17.79
C UNK B 102 61.37 28.85 -17.21
N UNK B 103 60.70 29.47 -16.24
CA UNK B 103 61.27 30.64 -15.58
C UNK B 103 62.45 30.21 -14.72
N UNK B 104 63.43 31.10 -14.60
CA UNK B 104 64.57 30.84 -13.75
C UNK B 104 65.24 32.16 -13.37
N UNK B 105 66.00 32.11 -12.28
CA UNK B 105 66.82 33.18 -11.67
C UNK B 105 66.90 32.94 -10.17
N TRP C 41 -19.42 27.06 -35.36
CA TRP C 41 -18.18 26.56 -34.77
C TRP C 41 -18.42 25.94 -33.40
N VAL C 42 -17.79 24.79 -33.20
CA VAL C 42 -17.90 24.00 -31.98
C VAL C 42 -16.82 24.44 -30.99
N THR C 43 -17.22 24.83 -29.79
CA THR C 43 -16.30 25.20 -28.72
C THR C 43 -16.49 24.27 -27.52
N VAL C 44 -15.37 23.75 -27.04
CA VAL C 44 -15.33 22.85 -25.89
C VAL C 44 -15.09 23.69 -24.64
N TYR C 45 -15.90 23.49 -23.61
CA TYR C 45 -15.80 24.19 -22.34
C TYR C 45 -15.57 23.17 -21.23
N TYR C 46 -14.62 23.47 -20.34
CA TYR C 46 -14.29 22.60 -19.23
C TYR C 46 -14.47 23.38 -17.93
N GLY C 47 -15.23 22.80 -17.02
CA GLY C 47 -15.58 23.38 -15.76
C GLY C 47 -17.03 23.81 -15.75
N VAL C 48 -17.86 23.21 -16.61
CA VAL C 48 -19.28 23.55 -16.75
C VAL C 48 -20.05 23.11 -15.51
N PRO C 49 -20.86 23.99 -14.87
CA PRO C 49 -21.60 23.62 -13.65
C PRO C 49 -22.84 22.77 -13.93
N VAL C 50 -22.64 21.56 -14.48
CA VAL C 50 -23.73 20.63 -14.75
C VAL C 50 -23.40 19.27 -14.16
N TRP C 51 -24.46 18.48 -14.00
CA TRP C 51 -24.33 17.18 -13.37
C TRP C 51 -25.48 16.27 -13.80
N LYS C 52 -25.31 15.00 -13.48
CA LYS C 52 -26.33 13.97 -13.65
C LYS C 52 -26.48 13.26 -12.32
N GLU C 53 -27.67 12.74 -12.03
CA GLU C 53 -27.78 11.94 -10.83
C GLU C 53 -26.95 10.68 -11.01
N ALA C 54 -26.19 10.31 -9.99
CA ALA C 54 -25.33 9.13 -10.07
C ALA C 54 -25.15 8.54 -8.70
N THR C 55 -24.80 7.26 -8.67
CA THR C 55 -24.51 6.53 -7.44
C THR C 55 -23.01 6.26 -7.42
N THR C 56 -22.34 6.73 -6.38
CA THR C 56 -20.92 6.51 -6.17
C THR C 56 -20.70 6.16 -4.71
N THR C 57 -19.48 5.74 -4.39
CA THR C 57 -19.16 5.42 -3.00
C THR C 57 -18.90 6.71 -2.25
N LEU C 58 -19.59 6.88 -1.12
CA LEU C 58 -19.41 8.01 -0.23
C LEU C 58 -18.51 7.63 0.94
N PHE C 59 -17.76 8.60 1.45
CA PHE C 59 -16.90 8.40 2.61
C PHE C 59 -17.54 9.14 3.78
N CYS C 60 -16.92 9.07 4.96
CA CYS C 60 -17.56 9.58 6.17
C CYS C 60 -16.62 10.41 7.02
N ALA C 61 -17.16 11.54 7.51
CA ALA C 61 -16.47 12.46 8.38
C ALA C 61 -17.19 12.49 9.73
N SER C 62 -16.44 12.76 10.80
CA SER C 62 -17.03 12.93 12.12
C SER C 62 -16.15 13.83 12.96
N ASP C 63 -16.76 14.47 13.95
CA ASP C 63 -16.03 15.34 14.88
C ASP C 63 -14.97 14.56 15.64
N ASN C 73 -15.67 4.20 20.64
CA ASN C 73 -16.83 4.36 19.78
C ASN C 73 -16.59 3.70 18.41
N VAL C 74 -17.63 3.06 17.87
CA VAL C 74 -17.48 2.41 16.56
C VAL C 74 -17.45 3.44 15.43
N TRP C 75 -18.14 4.57 15.58
CA TRP C 75 -18.12 5.56 14.52
C TRP C 75 -16.82 6.35 14.58
N ALA C 76 -16.29 6.57 15.78
CA ALA C 76 -14.97 7.20 15.89
C ALA C 76 -13.96 6.22 15.32
N THR C 77 -12.94 6.75 14.66
CA THR C 77 -11.87 5.97 14.02
C THR C 77 -12.34 5.29 12.72
N HIS C 78 -13.63 5.39 12.40
CA HIS C 78 -14.18 4.98 11.12
C HIS C 78 -14.42 6.18 10.24
N CYS C 79 -15.19 7.15 10.76
CA CYS C 79 -15.46 8.41 10.08
C CYS C 79 -14.31 9.36 10.40
N CYS C 80 -13.14 9.01 9.85
CA CYS C 80 -11.86 9.64 10.18
C CYS C 80 -11.69 11.04 9.60
N VAL C 81 -12.49 11.43 8.62
CA VAL C 81 -12.29 12.74 7.99
C VAL C 81 -12.84 13.83 8.92
N PRO C 82 -12.10 14.93 9.14
CA PRO C 82 -12.67 16.04 9.92
C PRO C 82 -13.89 16.64 9.23
N THR C 83 -14.81 17.16 10.04
CA THR C 83 -16.02 17.75 9.50
C THR C 83 -15.76 19.20 9.07
N ASP C 84 -16.73 19.74 8.33
CA ASP C 84 -16.65 21.10 7.84
C ASP C 84 -16.53 22.09 9.00
N PRO C 85 -15.73 23.17 8.85
CA PRO C 85 -15.65 24.21 9.91
C PRO C 85 -16.89 25.09 9.84
N SER C 86 -18.02 24.49 10.21
CA SER C 86 -19.40 24.94 10.07
C SER C 86 -19.80 24.62 8.63
N PRO C 87 -21.08 24.36 8.34
CA PRO C 87 -21.45 23.87 7.00
C PRO C 87 -21.00 24.79 5.87
N GLN C 88 -20.43 24.17 4.84
CA GLN C 88 -19.98 24.86 3.63
C GLN C 88 -21.06 24.61 2.59
N GLU C 89 -21.94 25.58 2.38
CA GLU C 89 -23.11 25.39 1.53
C GLU C 89 -23.26 26.53 0.55
N VAL C 90 -23.52 26.20 -0.70
CA VAL C 90 -23.76 27.16 -1.77
C VAL C 90 -25.23 27.05 -2.16
N VAL C 91 -25.99 28.13 -2.02
CA VAL C 91 -27.39 28.07 -2.40
C VAL C 91 -27.46 28.26 -3.90
N LEU C 92 -28.21 27.38 -4.59
CA LEU C 92 -28.35 27.42 -6.03
C LEU C 92 -29.67 28.11 -6.35
N GLU C 93 -29.60 29.31 -6.90
CA GLU C 93 -30.80 30.07 -7.20
C GLU C 93 -31.28 29.73 -8.61
N ASN C 94 -32.59 29.84 -8.82
CA ASN C 94 -33.21 29.62 -10.13
C ASN C 94 -32.91 28.23 -10.69
N VAL C 95 -32.90 27.20 -9.83
CA VAL C 95 -32.73 25.83 -10.27
C VAL C 95 -33.86 24.97 -9.73
N THR C 96 -34.11 23.87 -10.43
CA THR C 96 -35.06 22.84 -10.02
C THR C 96 -34.35 21.49 -10.10
N GLU C 97 -34.47 20.68 -9.05
CA GLU C 97 -33.79 19.38 -9.01
C GLU C 97 -34.78 18.30 -8.62
N ASN C 98 -34.77 17.19 -9.35
CA ASN C 98 -35.68 16.08 -9.07
C ASN C 98 -35.11 15.16 -7.99
N PHE C 99 -35.82 15.04 -6.88
CA PHE C 99 -35.41 14.21 -5.75
C PHE C 99 -36.29 12.98 -5.68
N ASN C 100 -35.76 11.89 -5.12
CA ASN C 100 -36.57 10.70 -4.87
C ASN C 100 -36.00 9.98 -3.65
N MET C 101 -36.59 10.24 -2.47
CA MET C 101 -36.09 9.65 -1.24
C MET C 101 -36.28 8.14 -1.17
N TRP C 102 -37.17 7.59 -1.99
CA TRP C 102 -37.52 6.17 -1.93
C TRP C 102 -36.64 5.29 -2.79
N LYS C 103 -35.78 5.88 -3.62
CA LYS C 103 -34.86 5.15 -4.48
C LYS C 103 -33.46 5.74 -4.34
N ASN C 104 -33.19 6.36 -3.19
CA ASN C 104 -31.96 7.06 -2.91
C ASN C 104 -30.91 6.05 -2.45
N ASN C 105 -29.85 5.88 -3.25
CA ASN C 105 -28.85 4.88 -2.92
C ASN C 105 -27.97 5.31 -1.76
N MET C 106 -28.15 6.51 -1.23
CA MET C 106 -27.42 6.90 -0.04
C MET C 106 -27.92 6.11 1.15
N VAL C 107 -29.20 5.74 1.14
CA VAL C 107 -29.78 4.98 2.23
C VAL C 107 -29.25 3.55 2.17
N GLU C 108 -29.20 2.99 0.96
CA GLU C 108 -28.68 1.64 0.78
C GLU C 108 -27.20 1.57 1.17
N GLN C 109 -26.43 2.60 0.81
CA GLN C 109 -25.03 2.61 1.22
C GLN C 109 -24.93 2.76 2.73
N MET C 110 -25.80 3.57 3.34
CA MET C 110 -25.74 3.71 4.80
C MET C 110 -26.05 2.38 5.46
N HIS C 111 -27.00 1.63 4.89
CA HIS C 111 -27.36 0.31 5.40
C HIS C 111 -26.16 -0.63 5.35
N GLU C 112 -25.50 -0.68 4.19
CA GLU C 112 -24.36 -1.59 4.04
C GLU C 112 -23.20 -1.14 4.92
N ASP C 113 -22.99 0.17 5.05
CA ASP C 113 -21.88 0.67 5.85
C ASP C 113 -22.10 0.38 7.33
N ILE C 114 -23.35 0.49 7.79
CA ILE C 114 -23.65 0.19 9.18
C ILE C 114 -23.46 -1.29 9.45
N ILE C 115 -23.95 -2.15 8.54
CA ILE C 115 -23.79 -3.59 8.76
C ILE C 115 -22.30 -3.95 8.78
N SER C 116 -21.54 -3.41 7.82
CA SER C 116 -20.11 -3.71 7.77
C SER C 116 -19.40 -3.24 9.03
N LEU C 117 -19.74 -2.03 9.50
CA LEU C 117 -19.11 -1.51 10.72
C LEU C 117 -19.43 -2.38 11.92
N TRP C 118 -20.70 -2.79 12.06
CA TRP C 118 -21.05 -3.65 13.19
C TRP C 118 -20.36 -4.99 13.09
N ASP C 119 -20.26 -5.55 11.88
CA ASP C 119 -19.61 -6.84 11.71
C ASP C 119 -18.13 -6.77 12.06
N GLN C 120 -17.46 -5.70 11.63
CA GLN C 120 -16.04 -5.55 11.92
C GLN C 120 -15.81 -5.29 13.41
N SER C 121 -16.69 -4.49 14.03
CA SER C 121 -16.50 -4.10 15.42
C SER C 121 -16.56 -5.27 16.37
N LEU C 122 -17.34 -6.30 16.07
CA LEU C 122 -17.47 -7.45 16.95
C LEU C 122 -16.45 -8.56 16.71
N LYS C 123 -15.57 -8.44 15.70
CA LYS C 123 -14.63 -9.53 15.47
C LYS C 123 -13.61 -9.66 16.59
N PRO C 124 -12.88 -8.59 17.00
CA PRO C 124 -11.87 -8.76 18.06
C PRO C 124 -12.48 -8.74 19.46
N CYS C 125 -13.39 -9.68 19.72
CA CYS C 125 -14.14 -9.73 20.97
C CYS C 125 -14.32 -11.18 21.36
N VAL C 126 -14.87 -11.40 22.56
CA VAL C 126 -15.01 -12.73 23.13
C VAL C 126 -16.18 -13.46 22.50
N LYS C 127 -15.93 -14.67 22.01
CA LYS C 127 -16.97 -15.53 21.43
C LYS C 127 -17.48 -16.45 22.53
N LEU C 128 -18.77 -16.34 22.84
CA LEU C 128 -19.35 -17.03 23.99
C LEU C 128 -19.80 -18.46 23.66
N THR C 129 -18.84 -19.28 23.24
CA THR C 129 -19.13 -20.67 22.92
C THR C 129 -18.95 -21.59 24.15
N PRO C 130 -18.04 -21.30 25.10
CA PRO C 130 -17.97 -22.15 26.31
C PRO C 130 -19.23 -22.11 27.17
N LEU C 131 -20.09 -21.12 26.99
CA LEU C 131 -21.32 -20.96 27.76
C LEU C 131 -22.52 -21.72 27.23
N CYS C 132 -22.41 -22.43 26.11
CA CYS C 132 -23.57 -23.16 25.60
C CYS C 132 -23.59 -24.52 26.29
N VAL C 133 -23.94 -24.46 27.59
CA VAL C 133 -23.99 -25.59 28.49
C VAL C 133 -25.32 -25.54 29.23
N THR C 134 -25.67 -26.65 29.87
CA THR C 134 -26.88 -26.68 30.69
C THR C 134 -26.74 -25.70 31.85
N LEU C 135 -27.76 -24.87 32.04
CA LEU C 135 -27.82 -23.90 33.12
C LEU C 135 -28.79 -24.38 34.18
N ASN C 136 -28.46 -24.10 35.44
CA ASN C 136 -29.35 -24.33 36.58
C ASN C 136 -29.83 -22.96 37.06
N CYS C 137 -31.04 -22.57 36.67
CA CYS C 137 -31.54 -21.21 36.86
C CYS C 137 -32.63 -21.18 37.92
N THR C 138 -32.48 -20.27 38.88
CA THR C 138 -33.46 -20.06 39.94
C THR C 138 -33.99 -18.63 39.87
N ASP C 139 -35.31 -18.49 39.98
CA ASP C 139 -35.95 -17.18 39.87
C ASP C 139 -35.49 -16.25 40.97
N LEU C 140 -35.24 -14.99 40.60
CA LEU C 140 -34.90 -13.95 41.57
C LEU C 140 -36.18 -13.37 42.17
N GLY C 166 -40.49 -14.19 37.70
CA GLY C 166 -39.37 -14.93 37.17
C GLY C 166 -38.85 -14.34 35.87
N GLU C 167 -38.83 -13.01 35.79
CA GLU C 167 -38.33 -12.35 34.59
C GLU C 167 -36.82 -12.46 34.48
N ILE C 168 -36.12 -12.39 35.60
CA ILE C 168 -34.66 -12.44 35.64
C ILE C 168 -34.29 -13.62 36.53
N LYS C 169 -33.40 -14.48 36.04
CA LYS C 169 -33.00 -15.67 36.77
C LYS C 169 -31.51 -15.65 37.07
N ASN C 170 -31.17 -16.30 38.19
CA ASN C 170 -29.80 -16.55 38.62
C ASN C 170 -29.40 -17.93 38.13
N CYS C 171 -28.56 -17.99 37.11
CA CYS C 171 -28.19 -19.24 36.45
C CYS C 171 -26.78 -19.63 36.84
N SER C 172 -26.61 -20.88 37.26
CA SER C 172 -25.32 -21.44 37.63
C SER C 172 -24.92 -22.49 36.61
N PHE C 173 -23.63 -22.60 36.37
CA PHE C 173 -23.15 -23.56 35.37
C PHE C 173 -21.70 -23.95 35.64
N ASN C 174 -21.33 -25.13 35.13
CA ASN C 174 -19.97 -25.67 35.23
C ASN C 174 -19.25 -25.34 33.93
N ILE C 175 -18.33 -24.38 33.99
CA ILE C 175 -17.62 -23.87 32.81
C ILE C 175 -16.12 -24.05 32.97
N THR C 176 -15.49 -24.54 31.91
CA THR C 176 -14.04 -24.67 31.90
C THR C 176 -13.47 -23.27 31.73
N THR C 177 -12.50 -22.92 32.57
CA THR C 177 -11.92 -21.59 32.55
C THR C 177 -10.68 -21.59 31.65
N SER C 178 -9.88 -20.52 31.75
CA SER C 178 -8.71 -20.38 30.87
C SER C 178 -7.71 -21.52 31.05
N VAL C 179 -7.64 -22.08 32.26
CA VAL C 179 -6.78 -23.24 32.49
C VAL C 179 -7.52 -24.48 32.00
N ARG C 180 -6.88 -25.25 31.13
CA ARG C 180 -7.55 -26.37 30.50
C ARG C 180 -7.86 -27.51 31.48
N ASP C 181 -7.12 -27.62 32.58
CA ASP C 181 -7.34 -28.68 33.56
C ASP C 181 -8.40 -28.37 34.62
N LYS C 182 -8.95 -27.15 34.66
CA LYS C 182 -9.84 -26.75 35.75
C LYS C 182 -11.16 -26.24 35.24
N MET C 183 -12.23 -26.63 35.93
CA MET C 183 -13.59 -26.17 35.68
C MET C 183 -14.11 -25.52 36.96
N GLN C 184 -14.81 -24.40 36.80
CA GLN C 184 -15.41 -23.68 37.93
C GLN C 184 -16.91 -23.66 37.80
N LYS C 185 -17.58 -23.56 38.95
CA LYS C 185 -19.03 -23.36 38.98
C LYS C 185 -19.25 -21.86 39.09
N GLU C 186 -19.76 -21.25 38.02
CA GLU C 186 -19.94 -19.82 37.92
C GLU C 186 -21.43 -19.50 37.99
N TYR C 187 -21.72 -18.26 38.36
CA TYR C 187 -23.08 -17.74 38.44
C TYR C 187 -23.20 -16.50 37.57
N ALA C 188 -24.34 -16.36 36.91
CA ALA C 188 -24.60 -15.23 36.04
C ALA C 188 -26.09 -14.90 36.09
N THR C 189 -26.42 -13.67 35.73
CA THR C 189 -27.80 -13.20 35.72
C THR C 189 -28.27 -13.12 34.27
N PHE C 190 -29.37 -13.79 33.96
CA PHE C 190 -29.94 -13.78 32.61
C PHE C 190 -31.41 -13.38 32.64
N TYR C 191 -31.84 -12.73 31.58
CA TYR C 191 -33.24 -12.36 31.43
C TYR C 191 -34.01 -13.53 30.84
N LYS C 192 -35.30 -13.61 31.21
CA LYS C 192 -36.17 -14.69 30.71
C LYS C 192 -36.11 -14.80 29.18
N LEU C 193 -36.00 -13.67 28.49
CA LEU C 193 -35.99 -13.67 27.03
C LEU C 193 -34.74 -14.33 26.45
N ASP C 194 -33.69 -14.49 27.25
CA ASP C 194 -32.42 -15.08 26.83
C ASP C 194 -32.24 -16.51 27.31
N ILE C 195 -33.25 -17.10 27.93
CA ILE C 195 -33.16 -18.41 28.55
C ILE C 195 -34.18 -19.32 27.85
N VAL C 196 -33.72 -20.46 27.35
CA VAL C 196 -34.58 -21.44 26.68
C VAL C 196 -34.77 -22.65 27.60
N PRO C 197 -36.00 -23.00 28.00
CA PRO C 197 -36.19 -24.25 28.77
C PRO C 197 -35.76 -25.44 27.93
N ILE C 198 -35.01 -26.37 28.53
CA ILE C 198 -34.55 -27.57 27.84
C ILE C 198 -35.01 -28.86 28.50
N ASP C 199 -35.65 -28.82 29.67
CA ASP C 199 -36.09 -30.06 30.31
C ASP C 199 -37.40 -29.77 31.05
N ASN C 200 -37.96 -30.80 31.67
CA ASN C 200 -39.25 -30.69 32.36
C ASN C 200 -39.11 -30.51 33.86
N ASP C 201 -37.91 -30.26 34.37
CA ASP C 201 -37.69 -30.07 35.80
C ASP C 201 -37.81 -28.62 36.22
N ASN C 202 -38.08 -27.71 35.28
CA ASN C 202 -38.25 -26.27 35.49
C ASN C 202 -36.99 -25.60 36.02
N ASN C 203 -35.85 -26.30 36.02
CA ASN C 203 -34.57 -25.78 36.48
C ASN C 203 -33.48 -25.83 35.44
N SER C 204 -33.58 -26.72 34.45
CA SER C 204 -32.55 -26.89 33.43
C SER C 204 -32.90 -25.99 32.25
N TYR C 205 -31.99 -25.07 31.94
CA TYR C 205 -32.17 -24.10 30.87
C TYR C 205 -30.88 -24.00 30.06
N ARG C 206 -30.99 -23.46 28.85
CA ARG C 206 -29.84 -23.24 27.99
C ARG C 206 -29.87 -21.83 27.39
N LEU C 207 -28.68 -21.33 27.07
CA LEU C 207 -28.57 -20.01 26.46
C LEU C 207 -29.24 -19.97 25.10
N ILE C 208 -30.08 -18.96 24.89
CA ILE C 208 -30.89 -18.86 23.67
C ILE C 208 -30.06 -18.80 22.40
N ASN C 209 -30.49 -19.58 21.40
CA ASN C 209 -29.90 -19.71 20.07
C ASN C 209 -28.47 -20.22 20.06
N CYS C 210 -27.93 -20.73 21.18
CA CYS C 210 -26.55 -21.22 21.11
C CYS C 210 -26.48 -22.55 20.38
N ASN C 211 -27.64 -23.21 20.20
CA ASN C 211 -27.73 -24.48 19.48
C ASN C 211 -27.17 -24.37 18.08
N THR C 212 -27.48 -23.28 17.37
CA THR C 212 -27.18 -23.12 15.96
C THR C 212 -26.34 -21.90 15.60
N SER C 213 -26.05 -21.00 16.53
CA SER C 213 -25.36 -19.76 16.21
C SER C 213 -24.21 -19.52 17.18
N VAL C 214 -23.28 -18.68 16.75
CA VAL C 214 -22.15 -18.25 17.55
C VAL C 214 -22.50 -16.91 18.16
N ILE C 215 -22.49 -16.87 19.50
CA ILE C 215 -22.82 -15.66 20.25
C ILE C 215 -21.51 -14.97 20.58
N THR C 216 -21.34 -13.76 20.06
CA THR C 216 -20.11 -12.99 20.26
C THR C 216 -20.42 -11.88 21.25
N GLN C 217 -19.60 -11.76 22.28
CA GLN C 217 -19.80 -10.73 23.28
C GLN C 217 -19.31 -9.40 22.71
N ALA C 218 -20.09 -8.35 22.86
CA ALA C 218 -19.62 -7.04 22.45
C ALA C 218 -18.48 -6.65 23.37
N CYS C 219 -17.45 -6.03 22.82
CA CYS C 219 -16.35 -5.58 23.65
C CYS C 219 -16.82 -4.47 24.60
N PRO C 220 -16.59 -4.58 25.92
CA PRO C 220 -17.10 -3.54 26.83
C PRO C 220 -16.46 -2.19 26.64
N LYS C 221 -15.31 -2.12 25.98
CA LYS C 221 -14.58 -0.88 25.74
C LYS C 221 -14.99 -0.18 24.45
N VAL C 222 -15.87 -0.78 23.65
CA VAL C 222 -16.28 -0.23 22.37
C VAL C 222 -17.73 0.22 22.54
N SER C 223 -17.96 1.50 22.29
CA SER C 223 -19.29 2.10 22.37
C SER C 223 -20.02 2.03 21.04
N PHE C 224 -21.29 1.63 21.09
CA PHE C 224 -22.15 1.56 19.91
C PHE C 224 -23.17 2.69 19.92
N GLU C 225 -22.96 3.71 20.76
CA GLU C 225 -23.87 4.85 20.83
C GLU C 225 -23.93 5.55 19.48
N PRO C 226 -25.12 5.84 18.94
CA PRO C 226 -25.17 6.61 17.69
C PRO C 226 -24.73 8.04 17.94
N ILE C 227 -23.87 8.54 17.05
CA ILE C 227 -23.38 9.92 17.13
C ILE C 227 -23.62 10.56 15.77
N PRO C 228 -23.62 11.89 15.69
CA PRO C 228 -23.76 12.52 14.37
C PRO C 228 -22.55 12.20 13.50
N ILE C 229 -22.83 11.80 12.26
CA ILE C 229 -21.82 11.53 11.25
C ILE C 229 -22.22 12.30 10.01
N HIS C 230 -21.24 12.54 9.13
CA HIS C 230 -21.49 13.26 7.89
C HIS C 230 -21.01 12.45 6.71
N TYR C 231 -21.91 12.16 5.77
CA TYR C 231 -21.53 11.43 4.57
C TYR C 231 -21.08 12.42 3.52
N CYS C 232 -19.92 12.18 2.93
CA CYS C 232 -19.24 13.12 2.06
C CYS C 232 -18.99 12.47 0.70
N ALA C 233 -19.16 13.27 -0.36
CA ALA C 233 -18.94 12.83 -1.73
C ALA C 233 -17.47 13.00 -2.13
N PRO C 234 -16.93 12.13 -2.99
CA PRO C 234 -15.56 12.34 -3.47
C PRO C 234 -15.51 13.49 -4.46
N ALA C 235 -14.30 14.00 -4.68
CA ALA C 235 -14.12 15.08 -5.65
C ALA C 235 -14.64 14.64 -7.01
N GLY C 236 -15.27 15.58 -7.71
CA GLY C 236 -15.92 15.30 -8.97
C GLY C 236 -17.40 15.03 -8.81
N PHE C 237 -17.86 14.86 -7.57
CA PHE C 237 -19.24 14.61 -7.20
C PHE C 237 -19.63 15.65 -6.16
N ALA C 238 -20.92 15.87 -6.01
CA ALA C 238 -21.40 16.81 -5.01
C ALA C 238 -22.73 16.31 -4.46
N ILE C 239 -23.08 16.75 -3.25
CA ILE C 239 -24.35 16.38 -2.64
C ILE C 239 -25.27 17.59 -2.71
N LEU C 240 -26.44 17.40 -3.32
CA LEU C 240 -27.43 18.46 -3.41
C LEU C 240 -28.43 18.23 -2.29
N LYS C 241 -28.88 19.32 -1.69
CA LYS C 241 -29.83 19.29 -0.60
C LYS C 241 -31.07 20.09 -0.98
N CYS C 242 -32.25 19.56 -0.64
CA CYS C 242 -33.52 20.22 -0.88
C CYS C 242 -33.90 21.03 0.36
N ASN C 243 -34.12 22.33 0.19
CA ASN C 243 -34.44 23.22 1.29
C ASN C 243 -35.92 23.58 1.35
N ASN C 244 -36.77 22.81 0.67
CA ASN C 244 -38.22 23.00 0.72
C ASN C 244 -38.74 22.33 1.98
N LYS C 245 -39.15 23.16 2.95
CA LYS C 245 -39.54 22.69 4.28
C LYS C 245 -40.74 21.74 4.26
N THR C 246 -41.56 21.78 3.20
CA THR C 246 -42.77 20.97 3.09
C THR C 246 -42.68 20.00 1.92
N PHE C 247 -41.47 19.65 1.51
CA PHE C 247 -41.27 18.77 0.36
C PHE C 247 -41.90 17.41 0.62
N ASN C 248 -42.56 16.86 -0.40
CA ASN C 248 -43.27 15.59 -0.28
C ASN C 248 -42.35 14.39 -0.33
N GLY C 249 -41.05 14.58 -0.56
CA GLY C 249 -40.08 13.52 -0.61
C GLY C 249 -39.72 13.06 -1.99
N THR C 250 -40.54 13.38 -3.00
CA THR C 250 -40.28 13.03 -4.37
C THR C 250 -40.60 14.23 -5.25
N GLY C 251 -39.99 14.24 -6.44
CA GLY C 251 -40.32 15.21 -7.45
C GLY C 251 -39.46 16.47 -7.44
N PRO C 252 -39.84 17.43 -8.28
CA PRO C 252 -39.06 18.68 -8.40
C PRO C 252 -38.98 19.46 -7.10
N CYS C 253 -37.76 19.89 -6.75
CA CYS C 253 -37.48 20.73 -5.59
C CYS C 253 -36.99 22.07 -6.14
N THR C 254 -37.62 23.15 -5.69
CA THR C 254 -37.36 24.51 -6.16
C THR C 254 -36.40 25.31 -5.28
N ASN C 255 -35.86 24.73 -4.21
CA ASN C 255 -34.87 25.41 -3.37
C ASN C 255 -33.79 24.38 -3.07
N VAL C 256 -32.70 24.44 -3.84
CA VAL C 256 -31.64 23.45 -3.84
C VAL C 256 -30.32 24.12 -3.51
N SER C 257 -29.51 23.44 -2.69
CA SER C 257 -28.19 23.93 -2.31
C SER C 257 -27.17 22.81 -2.50
N THR C 258 -25.91 23.20 -2.64
CA THR C 258 -24.81 22.27 -2.84
C THR C 258 -23.93 22.21 -1.60
N VAL C 259 -23.67 21.00 -1.12
CA VAL C 259 -22.78 20.73 0.00
C VAL C 259 -21.84 19.61 -0.44
N GLN C 260 -20.72 19.48 0.28
CA GLN C 260 -19.83 18.35 0.09
C GLN C 260 -20.12 17.22 1.06
N CYS C 261 -20.78 17.51 2.20
CA CYS C 261 -21.07 16.53 3.23
C CYS C 261 -22.51 16.70 3.72
N THR C 262 -23.10 15.60 4.17
CA THR C 262 -24.43 15.63 4.77
C THR C 262 -24.35 16.16 6.20
N HIS C 263 -25.52 16.41 6.79
CA HIS C 263 -25.62 16.89 8.15
C HIS C 263 -25.23 15.77 9.12
N GLY C 264 -25.22 16.10 10.41
CA GLY C 264 -24.85 15.14 11.42
C GLY C 264 -25.95 14.13 11.67
N ILE C 265 -26.03 13.12 10.81
CA ILE C 265 -27.08 12.11 10.88
C ILE C 265 -26.78 11.17 12.03
N ARG C 266 -27.82 10.80 12.79
CA ARG C 266 -27.67 9.91 13.92
C ARG C 266 -28.05 8.49 13.53
N PRO C 267 -27.11 7.51 13.53
CA PRO C 267 -27.46 6.14 13.12
C PRO C 267 -28.17 5.38 14.24
N VAL C 268 -29.36 5.85 14.58
CA VAL C 268 -30.13 5.30 15.69
C VAL C 268 -30.82 4.03 15.24
N VAL C 269 -30.72 2.99 16.07
CA VAL C 269 -31.38 1.70 15.81
C VAL C 269 -32.67 1.67 16.61
N SER C 270 -33.78 1.63 15.89
CA SER C 270 -35.14 1.63 16.42
C SER C 270 -36.00 0.97 15.36
N THR C 271 -37.26 0.66 15.71
CA THR C 271 -38.15 0.03 14.74
C THR C 271 -39.45 0.79 14.50
N GLN C 272 -39.84 1.71 15.37
CA GLN C 272 -41.10 2.44 15.18
C GLN C 272 -40.98 3.93 15.52
N LEU C 273 -40.23 4.22 16.58
CA LEU C 273 -40.24 5.55 17.20
C LEU C 273 -39.27 6.57 16.63
N LEU C 274 -38.27 6.16 15.85
CA LEU C 274 -37.28 7.08 15.25
C LEU C 274 -36.75 8.09 16.27
N LEU C 275 -36.04 7.59 17.28
CA LEU C 275 -35.48 8.44 18.33
C LEU C 275 -34.24 9.21 17.89
N ASN C 276 -34.08 10.39 18.51
CA ASN C 276 -32.90 11.25 18.36
C ASN C 276 -32.64 11.59 16.88
N GLY C 277 -33.70 11.86 16.14
CA GLY C 277 -33.60 12.29 14.75
C GLY C 277 -33.73 13.79 14.61
N SER C 278 -34.02 14.22 13.38
CA SER C 278 -34.20 15.62 13.07
C SER C 278 -35.67 15.99 13.19
N LEU C 279 -35.94 17.24 13.57
CA LEU C 279 -37.30 17.75 13.62
C LEU C 279 -37.69 18.45 12.33
N ALA C 280 -38.98 18.41 12.02
CA ALA C 280 -39.51 19.09 10.85
C ALA C 280 -39.38 20.59 11.01
N GLU C 281 -39.10 21.30 9.91
CA GLU C 281 -39.04 22.75 9.99
C GLU C 281 -40.42 23.35 10.24
N GLU C 282 -41.47 22.76 9.65
CA GLU C 282 -42.83 23.26 9.81
C GLU C 282 -43.81 22.11 10.07
N GLU C 283 -44.71 22.33 11.03
CA GLU C 283 -45.81 21.44 11.39
C GLU C 283 -45.40 19.96 11.45
N ILE C 284 -46.21 19.04 10.93
CA ILE C 284 -45.85 17.64 10.80
C ILE C 284 -45.96 17.30 9.33
N VAL C 285 -44.90 16.72 8.77
CA VAL C 285 -44.87 16.36 7.35
C VAL C 285 -44.96 14.85 7.27
N ILE C 286 -45.97 14.36 6.56
CA ILE C 286 -46.25 12.94 6.43
C ILE C 286 -45.89 12.56 5.00
N ARG C 287 -44.95 11.63 4.85
CA ARG C 287 -44.47 11.21 3.54
C ARG C 287 -44.62 9.71 3.37
N SER C 288 -44.87 9.30 2.14
CA SER C 288 -44.93 7.90 1.80
C SER C 288 -44.60 7.75 0.32
N GLU C 289 -44.17 6.56 -0.05
CA GLU C 289 -43.93 6.28 -1.45
C GLU C 289 -45.21 6.37 -2.27
N ASN C 290 -46.36 6.04 -1.66
CA ASN C 290 -47.64 6.03 -2.36
C ASN C 290 -48.84 6.61 -1.59
N PHE C 291 -49.07 6.13 -0.37
CA PHE C 291 -50.22 6.38 0.52
C PHE C 291 -51.51 5.68 0.12
N THR C 292 -51.54 4.96 -1.00
CA THR C 292 -52.70 4.15 -1.37
C THR C 292 -52.37 2.68 -1.45
N ASP C 293 -51.10 2.34 -1.71
CA ASP C 293 -50.66 0.96 -1.75
C ASP C 293 -50.63 0.40 -0.33
N ASN C 294 -50.92 -0.89 -0.20
CA ASN C 294 -50.82 -1.55 1.08
C ASN C 294 -49.41 -2.12 1.23
N GLY C 295 -48.95 -2.21 2.48
CA GLY C 295 -47.65 -2.80 2.73
C GLY C 295 -46.48 -1.85 2.62
N LYS C 296 -46.70 -0.54 2.68
CA LYS C 296 -45.64 0.45 2.57
C LYS C 296 -45.58 1.33 3.82
N THR C 297 -44.36 1.76 4.14
CA THR C 297 -44.11 2.60 5.31
C THR C 297 -44.59 4.03 5.09
N ILE C 298 -45.20 4.59 6.12
CA ILE C 298 -45.56 5.99 6.20
C ILE C 298 -44.62 6.61 7.22
N ILE C 299 -43.86 7.62 6.81
CA ILE C 299 -42.90 8.28 7.68
C ILE C 299 -43.48 9.63 8.08
N VAL C 300 -43.70 9.82 9.38
CA VAL C 300 -44.27 11.04 9.94
C VAL C 300 -43.12 11.79 10.60
N GLN C 301 -42.83 13.01 10.15
CA GLN C 301 -41.77 13.82 10.75
C GLN C 301 -42.40 14.96 11.54
N LEU C 302 -42.01 15.08 12.80
CA LEU C 302 -42.56 16.05 13.75
C LEU C 302 -41.68 17.30 13.81
N ASN C 303 -42.30 18.45 14.10
CA ASN C 303 -41.56 19.69 14.34
C ASN C 303 -41.34 19.95 15.83
N GLU C 304 -41.76 19.03 16.68
CA GLU C 304 -41.62 19.12 18.12
C GLU C 304 -41.15 17.77 18.60
N SER C 305 -40.24 17.77 19.57
CA SER C 305 -39.77 16.51 20.12
C SER C 305 -40.61 16.11 21.32
N VAL C 306 -40.74 14.80 21.52
CA VAL C 306 -41.42 14.27 22.71
C VAL C 306 -40.35 13.67 23.60
N GLU C 307 -40.25 14.15 24.83
CA GLU C 307 -39.22 13.68 25.75
C GLU C 307 -39.63 12.36 26.38
N ILE C 308 -38.73 11.39 26.34
CA ILE C 308 -38.93 10.08 26.95
C ILE C 308 -37.74 9.80 27.84
N ASN C 309 -38.00 9.39 29.06
CA ASN C 309 -36.95 8.99 29.99
C ASN C 309 -37.18 7.51 30.30
N CYS C 310 -36.47 6.62 29.63
CA CYS C 310 -36.67 5.19 29.87
C CYS C 310 -35.77 4.80 31.03
N THR C 311 -36.36 4.29 32.09
CA THR C 311 -35.66 4.03 33.32
C THR C 311 -35.63 2.53 33.58
N ARG C 312 -34.43 2.07 33.95
CA ARG C 312 -34.18 0.69 34.35
C ARG C 312 -33.61 0.84 35.76
N PRO C 313 -34.52 0.96 36.77
CA PRO C 313 -34.14 1.32 38.15
C PRO C 313 -33.65 0.10 38.94
N ASN C 314 -32.60 -0.55 38.43
CA ASN C 314 -32.04 -1.73 39.06
C ASN C 314 -30.56 -1.45 39.24
N ASN C 315 -30.14 -1.29 40.49
CA ASN C 315 -28.77 -0.86 40.78
C ASN C 315 -27.87 -2.08 40.69
N ASN C 316 -27.47 -2.37 39.46
CA ASN C 316 -26.69 -3.57 39.18
C ASN C 316 -25.23 -3.36 39.51
N THR C 317 -24.58 -4.42 40.01
CA THR C 317 -23.14 -4.47 40.16
C THR C 317 -22.67 -5.61 39.28
N ARG C 318 -21.88 -5.26 38.28
CA ARG C 318 -21.40 -6.15 37.24
C ARG C 318 -20.12 -6.85 37.64
N LYS C 319 -20.01 -8.12 37.26
CA LYS C 319 -18.81 -8.91 37.50
C LYS C 319 -18.46 -9.61 36.19
N SER C 320 -17.20 -10.00 36.06
CA SER C 320 -16.71 -10.72 34.90
C SER C 320 -16.42 -12.17 35.26
N ILE C 321 -16.64 -13.05 34.29
CA ILE C 321 -16.32 -14.46 34.39
C ILE C 321 -15.25 -14.71 33.33
N HIS C 322 -14.10 -15.24 33.75
CA HIS C 322 -13.00 -15.49 32.85
C HIS C 322 -13.15 -16.88 32.27
N ILE C 323 -13.35 -16.94 30.94
CA ILE C 323 -13.61 -18.20 30.25
C ILE C 323 -12.49 -18.60 29.31
N GLY C 324 -11.56 -17.70 29.00
CA GLY C 324 -10.44 -18.01 28.16
C GLY C 324 -9.20 -17.21 28.53
N PRO C 325 -8.15 -17.34 27.74
CA PRO C 325 -6.87 -16.70 28.09
C PRO C 325 -6.95 -15.19 27.93
N GLY C 326 -7.54 -14.55 28.92
CA GLY C 326 -7.78 -13.12 28.94
C GLY C 326 -9.08 -12.72 28.30
N ARG C 327 -9.95 -13.69 28.02
CA ARG C 327 -11.25 -13.52 27.39
C ARG C 327 -12.28 -13.77 28.47
N ALA C 328 -13.07 -12.75 28.82
CA ALA C 328 -14.02 -12.87 29.91
C ALA C 328 -15.42 -12.49 29.47
N PHE C 329 -16.38 -13.16 30.11
CA PHE C 329 -17.80 -12.91 29.96
C PHE C 329 -18.27 -11.95 31.03
N TYR C 330 -19.01 -10.91 30.63
CA TYR C 330 -19.51 -9.89 31.54
C TYR C 330 -20.99 -10.08 31.78
N THR C 331 -21.37 -10.18 33.05
CA THR C 331 -22.75 -10.39 33.47
C THR C 331 -22.99 -9.59 34.74
N THR C 332 -24.26 -9.41 35.07
CA THR C 332 -24.57 -8.74 36.33
C THR C 332 -24.32 -9.71 37.47
N GLY C 333 -23.49 -9.28 38.43
CA GLY C 333 -23.19 -10.15 39.55
C GLY C 333 -24.22 -10.07 40.65
N GLN C 334 -24.80 -8.89 40.85
CA GLN C 334 -25.81 -8.74 41.89
C GLN C 334 -26.66 -7.53 41.57
N ILE C 335 -27.93 -7.58 41.96
CA ILE C 335 -28.83 -6.44 41.88
C ILE C 335 -29.03 -5.93 43.30
N ILE C 336 -28.71 -4.67 43.54
CA ILE C 336 -28.80 -4.06 44.86
C ILE C 336 -30.16 -3.40 44.97
N GLY C 337 -30.88 -3.68 46.06
CA GLY C 337 -32.19 -3.13 46.24
C GLY C 337 -33.26 -4.02 45.62
N ASN C 338 -34.36 -3.41 45.20
CA ASN C 338 -35.50 -4.16 44.69
C ASN C 338 -35.34 -4.35 43.18
N ILE C 339 -35.99 -5.38 42.67
CA ILE C 339 -36.04 -5.67 41.24
C ILE C 339 -37.37 -5.18 40.70
N ARG C 340 -37.32 -4.25 39.75
CA ARG C 340 -38.50 -3.63 39.18
C ARG C 340 -38.39 -3.60 37.66
N GLN C 341 -39.54 -3.73 37.01
CA GLN C 341 -39.60 -3.72 35.56
C GLN C 341 -39.24 -2.33 35.03
N ALA C 342 -38.43 -2.31 33.97
CA ALA C 342 -38.06 -1.06 33.33
C ALA C 342 -39.29 -0.45 32.67
N HIS C 343 -39.41 0.88 32.73
CA HIS C 343 -40.52 1.57 32.09
C HIS C 343 -40.02 2.86 31.44
N CYS C 344 -40.66 3.22 30.33
CA CYS C 344 -40.39 4.50 29.68
C CYS C 344 -41.43 5.52 30.13
N ASN C 345 -40.95 6.61 30.73
CA ASN C 345 -41.80 7.68 31.21
C ASN C 345 -41.90 8.71 30.10
N ILE C 346 -43.05 8.69 29.43
CA ILE C 346 -43.33 9.46 28.23
C ILE C 346 -44.25 10.60 28.67
N SER C 347 -43.89 11.84 28.36
CA SER C 347 -44.72 12.96 28.80
C SER C 347 -46.12 12.82 28.21
N ARG C 348 -47.13 12.90 29.08
CA ARG C 348 -48.50 12.67 28.64
C ARG C 348 -49.02 13.79 27.76
N ALA C 349 -48.80 15.04 28.17
CA ALA C 349 -49.31 16.16 27.38
C ALA C 349 -48.62 16.24 26.03
N LYS C 350 -47.31 15.99 25.99
CA LYS C 350 -46.59 16.12 24.73
C LYS C 350 -46.99 15.02 23.78
N TRP C 351 -47.15 13.79 24.29
CA TRP C 351 -47.57 12.69 23.43
C TRP C 351 -48.99 12.90 22.94
N ASN C 352 -49.90 13.35 23.81
CA ASN C 352 -51.27 13.53 23.38
C ASN C 352 -51.35 14.63 22.32
N ASN C 353 -50.55 15.68 22.48
CA ASN C 353 -50.55 16.75 21.49
C ASN C 353 -49.92 16.28 20.20
N THR C 354 -48.90 15.42 20.31
CA THR C 354 -48.24 14.88 19.13
C THR C 354 -49.22 14.04 18.32
N LEU C 355 -49.94 13.15 18.98
CA LEU C 355 -50.91 12.33 18.25
C LEU C 355 -52.02 13.20 17.67
N HIS C 356 -52.44 14.24 18.41
CA HIS C 356 -53.48 15.12 17.91
C HIS C 356 -53.03 15.80 16.62
N LYS C 357 -51.82 16.36 16.63
CA LYS C 357 -51.30 17.03 15.45
C LYS C 357 -51.09 16.04 14.31
N ILE C 358 -50.65 14.82 14.62
CA ILE C 358 -50.45 13.81 13.57
C ILE C 358 -51.78 13.51 12.90
N VAL C 359 -52.83 13.27 13.68
CA VAL C 359 -54.10 12.93 13.04
C VAL C 359 -54.64 14.13 12.28
N LYS C 360 -54.41 15.34 12.79
CA LYS C 360 -54.90 16.53 12.10
C LYS C 360 -54.24 16.69 10.73
N LYS C 361 -52.95 16.36 10.62
CA LYS C 361 -52.30 16.43 9.31
C LYS C 361 -52.60 15.18 8.47
N LEU C 362 -52.78 14.04 9.13
CA LEU C 362 -53.04 12.78 8.45
C LEU C 362 -54.38 12.82 7.72
N ARG C 363 -55.37 13.53 8.29
CA ARG C 363 -56.67 13.64 7.64
C ARG C 363 -56.61 14.40 6.32
N GLU C 364 -55.51 15.09 6.00
CA GLU C 364 -55.41 15.77 4.72
C GLU C 364 -55.17 14.77 3.60
N GLN C 365 -54.62 13.60 3.93
CA GLN C 365 -54.29 12.54 2.98
C GLN C 365 -55.35 11.44 2.99
N PHE C 366 -56.01 11.25 4.13
CA PHE C 366 -57.05 10.26 4.34
C PHE C 366 -58.27 11.04 4.83
N ARG C 367 -58.92 11.72 3.89
CA ARG C 367 -59.97 12.68 4.21
C ARG C 367 -61.29 12.00 4.55
N ASN C 368 -62.04 12.65 5.44
CA ASN C 368 -63.36 12.18 5.88
C ASN C 368 -63.32 10.77 6.47
N LYS C 369 -62.28 10.49 7.26
CA LYS C 369 -62.13 9.19 7.92
C LYS C 369 -61.83 9.38 9.39
N THR C 370 -62.31 8.43 10.20
CA THR C 370 -61.94 8.35 11.60
C THR C 370 -60.60 7.63 11.66
N ILE C 371 -59.70 8.12 12.53
CA ILE C 371 -58.38 7.52 12.66
C ILE C 371 -58.30 6.83 14.02
N VAL C 372 -57.98 5.53 13.99
CA VAL C 372 -57.81 4.70 15.17
C VAL C 372 -56.50 3.94 15.04
N PHE C 373 -55.97 3.52 16.18
CA PHE C 373 -54.77 2.66 16.24
C PHE C 373 -55.17 1.32 16.83
N LYS C 374 -55.02 0.25 16.02
CA LYS C 374 -55.49 -1.09 16.39
C LYS C 374 -54.38 -2.14 16.45
N GLN C 375 -53.11 -1.75 16.41
CA GLN C 375 -51.99 -2.67 16.57
C GLN C 375 -51.86 -3.71 15.45
N SER C 376 -50.89 -4.61 15.59
CA SER C 376 -50.59 -5.61 14.58
C SER C 376 -50.91 -7.00 15.11
N SER C 377 -49.99 -7.62 15.86
CA SER C 377 -50.17 -8.96 16.40
C SER C 377 -49.76 -8.97 17.88
N GLY C 378 -49.42 -10.15 18.39
CA GLY C 378 -49.12 -10.34 19.79
C GLY C 378 -47.68 -10.06 20.17
N GLY C 379 -47.31 -10.56 21.35
CA GLY C 379 -46.02 -10.30 21.98
C GLY C 379 -44.80 -10.97 21.37
N ASP C 380 -44.46 -10.58 20.14
CA ASP C 380 -43.25 -11.07 19.48
C ASP C 380 -42.22 -9.94 19.57
N PRO C 381 -41.17 -10.06 20.41
CA PRO C 381 -40.20 -8.95 20.57
C PRO C 381 -39.59 -8.38 19.30
N GLU C 382 -39.38 -9.17 18.25
CA GLU C 382 -38.74 -8.69 17.03
C GLU C 382 -39.69 -8.35 15.90
N ILE C 383 -41.00 -8.50 16.08
CA ILE C 383 -41.99 -8.28 15.03
C ILE C 383 -42.97 -7.18 15.41
N VAL C 384 -43.50 -7.24 16.62
CA VAL C 384 -44.57 -6.35 17.06
C VAL C 384 -44.07 -5.30 18.05
N MET C 385 -43.22 -5.69 18.97
CA MET C 385 -42.79 -4.79 20.03
C MET C 385 -41.79 -3.78 19.49
N HIS C 386 -41.69 -2.65 20.17
CA HIS C 386 -40.76 -1.59 19.77
C HIS C 386 -39.37 -1.88 20.32
N SER C 387 -38.44 -2.14 19.43
CA SER C 387 -37.06 -2.48 19.77
C SER C 387 -36.17 -1.26 19.60
N PHE C 388 -35.42 -0.89 20.64
CA PHE C 388 -34.46 0.19 20.47
C PHE C 388 -33.30 0.01 21.43
N ASN C 389 -32.17 0.60 21.07
CA ASN C 389 -30.96 0.58 21.87
C ASN C 389 -30.91 1.75 22.84
N CYS C 390 -30.12 1.58 23.90
CA CYS C 390 -29.86 2.61 24.89
C CYS C 390 -28.36 2.78 25.16
N GLY C 391 -27.51 1.95 24.56
CA GLY C 391 -26.07 1.97 24.81
C GLY C 391 -25.59 0.67 25.43
N GLY C 392 -26.25 -0.42 25.08
CA GLY C 392 -25.93 -1.75 25.58
C GLY C 392 -27.11 -2.46 26.22
N GLU C 393 -28.13 -1.73 26.67
CA GLU C 393 -29.34 -2.30 27.24
C GLU C 393 -30.45 -2.11 26.22
N PHE C 394 -30.81 -3.18 25.53
CA PHE C 394 -31.78 -3.11 24.42
C PHE C 394 -33.18 -3.31 24.97
N PHE C 395 -34.06 -2.34 24.71
CA PHE C 395 -35.42 -2.32 25.20
C PHE C 395 -36.40 -2.81 24.14
N TYR C 396 -37.33 -3.64 24.57
CA TYR C 396 -38.43 -4.19 23.77
C TYR C 396 -39.74 -3.83 24.46
N CYS C 397 -40.37 -2.77 23.99
CA CYS C 397 -41.51 -2.15 24.65
C CYS C 397 -42.83 -2.58 24.01
N ASN C 398 -43.87 -2.63 24.83
CA ASN C 398 -45.22 -3.02 24.42
C ASN C 398 -45.92 -1.79 23.86
N SER C 399 -46.01 -1.73 22.52
CA SER C 399 -46.51 -0.58 21.78
C SER C 399 -47.98 -0.27 22.04
N THR C 400 -48.73 -1.17 22.68
CA THR C 400 -50.16 -0.93 22.87
C THR C 400 -50.45 0.19 23.86
N GLN C 401 -49.45 0.60 24.65
CA GLN C 401 -49.64 1.71 25.58
C GLN C 401 -49.81 3.04 24.86
N LEU C 402 -49.13 3.23 23.73
CA LEU C 402 -49.14 4.50 23.01
C LEU C 402 -50.09 4.56 21.83
N PHE C 403 -50.39 3.44 21.16
CA PHE C 403 -51.21 3.48 19.94
C PHE C 403 -52.44 2.60 20.11
N ASN C 404 -53.41 3.13 20.87
CA ASN C 404 -54.67 2.45 21.15
C ASN C 404 -55.86 3.40 21.14
N SER C 405 -55.65 4.68 20.82
CA SER C 405 -56.65 5.73 20.94
C SER C 405 -57.55 5.81 19.70
N THR C 406 -58.64 6.56 19.88
CA THR C 406 -59.59 6.90 18.84
C THR C 406 -59.59 8.41 18.75
N TRP C 407 -59.36 8.95 17.56
CA TRP C 407 -59.30 10.40 17.34
C TRP C 407 -60.40 10.84 16.38
N TYR C 408 -61.10 11.90 16.77
CA TYR C 408 -62.17 12.47 15.98
C TYR C 408 -62.35 13.93 16.40
N GLY C 409 -62.62 14.79 15.42
CA GLY C 409 -62.89 16.19 15.68
C GLY C 409 -61.77 16.90 16.42
N ASN C 421 -48.01 11.32 33.65
CA ASN C 421 -47.15 10.65 32.68
C ASN C 421 -47.81 9.40 32.09
N ILE C 422 -47.21 8.93 31.01
CA ILE C 422 -47.55 7.64 30.38
C ILE C 422 -46.38 6.72 30.66
N THR C 423 -46.66 5.52 31.17
CA THR C 423 -45.62 4.57 31.54
C THR C 423 -45.72 3.36 30.61
N LEU C 424 -44.72 3.24 29.75
CA LEU C 424 -44.65 2.18 28.75
C LEU C 424 -43.83 1.02 29.29
N PRO C 425 -44.41 -0.16 29.55
CA PRO C 425 -43.60 -1.26 30.08
C PRO C 425 -42.67 -1.81 29.01
N CYS C 426 -41.45 -2.19 29.41
CA CYS C 426 -40.47 -2.71 28.47
C CYS C 426 -39.73 -3.89 29.07
N ARG C 427 -39.25 -4.77 28.17
CA ARG C 427 -38.41 -5.92 28.48
C ARG C 427 -36.99 -5.67 28.00
N ILE C 428 -36.03 -6.36 28.62
CA ILE C 428 -34.62 -6.28 28.23
C ILE C 428 -34.18 -7.63 27.70
N LYS C 429 -33.46 -7.62 26.58
CA LYS C 429 -32.95 -8.81 25.93
C LYS C 429 -31.46 -8.61 25.67
N GLN C 430 -30.62 -9.55 26.12
CA GLN C 430 -29.18 -9.44 25.93
C GLN C 430 -28.67 -10.15 24.67
N ILE C 431 -29.33 -11.21 24.21
CA ILE C 431 -28.91 -11.93 23.01
C ILE C 431 -29.77 -11.41 21.86
N ILE C 432 -29.15 -10.66 20.95
CA ILE C 432 -29.86 -10.02 19.85
C ILE C 432 -29.17 -10.33 18.53
N ASN C 433 -29.93 -10.15 17.44
CA ASN C 433 -29.46 -10.33 16.08
C ASN C 433 -30.12 -9.21 15.26
N LEU C 434 -29.51 -8.02 15.32
CA LEU C 434 -30.17 -6.83 14.80
C LEU C 434 -30.43 -6.88 13.30
N TRP C 435 -29.54 -7.52 12.52
CA TRP C 435 -29.71 -7.62 11.07
C TRP C 435 -30.06 -9.01 10.59
N GLN C 436 -30.63 -9.83 11.48
CA GLN C 436 -31.15 -11.16 11.14
C GLN C 436 -30.13 -12.00 10.38
N GLU C 437 -28.89 -12.02 10.87
CA GLU C 437 -27.86 -12.81 10.23
C GLU C 437 -28.04 -14.27 10.63
N VAL C 438 -27.62 -15.17 9.75
CA VAL C 438 -27.73 -16.60 9.99
C VAL C 438 -26.42 -17.12 10.57
N GLY C 439 -26.51 -17.77 11.72
CA GLY C 439 -25.36 -18.35 12.39
C GLY C 439 -24.62 -17.45 13.35
N LYS C 440 -25.04 -16.18 13.49
CA LYS C 440 -24.38 -15.23 14.38
C LYS C 440 -25.38 -14.55 15.29
N ALA C 441 -24.90 -14.16 16.47
CA ALA C 441 -25.69 -13.39 17.41
C ALA C 441 -24.71 -12.60 18.27
N MET C 442 -25.20 -11.55 18.92
CA MET C 442 -24.39 -10.73 19.81
C MET C 442 -24.94 -10.76 21.22
N TYR C 443 -24.04 -10.81 22.19
CA TYR C 443 -24.36 -10.67 23.60
C TYR C 443 -24.03 -9.24 24.02
N ALA C 444 -25.02 -8.53 24.54
CA ALA C 444 -24.80 -7.18 25.00
C ALA C 444 -24.49 -7.20 26.49
N PRO C 445 -23.29 -6.79 26.93
CA PRO C 445 -23.00 -6.80 28.35
C PRO C 445 -23.96 -5.88 29.10
N PRO C 446 -24.27 -6.17 30.36
CA PRO C 446 -25.15 -5.28 31.11
C PRO C 446 -24.42 -4.00 31.49
N ILE C 447 -25.22 -2.97 31.77
CA ILE C 447 -24.74 -1.69 32.28
C ILE C 447 -24.98 -1.70 33.78
N GLY C 448 -23.93 -1.43 34.55
CA GLY C 448 -24.06 -1.45 35.99
C GLY C 448 -24.76 -0.22 36.49
N GLY C 449 -25.09 -0.22 37.78
CA GLY C 449 -25.84 0.91 38.28
C GLY C 449 -27.25 0.84 37.71
N GLN C 450 -27.88 2.00 37.58
CA GLN C 450 -29.23 2.14 37.07
C GLN C 450 -29.09 2.98 35.82
N ILE C 451 -30.02 2.86 34.86
CA ILE C 451 -29.92 3.73 33.69
C ILE C 451 -31.20 4.50 33.39
N ARG C 452 -30.99 5.63 32.71
CA ARG C 452 -32.04 6.48 32.17
C ARG C 452 -31.68 6.77 30.73
N CYS C 453 -32.62 6.52 29.83
CA CYS C 453 -32.42 6.70 28.39
C CYS C 453 -33.19 7.98 28.03
N SER C 454 -32.47 9.10 28.02
CA SER C 454 -33.07 10.40 27.73
C SER C 454 -33.11 10.54 26.22
N SER C 455 -34.32 10.54 25.64
CA SER C 455 -34.44 10.53 24.19
C SER C 455 -35.64 11.35 23.75
N ASN C 456 -35.63 11.71 22.48
CA ASN C 456 -36.68 12.50 21.84
C ASN C 456 -37.37 11.72 20.73
N ILE C 457 -38.69 11.82 20.66
CA ILE C 457 -39.42 11.29 19.52
C ILE C 457 -39.39 12.41 18.51
N THR C 458 -38.80 12.14 17.34
CA THR C 458 -38.71 13.11 16.26
C THR C 458 -39.51 12.67 15.04
N GLY C 459 -40.09 11.48 15.07
CA GLY C 459 -40.87 10.97 13.96
C GLY C 459 -41.41 9.60 14.29
N LEU C 460 -42.21 9.06 13.37
CA LEU C 460 -42.79 7.73 13.52
C LEU C 460 -42.82 6.99 12.19
N LEU C 461 -42.63 5.67 12.27
CA LEU C 461 -42.82 4.77 11.13
C LEU C 461 -44.12 4.01 11.36
N LEU C 462 -45.15 4.32 10.58
CA LEU C 462 -46.46 3.71 10.75
C LEU C 462 -46.83 2.98 9.46
N THR C 463 -47.63 1.92 9.58
CA THR C 463 -48.16 1.21 8.42
C THR C 463 -49.68 1.19 8.51
N ARG C 464 -50.35 1.51 7.41
CA ARG C 464 -51.80 1.54 7.38
C ARG C 464 -52.36 0.13 7.21
N ASP C 465 -53.44 -0.16 7.92
CA ASP C 465 -54.10 -1.45 7.80
C ASP C 465 -54.92 -1.47 6.52
N GLY C 466 -54.63 -2.42 5.63
CA GLY C 466 -55.32 -2.45 4.35
C GLY C 466 -56.72 -2.99 4.45
N GLY C 467 -57.55 -2.59 3.49
CA GLY C 467 -58.91 -3.09 3.40
C GLY C 467 -59.93 -2.35 4.24
N ASN C 468 -59.64 -1.14 4.71
CA ASN C 468 -60.56 -0.37 5.53
C ASN C 468 -61.12 0.86 4.81
N ASN C 469 -61.00 0.89 3.48
CA ASN C 469 -61.42 2.06 2.71
C ASN C 469 -62.93 2.23 2.68
N ASN C 470 -63.70 1.20 3.02
CA ASN C 470 -65.17 1.25 2.98
C ASN C 470 -65.84 1.11 4.35
N ILE C 471 -65.14 1.37 5.46
CA ILE C 471 -65.74 1.25 6.78
C ILE C 471 -65.81 2.60 7.52
N THR C 472 -65.50 3.70 6.83
CA THR C 472 -65.52 5.07 7.37
C THR C 472 -64.43 5.39 8.41
N THR C 473 -63.75 4.37 8.93
CA THR C 473 -62.66 4.53 9.89
C THR C 473 -61.38 3.99 9.30
N GLU C 474 -60.34 4.81 9.31
CA GLU C 474 -59.03 4.41 8.82
C GLU C 474 -58.22 3.84 9.98
N ILE C 475 -57.68 2.64 9.80
CA ILE C 475 -56.94 1.93 10.84
C ILE C 475 -55.46 1.93 10.49
N PHE C 476 -54.65 2.39 11.44
CA PHE C 476 -53.20 2.49 11.33
C PHE C 476 -52.61 1.61 12.41
N ARG C 477 -51.39 1.12 12.19
CA ARG C 477 -50.67 0.36 13.21
C ARG C 477 -49.20 0.77 13.25
N PRO C 478 -48.55 0.67 14.41
CA PRO C 478 -47.10 0.85 14.46
C PRO C 478 -46.36 -0.25 13.71
N GLY C 479 -45.18 0.10 13.22
CA GLY C 479 -44.29 -0.87 12.61
C GLY C 479 -44.47 -1.03 11.12
N GLY C 480 -43.75 -2.03 10.61
CA GLY C 480 -43.65 -2.31 9.19
C GLY C 480 -42.34 -1.78 8.62
N GLY C 481 -41.93 -2.36 7.50
CA GLY C 481 -40.68 -1.94 6.90
C GLY C 481 -39.50 -2.61 7.59
N ASP C 482 -38.31 -2.06 7.34
CA ASP C 482 -37.08 -2.60 7.90
C ASP C 482 -36.17 -1.45 8.33
N MET C 483 -34.90 -1.78 8.62
CA MET C 483 -33.96 -0.80 9.12
C MET C 483 -33.71 0.36 8.16
N ARG C 484 -33.97 0.19 6.86
CA ARG C 484 -33.70 1.27 5.91
C ARG C 484 -34.56 2.49 6.21
N ASP C 485 -35.74 2.27 6.79
CA ASP C 485 -36.64 3.38 7.03
C ASP C 485 -36.19 4.22 8.19
N ASN C 486 -35.18 3.79 8.95
CA ASN C 486 -34.67 4.60 10.05
C ASN C 486 -33.67 5.62 9.56
N TRP C 487 -33.24 5.52 8.29
CA TRP C 487 -32.26 6.42 7.72
C TRP C 487 -32.84 7.24 6.59
N ARG C 488 -33.80 6.67 5.86
CA ARG C 488 -34.47 7.39 4.79
C ARG C 488 -35.14 8.65 5.31
N SER C 489 -35.64 8.60 6.55
CA SER C 489 -36.32 9.75 7.15
C SER C 489 -35.37 10.93 7.40
N GLU C 490 -34.06 10.70 7.39
CA GLU C 490 -33.09 11.76 7.59
C GLU C 490 -32.40 12.17 6.29
N LEU C 491 -32.17 11.21 5.39
CA LEU C 491 -31.45 11.45 4.14
C LEU C 491 -32.42 11.81 3.02
N TYR C 492 -33.70 12.00 3.32
CA TYR C 492 -34.70 12.30 2.30
C TYR C 492 -34.41 13.59 1.55
N LYS C 493 -33.66 14.51 2.15
CA LYS C 493 -33.36 15.79 1.53
C LYS C 493 -32.05 15.81 0.75
N TYR C 494 -31.31 14.71 0.65
CA TYR C 494 -30.03 14.69 -0.04
C TYR C 494 -30.02 13.74 -1.24
N LYS C 495 -29.25 14.13 -2.25
CA LYS C 495 -28.92 13.26 -3.39
C LYS C 495 -27.48 13.51 -3.80
N VAL C 496 -26.84 12.48 -4.36
CA VAL C 496 -25.46 12.57 -4.84
C VAL C 496 -25.50 12.70 -6.35
N VAL C 497 -24.77 13.69 -6.89
CA VAL C 497 -24.71 13.91 -8.33
C VAL C 497 -23.27 13.89 -8.82
N LYS C 498 -23.10 13.38 -10.04
CA LYS C 498 -21.83 13.33 -10.74
C LYS C 498 -21.72 14.59 -11.59
N ILE C 499 -20.61 15.30 -11.47
CA ILE C 499 -20.39 16.53 -12.22
C ILE C 499 -19.86 16.18 -13.60
N GLU C 500 -20.40 16.82 -14.63
CA GLU C 500 -20.02 16.61 -16.02
C GLU C 500 -19.42 17.91 -16.54
N PRO C 501 -18.15 18.19 -16.20
CA PRO C 501 -17.58 19.53 -16.47
C PRO C 501 -17.32 19.80 -17.93
N LEU C 502 -17.37 18.79 -18.80
CA LEU C 502 -17.04 18.94 -20.21
C LEU C 502 -18.32 19.14 -21.03
N GLY C 503 -18.44 20.33 -21.62
CA GLY C 503 -19.60 20.69 -22.40
C GLY C 503 -19.17 21.18 -23.77
N VAL C 504 -20.14 21.19 -24.68
CA VAL C 504 -19.94 21.63 -26.07
C VAL C 504 -20.97 22.70 -26.37
N ALA C 505 -20.54 23.83 -26.95
CA ALA C 505 -21.48 24.89 -27.28
C ALA C 505 -21.05 25.64 -28.54
N PRO C 506 -21.98 26.25 -29.28
CA PRO C 506 -21.62 27.00 -30.48
C PRO C 506 -20.89 28.30 -30.16
N THR C 507 -20.02 28.72 -31.08
CA THR C 507 -19.32 30.01 -30.97
C THR C 507 -19.34 30.74 -32.31
N LYS C 508 -18.70 31.92 -32.31
CA LYS C 508 -18.50 32.73 -33.49
C LYS C 508 -17.08 32.62 -34.05
N CYS C 509 -16.14 32.08 -33.27
CA CYS C 509 -14.73 32.00 -33.63
C CYS C 509 -14.41 30.81 -34.51
N LYS C 510 -13.44 31.03 -35.41
CA LYS C 510 -12.87 29.98 -36.24
C LYS C 510 -11.67 29.38 -35.52
N ARG C 511 -11.28 28.18 -35.95
CA ARG C 511 -10.08 27.58 -35.38
C ARG C 511 -8.82 28.34 -35.77
N ARG C 512 -8.77 28.90 -36.98
CA ARG C 512 -7.58 29.58 -37.49
C ARG C 512 -6.36 28.66 -37.45
N VAL C 513 -6.54 27.47 -38.02
CA VAL C 513 -5.49 26.45 -38.09
C VAL C 513 -4.23 27.04 -38.70
N GLY D 10 -19.70 31.09 -5.83
CA GLY D 10 -19.80 29.84 -5.11
C GLY D 10 -19.79 28.63 -6.04
N PHE D 11 -19.37 27.48 -5.50
CA PHE D 11 -19.28 26.27 -6.29
C PHE D 11 -20.64 25.85 -6.84
N LEU D 12 -20.72 25.71 -8.16
CA LEU D 12 -21.93 25.41 -8.90
C LEU D 12 -23.01 26.48 -8.74
N GLY D 13 -22.65 27.67 -8.23
CA GLY D 13 -23.65 28.70 -8.00
C GLY D 13 -24.22 29.28 -9.26
N ALA D 14 -23.55 29.07 -10.40
CA ALA D 14 -23.99 29.58 -11.68
C ALA D 14 -24.90 28.59 -12.42
N ALA D 15 -25.20 27.43 -11.81
CA ALA D 15 -26.00 26.41 -12.49
C ALA D 15 -27.35 26.97 -12.92
N GLY D 16 -27.93 27.87 -12.14
CA GLY D 16 -29.20 28.48 -12.49
C GLY D 16 -29.06 29.77 -13.26
N SER D 17 -27.82 30.19 -13.53
CA SER D 17 -27.49 31.41 -14.24
C SER D 17 -27.36 31.08 -15.73
N THR D 18 -27.33 32.11 -16.57
CA THR D 18 -27.24 31.83 -17.98
C THR D 18 -25.84 31.34 -18.32
N MET D 19 -25.72 30.70 -19.49
CA MET D 19 -24.46 30.13 -19.90
C MET D 19 -23.34 31.17 -19.97
N GLY D 20 -23.67 32.38 -20.43
CA GLY D 20 -22.65 33.42 -20.52
C GLY D 20 -22.05 33.72 -19.16
N ALA D 21 -22.91 34.03 -18.19
CA ALA D 21 -22.42 34.32 -16.84
C ALA D 21 -21.71 33.11 -16.25
N ALA D 22 -22.25 31.92 -16.53
CA ALA D 22 -21.69 30.69 -15.96
C ALA D 22 -20.30 30.38 -16.50
N SER D 23 -19.96 30.89 -17.69
CA SER D 23 -18.64 30.66 -18.25
C SER D 23 -17.53 31.33 -17.45
N MET D 24 -17.85 32.22 -16.51
CA MET D 24 -16.87 32.88 -15.65
C MET D 24 -16.49 32.09 -14.40
N THR D 25 -17.10 30.92 -14.15
CA THR D 25 -16.81 30.13 -12.94
C THR D 25 -16.18 28.79 -13.27
N LEU D 26 -15.65 28.65 -14.49
CA LEU D 26 -15.12 27.37 -14.91
C LEU D 26 -13.98 26.94 -14.01
N THR D 27 -13.23 27.90 -13.45
CA THR D 27 -12.14 27.54 -12.56
C THR D 27 -12.65 27.23 -11.17
N VAL D 28 -13.86 27.67 -10.85
CA VAL D 28 -14.43 27.40 -9.54
C VAL D 28 -14.78 25.93 -9.52
N GLN D 29 -15.33 25.44 -10.63
CA GLN D 29 -15.65 24.02 -10.67
C GLN D 29 -14.38 23.19 -10.88
N ALA D 30 -13.46 23.69 -11.73
CA ALA D 30 -12.24 22.94 -12.02
C ALA D 30 -11.44 22.65 -10.76
N ARG D 31 -11.40 23.60 -9.82
CA ARG D 31 -10.65 23.34 -8.60
C ARG D 31 -11.29 22.20 -7.83
N GLN D 32 -12.61 22.07 -7.93
CA GLN D 32 -13.38 21.10 -7.17
C GLN D 32 -13.54 19.78 -7.93
N LEU D 33 -12.89 19.63 -9.09
CA LEU D 33 -12.95 18.35 -9.80
C LEU D 33 -11.83 17.40 -9.39
N LEU D 34 -10.79 17.90 -8.71
CA LEU D 34 -9.65 17.10 -8.29
C LEU D 34 -9.49 17.05 -6.78
N SER D 35 -9.65 18.20 -6.11
CA SER D 35 -9.53 18.41 -4.65
C SER D 35 -9.40 17.19 -3.74
N TRP D 60 -10.65 -1.94 5.80
CA TRP D 60 -11.69 -1.25 5.04
C TRP D 60 -11.14 -0.07 4.22
N GLY D 61 -9.82 0.14 4.27
CA GLY D 61 -9.17 1.25 3.60
C GLY D 61 -9.31 1.24 2.08
N ILE D 62 -9.78 0.13 1.51
CA ILE D 62 -9.99 0.04 0.06
C ILE D 62 -11.02 1.07 -0.38
N LYS D 63 -12.05 1.29 0.43
CA LYS D 63 -13.13 2.21 0.05
C LYS D 63 -12.61 3.63 -0.19
N GLN D 64 -11.78 4.15 0.72
CA GLN D 64 -11.27 5.51 0.56
C GLN D 64 -10.28 5.60 -0.59
N LEU D 65 -9.45 4.57 -0.74
CA LEU D 65 -8.49 4.60 -1.84
C LEU D 65 -9.20 4.53 -3.17
N GLN D 66 -10.25 3.71 -3.28
CA GLN D 66 -10.96 3.67 -4.55
C GLN D 66 -11.61 5.00 -4.84
N ALA D 67 -12.13 5.68 -3.82
CA ALA D 67 -12.72 7.00 -4.05
C ALA D 67 -11.68 7.99 -4.59
N ARG D 68 -10.46 7.93 -4.05
CA ARG D 68 -9.42 8.86 -4.50
C ARG D 68 -8.90 8.47 -5.88
N VAL D 69 -8.73 7.18 -6.13
CA VAL D 69 -8.23 6.72 -7.42
C VAL D 69 -9.26 7.04 -8.49
N LEU D 70 -10.54 6.84 -8.20
CA LEU D 70 -11.57 7.13 -9.19
C LEU D 70 -11.58 8.62 -9.52
N ALA D 71 -11.46 9.48 -8.49
CA ALA D 71 -11.43 10.91 -8.78
C ALA D 71 -10.24 11.27 -9.67
N VAL D 72 -9.09 10.65 -9.40
CA VAL D 72 -7.90 10.89 -10.23
C VAL D 72 -8.13 10.39 -11.65
N GLU D 73 -8.70 9.20 -11.79
CA GLU D 73 -8.95 8.64 -13.12
C GLU D 73 -9.90 9.52 -13.92
N HIS D 74 -10.93 10.07 -13.27
CA HIS D 74 -11.84 10.93 -14.02
C HIS D 74 -11.14 12.22 -14.44
N TYR D 75 -10.33 12.78 -13.55
CA TYR D 75 -9.58 13.99 -13.90
C TYR D 75 -8.68 13.73 -15.09
N LEU D 76 -7.91 12.64 -15.04
CA LEU D 76 -6.97 12.36 -16.12
C LEU D 76 -7.71 12.00 -17.40
N LYS D 77 -8.83 11.30 -17.30
CA LYS D 77 -9.61 10.96 -18.48
C LYS D 77 -10.02 12.22 -19.22
N ASP D 78 -10.53 13.21 -18.48
CA ASP D 78 -10.95 14.45 -19.13
C ASP D 78 -9.75 15.22 -19.65
N GLN D 79 -8.64 15.22 -18.91
CA GLN D 79 -7.47 15.96 -19.37
C GLN D 79 -6.88 15.32 -20.61
N GLN D 80 -6.88 13.99 -20.69
CA GLN D 80 -6.36 13.33 -21.89
C GLN D 80 -7.26 13.65 -23.06
N LEU D 81 -8.58 13.66 -22.83
CA LEU D 81 -9.48 13.91 -23.94
C LEU D 81 -9.27 15.33 -24.46
N LEU D 82 -9.08 16.29 -23.54
CA LEU D 82 -8.81 17.66 -23.94
C LEU D 82 -7.45 17.79 -24.64
N GLY D 83 -6.46 16.99 -24.23
CA GLY D 83 -5.14 17.04 -24.85
C GLY D 83 -4.99 16.26 -26.13
N ILE D 84 -5.88 15.31 -26.41
CA ILE D 84 -5.80 14.58 -27.66
C ILE D 84 -6.34 15.52 -28.73
N TRP D 85 -7.30 16.35 -28.32
CA TRP D 85 -7.87 17.45 -29.05
C TRP D 85 -6.89 18.60 -28.85
N GLY D 86 -6.92 19.61 -29.72
CA GLY D 86 -6.00 20.70 -29.46
C GLY D 86 -6.49 21.71 -28.43
N CYS D 87 -6.91 21.21 -27.27
CA CYS D 87 -7.51 22.01 -26.20
C CYS D 87 -6.72 22.01 -24.91
N SER D 88 -5.53 21.40 -24.87
CA SER D 88 -4.77 21.31 -23.62
C SER D 88 -4.46 22.68 -23.06
N GLY D 89 -4.68 22.82 -21.75
CA GLY D 89 -4.36 24.03 -21.03
C GLY D 89 -5.39 25.14 -21.15
N LYS D 90 -6.48 24.90 -21.88
CA LYS D 90 -7.51 25.90 -22.11
C LYS D 90 -8.77 25.59 -21.30
N LEU D 91 -9.51 26.65 -21.00
CA LEU D 91 -10.84 26.55 -20.42
C LEU D 91 -11.91 26.70 -21.47
N ILE D 92 -11.64 27.49 -22.50
CA ILE D 92 -12.51 27.70 -23.66
C ILE D 92 -11.69 27.29 -24.86
N CYS D 93 -12.16 26.29 -25.60
CA CYS D 93 -11.42 25.75 -26.76
C CYS D 93 -12.28 25.64 -28.00
N THR D 94 -12.03 26.51 -28.98
CA THR D 94 -12.71 26.45 -30.26
C THR D 94 -11.93 25.47 -31.13
N THR D 95 -12.62 24.47 -31.69
CA THR D 95 -11.95 23.44 -32.48
C THR D 95 -12.24 23.63 -33.97
N ALA D 96 -11.65 22.75 -34.76
CA ALA D 96 -11.75 22.75 -36.22
C ALA D 96 -12.99 22.00 -36.69
N VAL D 97 -14.17 22.37 -36.16
CA VAL D 97 -15.40 21.68 -36.52
C VAL D 97 -16.54 22.67 -36.74
N PRO D 98 -16.97 22.90 -37.98
CA PRO D 98 -18.23 23.61 -38.20
C PRO D 98 -19.36 22.70 -37.74
N TRP D 99 -20.51 23.28 -37.43
CA TRP D 99 -21.63 22.43 -37.04
C TRP D 99 -22.17 21.67 -38.24
N ASN D 100 -22.42 20.39 -38.02
CA ASN D 100 -22.92 19.43 -38.98
C ASN D 100 -24.43 19.25 -38.78
N ALA D 101 -25.03 18.38 -39.59
CA ALA D 101 -26.46 18.15 -39.50
C ALA D 101 -26.89 17.73 -38.09
N THR D 102 -28.00 18.30 -37.66
CA THR D 102 -28.61 18.15 -36.33
C THR D 102 -27.70 18.80 -35.28
N TRP D 103 -27.17 18.03 -34.31
CA TRP D 103 -26.25 18.48 -33.26
C TRP D 103 -26.79 19.56 -32.32
N SER D 104 -27.48 20.58 -32.83
CA SER D 104 -28.05 21.64 -32.01
C SER D 104 -29.29 22.18 -32.70
N ASN D 105 -30.33 22.47 -31.91
CA ASN D 105 -31.56 23.06 -32.40
C ASN D 105 -31.81 24.47 -31.88
N LYS D 106 -30.76 25.15 -31.39
CA LYS D 106 -30.87 26.50 -30.85
C LYS D 106 -29.75 27.38 -31.41
N THR D 107 -30.03 28.68 -31.51
CA THR D 107 -29.05 29.66 -31.96
C THR D 107 -28.24 30.24 -30.81
N LEU D 108 -27.29 31.12 -31.16
CA LEU D 108 -26.33 31.64 -30.18
C LEU D 108 -27.00 32.44 -29.06
N ASP D 109 -28.00 33.26 -29.38
CA ASP D 109 -28.62 34.07 -28.33
C ASP D 109 -29.54 33.23 -27.45
N ASN D 110 -30.23 32.26 -28.04
CA ASN D 110 -31.14 31.41 -27.28
C ASN D 110 -30.37 30.50 -26.33
N ILE D 111 -29.13 30.21 -26.66
CA ILE D 111 -28.26 29.36 -25.84
C ILE D 111 -27.50 30.17 -24.80
N TRP D 112 -26.77 31.21 -25.21
CA TRP D 112 -25.90 31.90 -24.28
C TRP D 112 -26.60 32.90 -23.36
N ASN D 113 -27.68 33.54 -23.81
CA ASN D 113 -28.35 34.57 -23.01
C ASN D 113 -29.66 34.14 -22.39
N ASN D 114 -30.40 33.20 -22.98
CA ASN D 114 -31.70 32.79 -22.45
C ASN D 114 -31.75 31.33 -22.02
N MET D 115 -30.61 30.67 -21.81
CA MET D 115 -30.60 29.27 -21.41
C MET D 115 -29.47 29.01 -20.42
N THR D 116 -29.70 28.08 -19.51
CA THR D 116 -28.68 27.66 -18.54
C THR D 116 -27.93 26.45 -19.07
N TRP D 117 -26.82 26.11 -18.42
CA TRP D 117 -26.06 24.95 -18.88
C TRP D 117 -26.82 23.65 -18.65
N MET D 118 -27.65 23.57 -17.59
CA MET D 118 -28.43 22.34 -17.38
C MET D 118 -29.43 22.17 -18.51
N GLU D 119 -30.08 23.28 -18.89
CA GLU D 119 -31.04 23.25 -19.98
C GLU D 119 -30.33 22.91 -21.27
N TRP D 120 -29.11 23.43 -21.45
CA TRP D 120 -28.34 23.11 -22.64
C TRP D 120 -28.00 21.63 -22.70
N GLU D 121 -27.58 21.05 -21.57
CA GLU D 121 -27.25 19.63 -21.57
C GLU D 121 -28.47 18.80 -21.93
N LYS D 122 -29.65 19.22 -21.45
CA LYS D 122 -30.87 18.49 -21.82
C LYS D 122 -31.15 18.68 -23.31
N GLU D 123 -30.96 19.90 -23.81
CA GLU D 123 -31.20 20.22 -25.22
C GLU D 123 -30.36 19.35 -26.15
N ILE D 124 -29.11 19.07 -25.78
CA ILE D 124 -28.22 18.24 -26.59
C ILE D 124 -27.82 16.98 -25.83
N SER D 125 -28.78 16.34 -25.16
CA SER D 125 -28.47 15.11 -24.46
C SER D 125 -28.09 14.01 -25.46
N ASN D 126 -28.48 14.16 -26.71
CA ASN D 126 -28.13 13.27 -27.81
C ASN D 126 -26.92 13.92 -28.50
N TYR D 127 -26.40 13.26 -29.53
CA TYR D 127 -25.28 13.82 -30.29
C TYR D 127 -24.07 14.03 -29.39
N THR D 128 -23.79 13.05 -28.54
CA THR D 128 -22.71 13.11 -27.57
C THR D 128 -21.50 12.28 -27.98
N ASN D 129 -21.45 11.78 -29.21
CA ASN D 129 -20.35 10.95 -29.67
C ASN D 129 -20.16 11.19 -31.16
N LEU D 130 -19.18 10.50 -31.75
CA LEU D 130 -18.76 10.59 -33.15
C LEU D 130 -17.99 11.88 -33.40
N ILE D 131 -18.52 13.02 -32.94
CA ILE D 131 -17.82 14.29 -33.02
C ILE D 131 -16.46 14.21 -32.35
N TYR D 132 -16.34 13.36 -31.31
CA TYR D 132 -15.07 13.25 -30.61
C TYR D 132 -14.02 12.62 -31.51
N ASN D 133 -14.43 11.71 -32.40
CA ASN D 133 -13.46 11.09 -33.29
C ASN D 133 -13.08 12.07 -34.40
N LEU D 134 -14.03 12.91 -34.81
CA LEU D 134 -13.71 13.91 -35.82
C LEU D 134 -12.66 14.87 -35.28
N ILE D 135 -12.86 15.32 -34.03
CA ILE D 135 -11.94 16.28 -33.44
C ILE D 135 -10.58 15.63 -33.25
N GLU D 136 -10.57 14.39 -32.75
CA GLU D 136 -9.33 13.65 -32.54
C GLU D 136 -8.54 13.48 -33.83
N GLU D 137 -9.22 13.09 -34.92
CA GLU D 137 -8.53 12.91 -36.18
C GLU D 137 -8.07 14.24 -36.74
N SER D 138 -8.88 15.29 -36.59
CA SER D 138 -8.49 16.60 -37.09
C SER D 138 -7.23 17.08 -36.37
N GLN D 139 -7.17 16.91 -35.05
CA GLN D 139 -6.00 17.34 -34.31
C GLN D 139 -4.77 16.54 -34.70
N ASN D 140 -4.94 15.22 -34.93
CA ASN D 140 -3.77 14.44 -35.32
C ASN D 140 -3.29 14.84 -36.70
N GLN D 141 -4.23 15.14 -37.60
CA GLN D 141 -3.85 15.56 -38.94
C GLN D 141 -3.14 16.90 -38.89
N GLN D 142 -3.60 17.81 -38.03
CA GLN D 142 -2.96 19.11 -37.91
C GLN D 142 -1.55 18.97 -37.34
N GLU D 143 -1.38 18.10 -36.35
CA GLU D 143 -0.04 17.94 -35.78
C GLU D 143 0.90 17.32 -36.79
N LYS D 144 0.40 16.39 -37.61
CA LYS D 144 1.26 15.84 -38.66
C LYS D 144 1.59 16.92 -39.67
N ASN D 145 0.59 17.75 -40.02
CA ASN D 145 0.79 18.81 -41.01
C ASN D 145 1.84 19.81 -40.54
N GLU D 146 1.94 20.01 -39.22
CA GLU D 146 2.92 20.96 -38.71
C GLU D 146 4.35 20.55 -39.04
N THR D 147 4.58 19.28 -39.37
CA THR D 147 5.90 18.78 -39.75
C THR D 147 5.98 18.40 -41.22
N GLU D 148 4.92 18.66 -42.01
CA GLU D 148 4.93 18.35 -43.44
C GLU D 148 4.57 19.51 -44.35
N ASN D 149 3.46 20.24 -44.08
CA ASN D 149 3.07 21.32 -44.97
C ASN D 149 2.35 22.51 -44.33
N LEU D 150 2.07 22.49 -43.03
CA LEU D 150 1.34 23.57 -42.35
C LEU D 150 2.34 24.32 -41.48
N THR D 151 2.43 25.66 -41.68
CA THR D 151 3.38 26.54 -41.00
C THR D 151 4.66 25.81 -40.65
N LEU D 152 5.37 25.36 -41.67
CA LEU D 152 6.29 24.24 -41.55
C LEU D 152 7.63 24.61 -40.94
N CYS D 153 8.02 23.81 -39.96
CA CYS D 153 9.30 23.81 -39.25
C CYS D 153 9.97 25.18 -39.14
N TRP E 41 2.61 43.95 -9.01
CA TRP E 41 2.22 42.87 -9.91
C TRP E 41 2.60 41.53 -9.30
N VAL E 42 1.68 40.57 -9.37
CA VAL E 42 1.90 39.24 -8.82
C VAL E 42 2.67 38.41 -9.83
N THR E 43 3.81 37.83 -9.41
CA THR E 43 4.59 36.93 -10.24
C THR E 43 4.63 35.58 -9.53
N VAL E 44 4.31 34.53 -10.28
CA VAL E 44 4.25 33.16 -9.78
C VAL E 44 5.57 32.45 -10.08
N TYR E 45 6.17 31.88 -9.05
CA TYR E 45 7.42 31.13 -9.16
C TYR E 45 7.16 29.70 -8.73
N TYR E 46 7.56 28.75 -9.57
CA TYR E 46 7.44 27.32 -9.29
C TYR E 46 8.85 26.74 -9.23
N GLY E 47 9.15 26.04 -8.15
CA GLY E 47 10.47 25.51 -7.91
C GLY E 47 11.11 26.33 -6.81
N VAL E 48 10.29 26.91 -5.96
CA VAL E 48 10.74 27.75 -4.85
C VAL E 48 11.35 26.87 -3.74
N PRO E 49 12.57 27.18 -3.23
CA PRO E 49 13.19 26.34 -2.17
C PRO E 49 12.61 26.62 -0.79
N VAL E 50 11.33 26.28 -0.61
CA VAL E 50 10.60 26.49 0.64
C VAL E 50 9.95 25.19 1.07
N TRP E 51 9.90 24.99 2.38
CA TRP E 51 9.30 23.81 2.97
C TRP E 51 8.55 24.20 4.24
N LYS E 52 7.64 23.32 4.64
CA LYS E 52 6.87 23.45 5.87
C LYS E 52 7.01 22.16 6.66
N GLU E 53 6.84 22.24 7.98
CA GLU E 53 6.83 21.02 8.77
C GLU E 53 5.62 20.20 8.37
N ALA E 54 5.81 18.88 8.24
CA ALA E 54 4.70 18.02 7.86
C ALA E 54 4.95 16.62 8.37
N THR E 55 3.87 15.86 8.51
CA THR E 55 3.90 14.46 8.88
C THR E 55 3.36 13.65 7.71
N THR E 56 4.16 12.69 7.23
CA THR E 56 3.75 11.79 6.17
C THR E 56 4.21 10.39 6.52
N THR E 57 3.82 9.43 5.69
CA THR E 57 4.23 8.04 5.88
C THR E 57 5.55 7.86 5.13
N LEU E 58 6.58 7.40 5.85
CA LEU E 58 7.88 7.16 5.26
C LEU E 58 7.96 5.70 4.88
N PHE E 59 8.72 5.38 3.82
CA PHE E 59 8.87 4.00 3.42
C PHE E 59 10.23 3.49 3.90
N CYS E 60 10.32 2.19 4.10
CA CYS E 60 11.53 1.56 4.61
C CYS E 60 12.34 0.94 3.48
N ALA E 61 13.63 1.27 3.44
CA ALA E 61 14.56 0.74 2.46
C ALA E 61 15.69 0.02 3.20
N SER E 62 16.32 -0.93 2.52
CA SER E 62 17.46 -1.64 3.09
C SER E 62 18.39 -2.05 1.97
N ASP E 63 19.63 -2.37 2.35
CA ASP E 63 20.65 -2.77 1.39
C ASP E 63 20.40 -4.21 0.94
N ASN E 73 14.00 -13.24 7.01
CA ASN E 73 14.14 -12.13 7.93
C ASN E 73 12.97 -11.16 7.78
N VAL E 74 12.43 -10.74 8.93
CA VAL E 74 11.27 -9.85 8.94
C VAL E 74 11.62 -8.51 8.33
N TRP E 75 12.80 -7.98 8.66
CA TRP E 75 13.17 -6.65 8.17
C TRP E 75 13.59 -6.68 6.71
N ALA E 76 14.26 -7.74 6.26
CA ALA E 76 14.63 -7.78 4.86
C ALA E 76 13.38 -7.91 4.00
N THR E 77 12.39 -8.66 4.47
CA THR E 77 11.15 -8.82 3.73
C THR E 77 10.34 -7.53 3.72
N HIS E 78 10.21 -6.87 4.88
CA HIS E 78 9.43 -5.63 4.92
C HIS E 78 10.13 -4.51 4.17
N CYS E 79 11.41 -4.31 4.44
CA CYS E 79 12.16 -3.20 3.86
C CYS E 79 12.79 -3.67 2.54
N CYS E 80 11.91 -4.06 1.62
CA CYS E 80 12.31 -4.65 0.36
C CYS E 80 12.86 -3.61 -0.60
N VAL E 81 12.53 -2.34 -0.41
CA VAL E 81 12.94 -1.32 -1.37
C VAL E 81 14.45 -1.16 -1.29
N PRO E 82 15.19 -1.22 -2.40
CA PRO E 82 16.64 -1.08 -2.31
C PRO E 82 17.00 0.37 -2.02
N THR E 83 18.17 0.55 -1.43
CA THR E 83 18.67 1.89 -1.18
C THR E 83 19.44 2.36 -2.40
N ASP E 84 19.63 3.66 -2.48
CA ASP E 84 20.40 4.21 -3.57
C ASP E 84 21.90 4.08 -3.26
N PRO E 85 22.74 3.83 -4.27
CA PRO E 85 24.18 3.94 -4.03
C PRO E 85 24.51 5.42 -3.90
N SER E 86 25.52 5.72 -3.08
CA SER E 86 26.02 7.07 -2.85
C SER E 86 24.85 8.05 -2.72
N PRO E 87 24.03 7.91 -1.67
CA PRO E 87 22.83 8.76 -1.53
C PRO E 87 23.16 10.24 -1.58
N GLN E 88 22.26 11.00 -2.18
CA GLN E 88 22.42 12.43 -2.33
C GLN E 88 22.09 13.13 -1.02
N GLU E 89 22.99 14.00 -0.59
CA GLU E 89 22.85 14.85 0.59
C GLU E 89 23.30 16.23 0.16
N VAL E 90 22.50 17.25 0.47
CA VAL E 90 22.83 18.63 0.10
C VAL E 90 22.92 19.47 1.36
N VAL E 91 24.07 20.11 1.56
CA VAL E 91 24.25 20.99 2.71
C VAL E 91 23.54 22.30 2.40
N LEU E 92 22.73 22.77 3.33
CA LEU E 92 21.97 24.01 3.13
C LEU E 92 22.72 25.12 3.85
N GLU E 93 23.37 26.00 3.09
CA GLU E 93 24.13 27.07 3.70
C GLU E 93 23.19 28.17 4.20
N ASN E 94 23.56 28.78 5.32
CA ASN E 94 22.81 29.90 5.90
C ASN E 94 21.36 29.53 6.15
N VAL E 95 21.10 28.29 6.58
CA VAL E 95 19.77 27.83 6.94
C VAL E 95 19.77 27.43 8.39
N THR E 96 18.89 28.04 9.18
CA THR E 96 18.70 27.71 10.58
C THR E 96 17.34 27.04 10.67
N GLU E 97 17.29 25.86 11.30
CA GLU E 97 16.06 25.09 11.39
C GLU E 97 15.90 24.57 12.79
N ASN E 98 14.69 24.69 13.35
CA ASN E 98 14.44 24.21 14.70
C ASN E 98 14.12 22.72 14.67
N PHE E 99 14.76 21.98 15.56
CA PHE E 99 14.55 20.55 15.73
C PHE E 99 14.02 20.30 17.12
N ASN E 100 13.31 19.19 17.29
CA ASN E 100 12.86 18.78 18.62
C ASN E 100 12.74 17.26 18.60
N MET E 101 13.74 16.57 19.18
CA MET E 101 13.78 15.12 19.11
C MET E 101 12.66 14.46 19.90
N TRP E 102 11.98 15.18 20.80
CA TRP E 102 10.92 14.60 21.62
C TRP E 102 9.53 14.79 21.02
N LYS E 103 9.43 15.46 19.86
CA LYS E 103 8.18 15.70 19.16
C LYS E 103 8.31 15.22 17.72
N ASN E 104 9.26 14.32 17.48
CA ASN E 104 9.60 13.84 16.15
C ASN E 104 8.69 12.68 15.77
N ASN E 105 7.84 12.87 14.76
CA ASN E 105 6.89 11.84 14.38
C ASN E 105 7.55 10.67 13.68
N MET E 106 8.85 10.77 13.37
CA MET E 106 9.55 9.64 12.76
C MET E 106 9.73 8.54 13.79
N VAL E 107 9.79 8.93 15.07
CA VAL E 107 9.97 7.97 16.14
C VAL E 107 8.66 7.23 16.32
N GLU E 108 7.55 7.96 16.28
CA GLU E 108 6.24 7.34 16.44
C GLU E 108 5.96 6.39 15.29
N GLN E 109 6.38 6.77 14.08
CA GLN E 109 6.18 5.85 12.96
C GLN E 109 7.07 4.63 13.10
N MET E 110 8.32 4.80 13.53
CA MET E 110 9.20 3.65 13.68
C MET E 110 8.63 2.69 14.72
N HIS E 111 8.11 3.25 15.81
CA HIS E 111 7.53 2.44 16.88
C HIS E 111 6.32 1.66 16.38
N GLU E 112 5.43 2.34 15.67
CA GLU E 112 4.24 1.65 15.17
C GLU E 112 4.61 0.60 14.14
N ASP E 113 5.61 0.88 13.29
CA ASP E 113 6.00 -0.10 12.27
C ASP E 113 6.62 -1.33 12.91
N ILE E 114 7.41 -1.13 13.95
CA ILE E 114 8.05 -2.26 14.63
C ILE E 114 6.99 -3.13 15.29
N ILE E 115 6.04 -2.50 16.00
CA ILE E 115 5.00 -3.28 16.65
C ILE E 115 4.16 -4.00 15.60
N SER E 116 3.83 -3.32 14.51
CA SER E 116 3.04 -3.94 13.46
C SER E 116 3.74 -5.16 12.88
N LEU E 117 5.05 -5.06 12.60
CA LEU E 117 5.74 -6.23 12.06
C LEU E 117 5.82 -7.37 13.06
N TRP E 118 6.03 -7.06 14.33
CA TRP E 118 6.06 -8.12 15.33
C TRP E 118 4.70 -8.80 15.44
N ASP E 119 3.63 -8.02 15.35
CA ASP E 119 2.29 -8.60 15.43
C ASP E 119 1.97 -9.42 14.18
N GLN E 120 2.36 -8.93 13.00
CA GLN E 120 2.07 -9.64 11.76
C GLN E 120 2.88 -10.92 11.64
N SER E 121 4.12 -10.91 12.09
CA SER E 121 4.97 -12.09 11.94
C SER E 121 4.52 -13.26 12.79
N LEU E 122 3.71 -13.01 13.84
CA LEU E 122 3.21 -14.07 14.68
C LEU E 122 1.83 -14.57 14.27
N LYS E 123 1.19 -13.96 13.27
CA LYS E 123 -0.16 -14.34 12.91
C LYS E 123 -0.30 -15.80 12.49
N PRO E 124 0.55 -16.37 11.63
CA PRO E 124 0.37 -17.76 11.22
C PRO E 124 1.02 -18.79 12.14
N CYS E 125 1.62 -18.37 13.24
CA CYS E 125 2.44 -19.27 14.04
C CYS E 125 1.57 -20.01 15.06
N VAL E 126 2.16 -21.04 15.66
CA VAL E 126 1.44 -21.93 16.59
C VAL E 126 1.06 -21.18 17.86
N LYS E 127 -0.21 -21.30 18.25
CA LYS E 127 -0.73 -20.69 19.46
C LYS E 127 -0.67 -21.74 20.57
N LEU E 128 0.05 -21.43 21.64
CA LEU E 128 0.32 -22.40 22.71
C LEU E 128 -0.77 -22.39 23.78
N THR E 129 -1.99 -22.74 23.35
CA THR E 129 -3.13 -22.80 24.28
C THR E 129 -3.29 -24.17 24.94
N PRO E 130 -2.96 -25.32 24.33
CA PRO E 130 -3.16 -26.60 25.04
C PRO E 130 -2.12 -26.83 26.13
N LEU E 131 -1.08 -26.01 26.21
CA LEU E 131 -0.03 -26.13 27.21
C LEU E 131 -0.29 -25.37 28.50
N CYS E 132 -1.43 -24.68 28.62
CA CYS E 132 -1.74 -23.97 29.87
C CYS E 132 -2.45 -24.97 30.79
N VAL E 133 -1.64 -25.92 31.25
CA VAL E 133 -2.06 -27.07 32.04
C VAL E 133 -1.15 -27.16 33.26
N THR E 134 -1.55 -27.98 34.22
CA THR E 134 -0.71 -28.22 35.38
C THR E 134 0.55 -28.95 34.92
N LEU E 135 1.71 -28.45 35.36
CA LEU E 135 3.00 -29.04 35.02
C LEU E 135 3.63 -29.67 36.25
N ASN E 136 4.08 -30.91 36.11
CA ASN E 136 4.81 -31.60 37.17
C ASN E 136 6.29 -31.38 36.87
N CYS E 137 6.90 -30.40 37.54
CA CYS E 137 8.24 -29.92 37.21
C CYS E 137 9.21 -30.33 38.29
N THR E 138 10.34 -30.92 37.89
CA THR E 138 11.42 -31.26 38.80
C THR E 138 12.66 -30.47 38.41
N ASP E 139 13.51 -30.21 39.39
CA ASP E 139 14.74 -29.47 39.11
C ASP E 139 15.63 -30.26 38.17
N LEU E 140 16.22 -29.57 37.20
CA LEU E 140 17.10 -30.20 36.22
C LEU E 140 18.56 -30.13 36.59
N GLY E 141 18.99 -29.11 37.32
CA GLY E 141 20.40 -28.94 37.64
C GLY E 141 20.85 -29.87 38.74
N GLU E 164 20.06 -22.26 42.54
CA GLU E 164 20.60 -22.27 41.19
C GLU E 164 20.18 -23.53 40.45
N LYS E 165 20.04 -24.64 41.18
CA LYS E 165 19.65 -25.90 40.56
C LYS E 165 18.25 -25.85 39.98
N GLY E 166 17.41 -24.93 40.46
CA GLY E 166 16.03 -24.80 40.03
C GLY E 166 15.81 -23.81 38.91
N GLU E 167 16.88 -23.26 38.32
CA GLU E 167 16.70 -22.29 37.25
C GLU E 167 16.08 -22.93 36.01
N ILE E 168 16.44 -24.18 35.72
CA ILE E 168 15.88 -24.92 34.59
C ILE E 168 15.15 -26.11 35.18
N LYS E 169 13.89 -26.29 34.81
CA LYS E 169 13.07 -27.38 35.29
C LYS E 169 12.61 -28.28 34.14
N ASN E 170 12.51 -29.57 34.46
CA ASN E 170 12.03 -30.59 33.53
C ASN E 170 10.57 -30.87 33.91
N CYS E 171 9.65 -30.39 33.08
CA CYS E 171 8.22 -30.39 33.36
C CYS E 171 7.52 -31.43 32.51
N SER E 172 6.70 -32.26 33.15
CA SER E 172 5.88 -33.24 32.46
C SER E 172 4.43 -32.84 32.54
N PHE E 173 3.66 -33.19 31.52
CA PHE E 173 2.25 -32.83 31.48
C PHE E 173 1.48 -33.79 30.58
N ASN E 174 0.17 -33.84 30.80
CA ASN E 174 -0.76 -34.63 30.00
C ASN E 174 -1.43 -33.70 29.00
N ILE E 175 -1.05 -33.81 27.73
CA ILE E 175 -1.57 -32.95 26.67
C ILE E 175 -2.26 -33.79 25.62
N THR E 176 -3.45 -33.37 25.20
CA THR E 176 -4.15 -34.09 24.15
C THR E 176 -3.44 -33.78 22.85
N THR E 177 -3.15 -34.82 22.08
CA THR E 177 -2.39 -34.68 20.85
C THR E 177 -3.35 -34.43 19.67
N SER E 178 -2.85 -34.56 18.44
CA SER E 178 -3.65 -34.24 17.27
C SER E 178 -4.87 -35.15 17.16
N VAL E 179 -4.80 -36.35 17.73
CA VAL E 179 -5.93 -37.26 17.81
C VAL E 179 -6.70 -36.85 19.07
N ARG E 180 -7.98 -36.51 18.90
CA ARG E 180 -8.76 -35.92 19.98
C ARG E 180 -9.10 -36.87 21.13
N ASP E 181 -9.14 -38.18 20.92
CA ASP E 181 -9.47 -39.11 22.00
C ASP E 181 -8.25 -39.78 22.62
N LYS E 182 -7.03 -39.29 22.34
CA LYS E 182 -5.81 -39.89 22.87
C LYS E 182 -5.01 -38.83 23.64
N MET E 183 -4.74 -39.12 24.91
CA MET E 183 -3.98 -38.25 25.79
C MET E 183 -2.53 -38.71 25.74
N GLN E 184 -1.59 -37.78 25.57
CA GLN E 184 -0.17 -38.12 25.49
C GLN E 184 0.60 -37.35 26.55
N LYS E 185 1.36 -38.08 27.36
CA LYS E 185 2.24 -37.49 28.35
C LYS E 185 3.49 -37.00 27.65
N GLU E 186 3.88 -35.75 27.90
CA GLU E 186 5.02 -35.13 27.25
C GLU E 186 5.90 -34.47 28.30
N TYR E 187 7.18 -34.30 27.95
CA TYR E 187 8.17 -33.62 28.77
C TYR E 187 8.73 -32.43 28.00
N ALA E 188 8.97 -31.33 28.71
CA ALA E 188 9.54 -30.13 28.15
C ALA E 188 10.43 -29.46 29.19
N THR E 189 11.36 -28.64 28.72
CA THR E 189 12.31 -27.94 29.57
C THR E 189 11.92 -26.47 29.61
N PHE E 190 11.75 -25.92 30.81
CA PHE E 190 11.39 -24.52 30.99
C PHE E 190 12.33 -23.83 31.97
N TYR E 191 12.52 -22.53 31.77
CA TYR E 191 13.30 -21.73 32.69
C TYR E 191 12.40 -21.27 33.84
N LYS E 192 13.01 -21.10 35.02
CA LYS E 192 12.27 -20.68 36.21
C LYS E 192 11.44 -19.43 35.98
N LEU E 193 11.94 -18.48 35.19
CA LEU E 193 11.19 -17.24 35.01
C LEU E 193 9.89 -17.42 34.25
N ASP E 194 9.74 -18.53 33.53
CA ASP E 194 8.54 -18.81 32.75
C ASP E 194 7.54 -19.69 33.48
N ILE E 195 7.89 -20.15 34.67
CA ILE E 195 7.10 -21.11 35.44
C ILE E 195 6.75 -20.47 36.78
N VAL E 196 5.47 -20.49 37.14
CA VAL E 196 4.99 -19.96 38.41
C VAL E 196 4.34 -21.10 39.20
N PRO E 197 4.65 -21.28 40.49
CA PRO E 197 3.97 -22.32 41.26
C PRO E 197 2.49 -21.97 41.40
N ILE E 198 1.62 -22.97 41.36
CA ILE E 198 0.19 -22.77 41.50
C ILE E 198 -0.38 -23.42 42.76
N ASP E 199 0.03 -24.65 43.06
CA ASP E 199 -0.50 -25.41 44.18
C ASP E 199 0.50 -25.37 45.34
N ASN E 200 0.15 -26.04 46.43
CA ASN E 200 1.06 -26.14 47.56
C ASN E 200 1.99 -27.33 47.41
N ASP E 201 1.88 -28.05 46.28
CA ASP E 201 2.76 -29.15 45.94
C ASP E 201 3.99 -28.53 45.30
N ASN E 202 5.16 -28.75 45.90
CA ASN E 202 6.38 -28.09 45.44
C ASN E 202 6.72 -28.42 43.99
N ASN E 203 6.19 -29.51 43.44
CA ASN E 203 6.46 -29.93 42.07
C ASN E 203 5.35 -29.57 41.09
N SER E 204 4.32 -28.81 41.49
CA SER E 204 3.20 -28.47 40.62
C SER E 204 3.22 -27.00 40.24
N TYR E 205 3.47 -26.72 38.96
CA TYR E 205 3.64 -25.38 38.42
C TYR E 205 2.78 -25.19 37.17
N ARG E 206 2.60 -23.92 36.77
CA ARG E 206 1.93 -23.59 35.52
C ARG E 206 2.71 -22.49 34.80
N LEU E 207 2.54 -22.41 33.48
CA LEU E 207 3.22 -21.37 32.70
C LEU E 207 2.76 -19.99 33.14
N ILE E 208 3.72 -19.07 33.20
CA ILE E 208 3.45 -17.71 33.65
C ILE E 208 2.50 -17.01 32.69
N ASN E 209 1.44 -16.44 33.24
CA ASN E 209 0.43 -15.65 32.52
C ASN E 209 -0.32 -16.42 31.44
N CYS E 210 -0.25 -17.76 31.40
CA CYS E 210 -0.98 -18.44 30.32
C CYS E 210 -2.48 -18.37 30.54
N ASN E 211 -2.93 -18.11 31.77
CA ASN E 211 -4.35 -18.06 32.10
C ASN E 211 -4.96 -16.68 31.83
N THR E 212 -4.14 -15.67 31.56
CA THR E 212 -4.60 -14.31 31.30
C THR E 212 -4.13 -13.76 29.95
N SER E 213 -3.46 -14.58 29.14
CA SER E 213 -2.92 -14.12 27.87
C SER E 213 -2.79 -15.31 26.93
N VAL E 214 -2.68 -15.03 25.64
CA VAL E 214 -2.45 -16.05 24.62
C VAL E 214 -0.97 -16.02 24.28
N ILE E 215 -0.32 -17.17 24.44
CA ILE E 215 1.10 -17.33 24.19
C ILE E 215 1.23 -17.91 22.78
N THR E 216 1.87 -17.17 21.89
CA THR E 216 2.05 -17.57 20.49
C THR E 216 3.51 -17.90 20.30
N GLN E 217 3.79 -19.08 19.75
CA GLN E 217 5.16 -19.49 19.52
C GLN E 217 5.70 -18.77 18.30
N ALA E 218 6.92 -18.24 18.41
CA ALA E 218 7.52 -17.63 17.23
C ALA E 218 7.81 -18.73 16.22
N CYS E 219 7.60 -18.44 14.95
CA CYS E 219 7.92 -19.42 13.92
C CYS E 219 9.43 -19.61 13.83
N PRO E 220 9.95 -20.84 13.91
CA PRO E 220 11.42 -21.04 13.82
C PRO E 220 12.03 -20.53 12.53
N LYS E 221 11.24 -20.38 11.47
CA LYS E 221 11.73 -19.92 10.18
C LYS E 221 11.75 -18.41 10.04
N VAL E 222 11.23 -17.67 11.01
CA VAL E 222 11.13 -16.21 10.94
C VAL E 222 12.17 -15.66 11.90
N SER E 223 13.12 -14.91 11.35
CA SER E 223 14.20 -14.29 12.11
C SER E 223 13.90 -12.82 12.36
N PHE E 224 14.02 -12.40 13.61
CA PHE E 224 13.79 -11.02 14.02
C PHE E 224 15.09 -10.27 14.26
N GLU E 225 16.24 -10.81 13.84
CA GLU E 225 17.52 -10.17 14.03
C GLU E 225 17.50 -8.76 13.42
N PRO E 226 17.83 -7.71 14.18
CA PRO E 226 17.78 -6.36 13.59
C PRO E 226 18.86 -6.17 12.55
N ILE E 227 18.50 -5.50 11.47
CA ILE E 227 19.44 -5.15 10.40
C ILE E 227 19.34 -3.64 10.21
N PRO E 228 20.34 -3.00 9.60
CA PRO E 228 20.19 -1.57 9.32
C PRO E 228 19.05 -1.35 8.36
N ILE E 229 18.22 -0.34 8.66
CA ILE E 229 17.14 0.09 7.79
C ILE E 229 17.25 1.59 7.62
N HIS E 230 16.64 2.09 6.55
CA HIS E 230 16.63 3.51 6.26
C HIS E 230 15.18 3.95 6.09
N TYR E 231 14.81 5.06 6.72
CA TYR E 231 13.49 5.64 6.51
C TYR E 231 13.64 6.70 5.44
N CYS E 232 12.82 6.62 4.40
CA CYS E 232 12.93 7.47 3.23
C CYS E 232 11.62 8.21 3.00
N ALA E 233 11.74 9.47 2.65
CA ALA E 233 10.61 10.33 2.35
C ALA E 233 10.04 10.01 0.97
N PRO E 234 8.72 10.10 0.78
CA PRO E 234 8.17 9.99 -0.56
C PRO E 234 8.46 11.27 -1.33
N ALA E 235 8.37 11.19 -2.66
CA ALA E 235 8.61 12.37 -3.49
C ALA E 235 7.66 13.48 -3.06
N GLY E 236 8.21 14.70 -3.01
CA GLY E 236 7.48 15.87 -2.60
C GLY E 236 7.82 16.28 -1.18
N PHE E 237 8.51 15.41 -0.44
CA PHE E 237 8.96 15.58 0.92
C PHE E 237 10.47 15.42 0.97
N ALA E 238 11.07 15.89 2.06
CA ALA E 238 12.49 15.72 2.27
C ALA E 238 12.74 15.61 3.76
N ILE E 239 13.87 15.02 4.13
CA ILE E 239 14.26 14.89 5.53
C ILE E 239 15.43 15.83 5.77
N LEU E 240 15.29 16.72 6.74
CA LEU E 240 16.37 17.62 7.09
C LEU E 240 17.14 16.99 8.23
N LYS E 241 18.46 17.14 8.20
CA LYS E 241 19.36 16.59 9.20
C LYS E 241 20.20 17.71 9.80
N CYS E 242 20.39 17.62 11.12
CA CYS E 242 21.23 18.54 11.87
C CYS E 242 22.65 17.98 11.91
N ASN E 243 23.62 18.75 11.40
CA ASN E 243 25.01 18.35 11.34
C ASN E 243 25.86 18.95 12.45
N ASN E 244 25.23 19.44 13.51
CA ASN E 244 25.96 19.95 14.67
C ASN E 244 26.26 18.73 15.55
N LYS E 245 27.55 18.40 15.65
CA LYS E 245 28.00 17.19 16.33
C LYS E 245 27.64 17.13 17.80
N THR E 246 27.36 18.26 18.45
CA THR E 246 27.01 18.31 19.86
C THR E 246 25.61 18.82 20.10
N PHE E 247 24.75 18.76 19.08
CA PHE E 247 23.38 19.23 19.20
C PHE E 247 22.67 18.48 20.31
N ASN E 248 21.93 19.21 21.15
CA ASN E 248 21.30 18.63 22.33
C ASN E 248 19.88 18.14 22.09
N GLY E 249 19.46 18.01 20.84
CA GLY E 249 18.18 17.45 20.49
C GLY E 249 17.01 18.41 20.40
N THR E 250 17.20 19.67 20.73
CA THR E 250 16.10 20.62 20.66
C THR E 250 16.65 22.01 20.41
N GLY E 251 15.85 22.82 19.70
CA GLY E 251 16.20 24.19 19.41
C GLY E 251 16.80 24.35 18.04
N PRO E 252 17.27 25.56 17.74
CA PRO E 252 17.78 25.84 16.38
C PRO E 252 19.07 25.11 16.10
N CYS E 253 19.22 24.68 14.86
CA CYS E 253 20.44 24.07 14.33
C CYS E 253 20.83 24.89 13.11
N THR E 254 22.09 25.31 13.05
CA THR E 254 22.58 26.18 11.99
C THR E 254 23.44 25.46 10.97
N ASN E 255 23.52 24.12 11.04
CA ASN E 255 24.29 23.29 10.12
C ASN E 255 23.31 22.23 9.67
N VAL E 256 22.50 22.54 8.66
CA VAL E 256 21.39 21.70 8.23
C VAL E 256 21.63 21.25 6.81
N SER E 257 21.42 19.96 6.55
CA SER E 257 21.49 19.37 5.23
C SER E 257 20.18 18.66 4.94
N THR E 258 19.87 18.46 3.66
CA THR E 258 18.67 17.76 3.23
C THR E 258 19.06 16.44 2.59
N VAL E 259 18.37 15.37 3.01
CA VAL E 259 18.56 14.01 2.52
C VAL E 259 17.19 13.47 2.16
N GLN E 260 17.19 12.40 1.36
CA GLN E 260 15.95 11.65 1.11
C GLN E 260 15.77 10.49 2.07
N CYS E 261 16.86 9.92 2.58
CA CYS E 261 16.82 8.76 3.47
C CYS E 261 17.68 9.00 4.70
N THR E 262 17.27 8.42 5.82
CA THR E 262 18.06 8.45 7.03
C THR E 262 19.24 7.48 6.93
N HIS E 263 20.15 7.55 7.90
CA HIS E 263 21.25 6.62 7.94
C HIS E 263 20.71 5.24 8.32
N GLY E 264 21.58 4.24 8.31
CA GLY E 264 21.09 2.92 8.66
C GLY E 264 20.89 2.85 10.15
N ILE E 265 19.66 2.53 10.54
CA ILE E 265 19.25 2.43 11.94
C ILE E 265 18.91 0.97 12.21
N ARG E 266 19.47 0.40 13.27
CA ARG E 266 19.19 -0.97 13.62
C ARG E 266 18.06 -1.00 14.65
N PRO E 267 16.94 -1.70 14.39
CA PRO E 267 15.83 -1.72 15.37
C PRO E 267 16.14 -2.67 16.54
N VAL E 268 17.14 -2.31 17.33
CA VAL E 268 17.56 -3.11 18.47
C VAL E 268 16.64 -2.78 19.64
N VAL E 269 16.23 -3.82 20.37
CA VAL E 269 15.35 -3.69 21.52
C VAL E 269 16.14 -4.04 22.79
N SER E 270 16.18 -3.09 23.72
CA SER E 270 16.87 -3.24 24.99
C SER E 270 16.19 -2.32 25.99
N THR E 271 16.45 -2.55 27.29
CA THR E 271 15.83 -1.75 28.35
C THR E 271 16.73 -0.75 29.08
N GLN E 272 18.06 -0.92 29.07
CA GLN E 272 18.92 -0.01 29.83
C GLN E 272 20.07 0.53 29.02
N LEU E 273 20.77 -0.35 28.32
CA LEU E 273 21.91 0.02 27.49
C LEU E 273 21.47 -0.04 26.04
N LEU E 274 21.92 0.94 25.25
CA LEU E 274 21.58 0.99 23.83
C LEU E 274 22.70 0.26 23.11
N LEU E 275 22.35 -0.80 22.39
CA LEU E 275 23.33 -1.64 21.71
C LEU E 275 23.31 -1.39 20.21
N ASN E 276 24.50 -1.53 19.60
CA ASN E 276 24.68 -1.47 18.15
C ASN E 276 24.07 -0.20 17.55
N GLY E 277 24.21 0.91 18.25
CA GLY E 277 23.72 2.19 17.78
C GLY E 277 24.82 3.05 17.20
N SER E 278 24.51 4.34 17.04
CA SER E 278 25.47 5.29 16.52
C SER E 278 26.26 5.91 17.67
N LEU E 279 27.54 6.17 17.43
CA LEU E 279 28.38 6.87 18.40
C LEU E 279 28.41 8.36 18.12
N ALA E 280 28.61 9.13 19.18
CA ALA E 280 28.74 10.57 19.04
C ALA E 280 30.00 10.89 18.25
N GLU E 281 29.92 11.90 17.39
CA GLU E 281 31.10 12.29 16.62
C GLU E 281 32.17 12.91 17.52
N GLU E 282 31.78 13.74 18.47
CA GLU E 282 32.72 14.44 19.34
C GLU E 282 32.23 14.45 20.78
N GLU E 283 32.85 13.62 21.61
CA GLU E 283 32.56 13.51 23.04
C GLU E 283 31.19 12.90 23.32
N ILE E 284 30.87 12.70 24.59
CA ILE E 284 29.59 12.12 25.00
C ILE E 284 28.56 13.23 25.04
N VAL E 285 27.40 13.00 24.42
CA VAL E 285 26.34 14.00 24.39
C VAL E 285 25.17 13.46 25.21
N ILE E 286 24.74 14.22 26.19
CA ILE E 286 23.65 13.85 27.08
C ILE E 286 22.47 14.74 26.75
N ARG E 287 21.32 14.13 26.44
CA ARG E 287 20.13 14.84 26.03
C ARG E 287 18.97 14.51 26.96
N SER E 288 18.14 15.51 27.24
CA SER E 288 16.94 15.30 28.04
C SER E 288 15.95 16.38 27.66
N GLU E 289 14.66 16.02 27.65
CA GLU E 289 13.63 17.00 27.32
C GLU E 289 13.68 18.18 28.28
N ASN E 290 13.89 17.89 29.57
CA ASN E 290 14.00 18.92 30.59
C ASN E 290 14.84 18.31 31.70
N PHE E 291 16.05 18.83 31.92
CA PHE E 291 16.91 18.21 32.92
C PHE E 291 16.42 18.48 34.33
N THR E 292 15.83 19.65 34.56
CA THR E 292 15.32 19.98 35.89
C THR E 292 14.22 19.02 36.29
N ASP E 293 13.37 18.65 35.34
CA ASP E 293 12.24 17.74 35.60
C ASP E 293 12.80 16.32 35.60
N ASN E 294 12.86 15.70 36.78
CA ASN E 294 13.50 14.40 36.91
C ASN E 294 12.66 13.26 36.35
N GLY E 295 11.45 13.53 35.89
CA GLY E 295 10.60 12.50 35.33
C GLY E 295 10.92 12.15 33.90
N LYS E 296 11.82 12.90 33.27
CA LYS E 296 12.21 12.71 31.89
C LYS E 296 13.38 11.73 31.82
N THR E 297 13.46 11.02 30.70
CA THR E 297 14.57 10.09 30.47
C THR E 297 15.74 10.84 29.89
N ILE E 298 16.93 10.54 30.42
CA ILE E 298 18.18 11.12 29.96
C ILE E 298 18.84 10.12 29.02
N ILE E 299 19.09 10.53 27.78
CA ILE E 299 19.68 9.67 26.76
C ILE E 299 21.14 10.08 26.62
N VAL E 300 22.05 9.14 26.88
CA VAL E 300 23.49 9.38 26.84
C VAL E 300 24.02 8.72 25.58
N GLN E 301 24.59 9.51 24.67
CA GLN E 301 25.17 9.01 23.43
C GLN E 301 26.68 9.00 23.64
N LEU E 302 27.30 7.82 23.52
CA LEU E 302 28.71 7.67 23.84
C LEU E 302 29.65 8.08 22.72
N ASN E 303 30.84 8.50 23.15
CA ASN E 303 31.95 8.89 22.28
C ASN E 303 32.63 7.67 21.69
N GLU E 304 32.73 6.60 22.49
CA GLU E 304 33.36 5.34 22.14
C GLU E 304 32.43 4.22 22.59
N SER E 305 32.41 3.14 21.84
CA SER E 305 31.58 2.03 22.27
C SER E 305 32.30 1.18 23.30
N VAL E 306 31.51 0.45 24.08
CA VAL E 306 32.04 -0.54 25.04
C VAL E 306 31.56 -1.90 24.59
N GLU E 307 32.47 -2.83 24.41
CA GLU E 307 32.09 -4.15 23.91
C GLU E 307 31.53 -5.00 25.05
N ILE E 308 30.39 -5.63 24.80
CA ILE E 308 29.71 -6.50 25.74
C ILE E 308 29.57 -7.88 25.09
N ASN E 309 30.24 -8.88 25.65
CA ASN E 309 30.28 -10.24 25.09
C ASN E 309 29.41 -11.16 25.95
N CYS E 310 28.28 -11.60 25.40
CA CYS E 310 27.29 -12.38 26.13
C CYS E 310 27.30 -13.83 25.66
N THR E 311 27.22 -14.76 26.61
CA THR E 311 27.25 -16.18 26.33
C THR E 311 26.12 -16.92 27.02
N ARG E 312 25.59 -17.92 26.30
CA ARG E 312 24.61 -18.89 26.82
C ARG E 312 25.34 -20.22 26.68
N PRO E 313 26.11 -20.62 27.70
CA PRO E 313 27.03 -21.76 27.57
C PRO E 313 26.37 -23.12 27.44
N ASN E 314 25.07 -23.26 27.74
CA ASN E 314 24.46 -24.58 27.68
C ASN E 314 24.29 -25.04 26.25
N ASN E 315 24.66 -26.30 26.01
CA ASN E 315 24.54 -26.97 24.72
C ASN E 315 23.21 -27.71 24.69
N ASN E 316 22.21 -27.11 24.06
CA ASN E 316 20.84 -27.59 24.05
C ASN E 316 20.55 -28.39 22.78
N THR E 317 19.69 -29.40 22.92
CA THR E 317 19.19 -30.19 21.80
C THR E 317 17.71 -29.89 21.67
N ARG E 318 17.32 -29.35 20.52
CA ARG E 318 15.92 -29.00 20.29
C ARG E 318 15.08 -30.24 20.08
N LYS E 319 13.89 -30.24 20.67
CA LYS E 319 12.90 -31.30 20.52
C LYS E 319 11.59 -30.67 20.09
N SER E 320 10.84 -31.40 19.28
CA SER E 320 9.56 -30.94 18.76
C SER E 320 8.43 -31.80 19.29
N ILE E 321 7.46 -31.18 19.95
CA ILE E 321 6.29 -31.84 20.52
C ILE E 321 5.11 -31.46 19.65
N HIS E 322 4.40 -32.45 19.13
CA HIS E 322 3.25 -32.19 18.28
C HIS E 322 2.01 -32.04 19.14
N ILE E 323 1.39 -30.86 19.08
CA ILE E 323 0.26 -30.50 19.92
C ILE E 323 -1.01 -30.27 19.11
N GLY E 324 -1.02 -30.68 17.84
CA GLY E 324 -2.17 -30.50 17.00
C GLY E 324 -1.92 -30.97 15.58
N PRO E 325 -2.94 -30.91 14.75
CA PRO E 325 -2.81 -31.40 13.38
C PRO E 325 -1.98 -30.46 12.51
N GLY E 326 -0.66 -30.57 12.64
CA GLY E 326 0.27 -29.70 11.95
C GLY E 326 0.82 -28.55 12.78
N ARG E 327 0.63 -28.58 14.10
CA ARG E 327 1.09 -27.54 15.01
C ARG E 327 2.05 -28.19 15.99
N ALA E 328 3.33 -27.82 15.92
CA ALA E 328 4.34 -28.39 16.80
C ALA E 328 4.87 -27.35 17.76
N PHE E 329 5.12 -27.79 18.99
CA PHE E 329 5.74 -27.02 20.05
C PHE E 329 7.20 -27.40 20.13
N TYR E 330 8.10 -26.41 20.17
CA TYR E 330 9.53 -26.67 20.23
C TYR E 330 10.06 -26.38 21.62
N THR E 331 10.82 -27.32 22.16
CA THR E 331 11.42 -27.21 23.48
C THR E 331 12.81 -27.82 23.41
N THR E 332 13.45 -27.94 24.56
CA THR E 332 14.78 -28.54 24.68
C THR E 332 14.60 -29.95 25.22
N GLY E 333 15.08 -30.93 24.48
CA GLY E 333 14.94 -32.31 24.87
C GLY E 333 16.00 -32.75 25.86
N GLN E 334 17.22 -32.27 25.66
CA GLN E 334 18.32 -32.62 26.54
C GLN E 334 19.37 -31.52 26.45
N ILE E 335 20.21 -31.46 27.48
CA ILE E 335 21.35 -30.55 27.55
C ILE E 335 22.58 -31.42 27.70
N ILE E 336 23.59 -31.17 26.86
CA ILE E 336 24.82 -31.95 26.85
C ILE E 336 25.84 -31.25 27.74
N GLY E 337 26.40 -31.98 28.67
CA GLY E 337 27.37 -31.41 29.60
C GLY E 337 26.68 -30.86 30.84
N ASN E 338 27.35 -29.90 31.47
CA ASN E 338 26.90 -29.33 32.72
C ASN E 338 25.98 -28.15 32.45
N ILE E 339 25.15 -27.83 33.45
CA ILE E 339 24.32 -26.64 33.40
C ILE E 339 25.15 -25.49 33.91
N ARG E 340 25.27 -24.44 33.10
CA ARG E 340 26.09 -23.29 33.42
C ARG E 340 25.28 -22.01 33.26
N GLN E 341 25.68 -20.98 34.00
CA GLN E 341 24.98 -19.70 34.01
C GLN E 341 25.33 -18.84 32.80
N ALA E 342 24.31 -18.28 32.16
CA ALA E 342 24.52 -17.33 31.08
C ALA E 342 25.09 -16.05 31.65
N HIS E 343 25.95 -15.37 30.90
CA HIS E 343 26.52 -14.14 31.45
C HIS E 343 27.03 -13.24 30.35
N CYS E 344 27.26 -11.96 30.71
CA CYS E 344 27.86 -10.98 29.82
C CYS E 344 29.13 -10.40 30.44
N ASN E 345 30.18 -10.28 29.61
CA ASN E 345 31.48 -9.78 30.04
C ASN E 345 31.72 -8.41 29.42
N ILE E 346 31.89 -7.42 30.30
CA ILE E 346 32.14 -6.02 29.95
C ILE E 346 33.51 -5.67 30.51
N SER E 347 34.37 -5.05 29.70
CA SER E 347 35.69 -4.69 30.20
C SER E 347 35.57 -3.69 31.34
N ARG E 348 36.26 -3.96 32.45
CA ARG E 348 36.14 -3.10 33.62
C ARG E 348 36.76 -1.72 33.39
N ALA E 349 37.93 -1.66 32.74
CA ALA E 349 38.58 -0.38 32.53
C ALA E 349 37.78 0.49 31.57
N LYS E 350 37.20 -0.11 30.53
CA LYS E 350 36.45 0.69 29.57
C LYS E 350 35.19 1.24 30.21
N TRP E 351 34.50 0.43 31.01
CA TRP E 351 33.31 0.93 31.70
C TRP E 351 33.67 2.02 32.68
N ASN E 352 34.79 1.84 33.40
CA ASN E 352 35.21 2.86 34.36
C ASN E 352 35.50 4.19 33.67
N ASN E 353 36.11 4.13 32.48
CA ASN E 353 36.37 5.37 31.74
C ASN E 353 35.08 5.95 31.21
N THR E 354 34.15 5.10 30.78
CA THR E 354 32.88 5.56 30.26
C THR E 354 32.10 6.28 31.35
N LEU E 355 32.07 5.71 32.55
CA LEU E 355 31.35 6.37 33.63
C LEU E 355 32.03 7.67 34.02
N HIS E 356 33.37 7.70 34.02
CA HIS E 356 34.04 8.96 34.36
C HIS E 356 33.65 10.07 33.39
N LYS E 357 33.66 9.76 32.09
CA LYS E 357 33.30 10.75 31.08
C LYS E 357 31.83 11.18 31.21
N ILE E 358 30.94 10.22 31.49
CA ILE E 358 29.53 10.53 31.66
C ILE E 358 29.36 11.44 32.87
N VAL E 359 30.06 11.14 33.95
CA VAL E 359 29.97 11.95 35.15
C VAL E 359 30.44 13.36 34.86
N LYS E 360 31.54 13.52 34.11
CA LYS E 360 31.98 14.87 33.77
C LYS E 360 30.89 15.66 33.04
N LYS E 361 30.19 15.00 32.10
CA LYS E 361 29.14 15.73 31.39
C LYS E 361 27.92 15.98 32.27
N LEU E 362 27.59 15.04 33.15
CA LEU E 362 26.48 15.25 34.06
C LEU E 362 26.80 16.34 35.07
N ARG E 363 28.07 16.44 35.50
CA ARG E 363 28.44 17.52 36.40
C ARG E 363 28.30 18.84 35.68
N GLU E 364 28.61 18.87 34.38
CA GLU E 364 28.40 20.11 33.64
C GLU E 364 26.93 20.48 33.66
N GLN E 365 26.06 19.48 33.50
CA GLN E 365 24.62 19.74 33.57
C GLN E 365 24.15 20.01 34.99
N PHE E 366 24.71 19.29 35.98
CA PHE E 366 24.33 19.39 37.40
C PHE E 366 25.56 19.87 38.18
N ARG E 367 25.72 21.18 38.25
CA ARG E 367 26.96 21.78 38.72
C ARG E 367 27.24 21.52 40.21
N ASN E 368 28.49 21.18 40.51
CA ASN E 368 29.02 20.99 41.86
C ASN E 368 28.25 19.97 42.71
N LYS E 369 27.80 18.87 42.11
CA LYS E 369 27.13 17.82 42.87
C LYS E 369 27.81 16.47 42.71
N THR E 370 27.69 15.66 43.76
CA THR E 370 28.17 14.28 43.74
C THR E 370 27.22 13.46 42.87
N ILE E 371 27.77 12.62 42.00
CA ILE E 371 26.94 11.79 41.13
C ILE E 371 27.07 10.33 41.55
N VAL E 372 25.94 9.72 41.89
CA VAL E 372 25.88 8.35 42.36
C VAL E 372 25.02 7.55 41.41
N PHE E 373 25.52 6.38 41.00
CA PHE E 373 24.79 5.47 40.15
C PHE E 373 24.34 4.31 41.02
N LYS E 374 23.06 3.97 40.92
CA LYS E 374 22.44 2.87 41.64
C LYS E 374 21.62 2.05 40.66
N GLN E 375 21.30 0.83 41.04
CA GLN E 375 20.45 -0.01 40.21
C GLN E 375 19.00 0.43 40.36
N SER E 376 18.21 0.16 39.34
CA SER E 376 16.79 0.52 39.39
C SER E 376 16.10 -0.28 40.48
N SER E 377 15.17 0.37 41.19
CA SER E 377 14.44 -0.30 42.25
C SER E 377 13.33 -1.16 41.66
N GLY E 378 12.83 -2.08 42.48
CA GLY E 378 11.77 -2.97 42.10
C GLY E 378 12.27 -4.39 41.87
N GLY E 379 11.32 -5.33 41.83
CA GLY E 379 11.60 -6.73 41.62
C GLY E 379 11.17 -7.31 40.30
N ASP E 380 10.73 -6.49 39.34
CA ASP E 380 10.21 -6.98 38.07
C ASP E 380 11.38 -7.07 37.08
N PRO E 381 11.82 -8.28 36.66
CA PRO E 381 12.99 -8.36 35.76
C PRO E 381 12.88 -7.57 34.47
N GLU E 382 11.68 -7.20 34.06
CA GLU E 382 11.51 -6.44 32.83
C GLU E 382 12.00 -5.00 32.93
N ILE E 383 12.00 -4.41 34.13
CA ILE E 383 12.39 -3.02 34.31
C ILE E 383 13.63 -2.80 35.18
N VAL E 384 14.11 -3.79 35.93
CA VAL E 384 15.30 -3.61 36.77
C VAL E 384 16.48 -4.41 36.26
N MET E 385 16.40 -4.93 35.04
CA MET E 385 17.49 -5.71 34.45
C MET E 385 17.69 -5.26 33.03
N HIS E 386 18.89 -5.49 32.54
CA HIS E 386 19.27 -5.18 31.16
C HIS E 386 18.85 -6.34 30.31
N SER E 387 17.84 -6.14 29.45
CA SER E 387 17.35 -7.23 28.63
C SER E 387 17.69 -6.96 27.18
N PHE E 388 17.87 -8.03 26.44
CA PHE E 388 18.13 -7.90 25.01
C PHE E 388 17.88 -9.23 24.32
N ASN E 389 17.65 -9.15 23.01
CA ASN E 389 17.49 -10.32 22.16
C ASN E 389 18.78 -10.45 21.34
N CYS E 390 19.58 -11.47 21.63
CA CYS E 390 20.83 -11.62 20.89
C CYS E 390 21.10 -13.12 20.77
N GLY E 391 21.29 -13.56 19.53
CA GLY E 391 21.44 -14.96 19.24
C GLY E 391 20.11 -15.64 19.02
N GLY E 392 19.02 -14.89 19.07
CA GLY E 392 17.66 -15.36 18.92
C GLY E 392 16.96 -15.58 20.25
N GLU E 393 17.71 -15.58 21.36
CA GLU E 393 17.16 -15.73 22.70
C GLU E 393 17.22 -14.42 23.46
N PHE E 394 16.30 -14.30 24.42
CA PHE E 394 16.14 -13.12 25.25
C PHE E 394 16.89 -13.29 26.58
N PHE E 395 17.88 -12.43 26.81
CA PHE E 395 18.70 -12.44 28.00
C PHE E 395 18.20 -11.33 28.91
N TYR E 396 18.21 -11.59 30.22
CA TYR E 396 17.90 -10.60 31.26
C TYR E 396 19.06 -10.57 32.25
N CYS E 397 19.94 -9.59 32.12
CA CYS E 397 21.20 -9.53 32.83
C CYS E 397 21.13 -8.54 33.98
N ASN E 398 21.78 -8.89 35.09
CA ASN E 398 21.81 -8.05 36.29
C ASN E 398 22.94 -7.04 36.15
N SER E 399 22.58 -5.78 35.88
CA SER E 399 23.50 -4.69 35.59
C SER E 399 23.96 -3.94 36.83
N THR E 400 23.64 -4.43 38.03
CA THR E 400 24.00 -3.75 39.28
C THR E 400 25.49 -3.44 39.34
N GLN E 401 26.34 -4.33 38.84
CA GLN E 401 27.78 -4.09 38.91
C GLN E 401 28.21 -2.91 38.04
N LEU E 402 27.38 -2.49 37.09
CA LEU E 402 27.70 -1.36 36.22
C LEU E 402 27.23 -0.04 36.77
N PHE E 403 26.15 -0.05 37.55
CA PHE E 403 25.52 1.14 38.10
C PHE E 403 25.50 1.10 39.61
N ASN E 404 26.68 0.97 40.22
CA ASN E 404 26.85 0.95 41.68
C ASN E 404 28.14 1.70 41.98
N SER E 405 28.07 3.03 42.01
CA SER E 405 29.27 3.81 42.24
C SER E 405 28.93 5.21 42.73
N THR E 406 29.90 5.84 43.39
CA THR E 406 29.82 7.24 43.81
C THR E 406 31.01 7.98 43.23
N TRP E 407 30.73 9.07 42.51
CA TRP E 407 31.74 9.90 41.87
C TRP E 407 31.69 11.33 42.40
N TYR E 408 32.87 11.90 42.63
CA TYR E 408 33.06 13.25 43.09
C TYR E 408 33.71 14.06 41.97
N GLY E 409 33.91 15.35 42.21
CA GLY E 409 34.54 16.19 41.22
C GLY E 409 36.05 16.15 41.22
N ASN E 410 36.66 15.43 42.16
CA ASN E 410 38.12 15.32 42.30
C ASN E 410 38.62 13.92 41.94
N GLU E 411 37.92 13.23 41.05
CA GLU E 411 38.33 11.90 40.65
C GLU E 411 39.42 11.97 39.59
N SER E 412 40.29 10.96 39.61
CA SER E 412 41.35 10.83 38.61
C SER E 412 40.81 10.19 37.33
N SER E 413 41.59 10.34 36.27
CA SER E 413 41.28 9.75 34.96
C SER E 413 40.80 8.30 35.02
N ASN E 421 37.64 -7.72 34.04
CA ASN E 421 36.31 -8.05 33.51
C ASN E 421 35.23 -7.87 34.55
N ILE E 422 34.07 -7.42 34.09
CA ILE E 422 32.83 -7.35 34.86
C ILE E 422 31.92 -8.39 34.25
N THR E 423 31.54 -9.39 35.05
CA THR E 423 30.68 -10.47 34.57
C THR E 423 29.30 -10.28 35.17
N LEU E 424 28.32 -10.08 34.31
CA LEU E 424 26.95 -9.86 34.72
C LEU E 424 26.21 -11.18 34.61
N PRO E 425 25.60 -11.71 35.67
CA PRO E 425 24.85 -12.95 35.50
C PRO E 425 23.60 -12.64 34.69
N CYS E 426 23.17 -13.59 33.88
CA CYS E 426 21.99 -13.41 33.06
C CYS E 426 21.06 -14.60 33.21
N ARG E 427 19.77 -14.31 33.07
CA ARG E 427 18.70 -15.29 33.03
C ARG E 427 18.17 -15.34 31.61
N ILE E 428 17.60 -16.48 31.25
CA ILE E 428 16.97 -16.65 29.94
C ILE E 428 15.48 -16.82 30.20
N LYS E 429 14.66 -16.09 29.43
CA LYS E 429 13.21 -16.12 29.57
C LYS E 429 12.67 -16.45 28.19
N GLN E 430 11.76 -17.42 28.12
CA GLN E 430 11.18 -17.82 26.85
C GLN E 430 9.83 -17.18 26.53
N ILE E 431 9.06 -16.78 27.53
CA ILE E 431 7.74 -16.18 27.30
C ILE E 431 7.93 -14.69 27.49
N ILE E 432 7.86 -13.93 26.39
CA ILE E 432 8.21 -12.51 26.37
C ILE E 432 6.99 -11.68 26.02
N ASN E 433 6.59 -10.79 26.93
CA ASN E 433 5.52 -9.83 26.64
C ASN E 433 6.28 -8.59 26.14
N LEU E 434 6.74 -8.70 24.90
CA LEU E 434 7.75 -7.77 24.39
C LEU E 434 7.26 -6.32 24.32
N TRP E 435 6.00 -6.10 23.93
CA TRP E 435 5.47 -4.75 23.75
C TRP E 435 4.48 -4.35 24.83
N GLN E 436 4.48 -5.04 25.97
CA GLN E 436 3.56 -4.76 27.06
C GLN E 436 2.11 -4.81 26.58
N GLU E 437 1.78 -5.89 25.88
CA GLU E 437 0.43 -6.07 25.36
C GLU E 437 -0.47 -6.63 26.46
N VAL E 438 -1.76 -6.41 26.31
CA VAL E 438 -2.76 -6.94 27.22
C VAL E 438 -3.36 -8.18 26.56
N GLY E 439 -3.18 -9.33 27.22
CA GLY E 439 -3.70 -10.59 26.71
C GLY E 439 -2.88 -11.26 25.65
N LYS E 440 -1.60 -10.90 25.49
CA LYS E 440 -0.75 -11.50 24.48
C LYS E 440 0.66 -11.71 25.02
N ALA E 441 1.32 -12.75 24.52
CA ALA E 441 2.72 -12.99 24.81
C ALA E 441 3.30 -13.83 23.69
N MET E 442 4.61 -13.73 23.50
CA MET E 442 5.33 -14.55 22.54
C MET E 442 6.16 -15.57 23.31
N TYR E 443 6.26 -16.78 22.75
CA TYR E 443 7.15 -17.82 23.25
C TYR E 443 8.33 -17.92 22.30
N ALA E 444 9.53 -17.73 22.83
CA ALA E 444 10.75 -17.82 22.03
C ALA E 444 11.24 -19.26 22.10
N PRO E 445 11.23 -20.02 21.00
CA PRO E 445 11.65 -21.42 21.10
C PRO E 445 13.14 -21.50 21.39
N PRO E 446 13.60 -22.57 22.02
CA PRO E 446 15.04 -22.66 22.28
C PRO E 446 15.84 -22.91 21.00
N ILE E 447 17.07 -22.41 21.02
CA ILE E 447 18.06 -22.61 19.98
C ILE E 447 19.08 -23.59 20.51
N GLY E 448 19.39 -24.63 19.74
CA GLY E 448 20.31 -25.63 20.20
C GLY E 448 21.74 -25.16 20.11
N GLY E 449 22.64 -25.98 20.64
CA GLY E 449 24.02 -25.55 20.65
C GLY E 449 24.20 -24.50 21.75
N GLN E 450 25.21 -23.66 21.58
CA GLN E 450 25.56 -22.62 22.53
C GLN E 450 25.32 -21.29 21.81
N ILE E 451 25.11 -20.22 22.57
CA ILE E 451 24.90 -18.90 21.99
C ILE E 451 26.05 -17.98 22.35
N ARG E 452 26.62 -17.33 21.35
CA ARG E 452 27.68 -16.34 21.51
C ARG E 452 27.15 -15.05 20.92
N CYS E 453 27.43 -13.94 21.60
CA CYS E 453 26.97 -12.61 21.22
C CYS E 453 28.05 -11.61 21.52
N SER E 454 28.28 -10.67 20.61
CA SER E 454 29.19 -9.56 20.85
C SER E 454 28.53 -8.29 20.33
N SER E 455 28.16 -7.40 21.25
CA SER E 455 27.46 -6.17 20.90
C SER E 455 28.26 -4.97 21.39
N ASN E 456 27.97 -3.82 20.79
CA ASN E 456 28.60 -2.56 21.16
C ASN E 456 27.61 -1.73 21.96
N ILE E 457 28.03 -1.29 23.14
CA ILE E 457 27.24 -0.37 23.96
C ILE E 457 27.57 1.01 23.45
N THR E 458 26.57 1.68 22.88
CA THR E 458 26.73 2.99 22.26
C THR E 458 25.95 4.08 22.98
N GLY E 459 25.34 3.77 24.12
CA GLY E 459 24.56 4.76 24.83
C GLY E 459 23.87 4.15 26.03
N LEU E 460 23.33 5.03 26.85
CA LEU E 460 22.65 4.67 28.09
C LEU E 460 21.33 5.43 28.20
N LEU E 461 20.37 4.84 28.91
CA LEU E 461 19.17 5.52 29.35
C LEU E 461 19.24 5.64 30.86
N LEU E 462 19.21 6.86 31.39
CA LEU E 462 19.25 7.11 32.82
C LEU E 462 17.99 7.84 33.26
N THR E 463 17.54 7.53 34.47
CA THR E 463 16.45 8.22 35.13
C THR E 463 17.00 8.81 36.42
N ARG E 464 16.71 10.07 36.68
CA ARG E 464 17.20 10.72 37.90
C ARG E 464 16.12 10.66 38.96
N ASP E 465 16.53 10.37 40.19
CA ASP E 465 15.59 10.36 41.31
C ASP E 465 15.18 11.78 41.66
N GLY E 466 13.90 11.96 41.99
CA GLY E 466 13.42 13.26 42.41
C GLY E 466 13.43 13.43 43.91
N GLY E 467 13.13 14.65 44.34
CA GLY E 467 13.01 14.98 45.75
C GLY E 467 14.32 15.35 46.40
N ASN E 468 15.45 15.20 45.72
CA ASN E 468 16.77 15.48 46.30
C ASN E 468 17.15 16.93 46.09
N ASN E 469 16.34 17.83 46.64
CA ASN E 469 16.52 19.26 46.47
C ASN E 469 17.19 19.91 47.68
N ASN E 470 17.54 19.13 48.71
CA ASN E 470 18.19 19.65 49.91
C ASN E 470 19.53 18.95 50.18
N ILE E 471 20.07 18.24 49.19
CA ILE E 471 21.34 17.54 49.32
C ILE E 471 22.22 17.91 48.13
N THR E 472 23.50 17.53 48.23
CA THR E 472 24.50 17.81 47.22
C THR E 472 24.80 16.59 46.35
N THR E 473 24.00 15.52 46.45
CA THR E 473 24.20 14.30 45.69
C THR E 473 22.98 13.99 44.85
N GLU E 474 23.21 13.72 43.57
CA GLU E 474 22.18 13.31 42.61
C GLU E 474 22.26 11.80 42.45
N ILE E 475 21.10 11.14 42.34
CA ILE E 475 21.04 9.70 42.16
C ILE E 475 20.48 9.41 40.77
N PHE E 476 21.23 8.62 40.00
CA PHE E 476 20.85 8.20 38.66
C PHE E 476 20.70 6.69 38.67
N ARG E 477 19.68 6.19 37.96
CA ARG E 477 19.44 4.77 37.84
C ARG E 477 19.31 4.40 36.37
N PRO E 478 19.72 3.19 35.97
CA PRO E 478 19.55 2.81 34.56
C PRO E 478 18.09 2.57 34.22
N GLY E 479 17.76 2.80 32.97
CA GLY E 479 16.43 2.52 32.45
C GLY E 479 15.65 3.79 32.23
N GLY E 480 14.90 3.83 31.13
CA GLY E 480 14.11 4.99 30.76
C GLY E 480 12.64 4.75 31.02
N GLY E 481 11.85 5.75 30.66
CA GLY E 481 10.41 5.71 30.84
C GLY E 481 9.62 5.21 29.67
N ASP E 482 10.25 4.84 28.56
CA ASP E 482 9.51 4.41 27.39
C ASP E 482 10.41 3.55 26.51
N MET E 483 9.76 2.84 25.59
CA MET E 483 10.46 2.06 24.57
C MET E 483 10.94 2.94 23.43
N ARG E 484 10.22 4.04 23.17
CA ARG E 484 10.57 4.94 22.08
C ARG E 484 11.95 5.55 22.27
N ASP E 485 12.39 5.71 23.52
CA ASP E 485 13.68 6.33 23.79
C ASP E 485 14.84 5.59 23.14
N ASN E 486 14.69 4.30 22.85
CA ASN E 486 15.77 3.58 22.20
C ASN E 486 15.98 4.03 20.77
N TRP E 487 14.95 4.61 20.15
CA TRP E 487 14.98 5.02 18.76
C TRP E 487 15.12 6.52 18.60
N ARG E 488 14.73 7.30 19.61
CA ARG E 488 14.94 8.74 19.54
C ARG E 488 16.42 9.04 19.43
N SER E 489 17.23 8.20 20.09
CA SER E 489 18.68 8.35 20.10
C SER E 489 19.28 8.24 18.72
N GLU E 490 18.55 7.69 17.75
CA GLU E 490 19.00 7.60 16.38
C GLU E 490 18.31 8.61 15.50
N LEU E 491 17.02 8.87 15.75
CA LEU E 491 16.23 9.77 14.93
C LEU E 491 16.27 11.21 15.41
N TYR E 492 16.98 11.49 16.51
CA TYR E 492 17.02 12.84 17.08
C TYR E 492 17.49 13.91 16.10
N LYS E 493 18.28 13.55 15.09
CA LYS E 493 18.82 14.54 14.18
C LYS E 493 18.00 14.75 12.92
N TYR E 494 16.87 14.06 12.76
CA TYR E 494 16.08 14.16 11.54
C TYR E 494 14.69 14.72 11.78
N LYS E 495 14.21 15.48 10.80
CA LYS E 495 12.82 15.92 10.77
C LYS E 495 12.33 15.80 9.34
N VAL E 496 11.03 15.55 9.18
CA VAL E 496 10.42 15.44 7.86
C VAL E 496 9.74 16.76 7.52
N VAL E 497 10.00 17.28 6.33
CA VAL E 497 9.37 18.51 5.86
C VAL E 497 8.75 18.27 4.49
N LYS E 498 7.70 19.02 4.21
CA LYS E 498 7.00 19.01 2.93
C LYS E 498 7.54 20.17 2.10
N ILE E 499 7.80 19.90 0.83
CA ILE E 499 8.32 20.92 -0.08
C ILE E 499 7.14 21.70 -0.65
N GLU E 500 7.26 23.03 -0.63
CA GLU E 500 6.22 23.94 -1.12
C GLU E 500 6.83 24.71 -2.29
N PRO E 501 6.87 24.11 -3.48
CA PRO E 501 7.63 24.70 -4.60
C PRO E 501 7.00 25.91 -5.23
N LEU E 502 5.75 26.21 -4.91
CA LEU E 502 5.00 27.27 -5.56
C LEU E 502 4.84 28.45 -4.60
N GLY E 503 5.06 29.65 -5.13
CA GLY E 503 4.87 30.84 -4.33
C GLY E 503 4.76 32.03 -5.26
N VAL E 504 4.41 33.18 -4.67
CA VAL E 504 4.21 34.41 -5.42
C VAL E 504 5.02 35.53 -4.78
N ALA E 505 5.34 36.54 -5.60
CA ALA E 505 6.06 37.68 -5.06
C ALA E 505 5.83 38.90 -5.96
N PRO E 506 5.95 40.12 -5.41
CA PRO E 506 5.89 41.32 -6.24
C PRO E 506 7.17 41.44 -7.06
N THR E 507 7.03 41.85 -8.32
CA THR E 507 8.18 42.00 -9.21
C THR E 507 8.11 43.34 -9.92
N LYS E 508 9.24 43.71 -10.52
CA LYS E 508 9.37 44.96 -11.28
C LYS E 508 8.88 44.76 -12.71
N CYS E 509 7.56 44.59 -12.83
CA CYS E 509 6.91 44.35 -14.11
C CYS E 509 6.02 45.53 -14.48
N TRP F 41 14.92 17.27 -36.12
CA TRP F 41 16.26 16.68 -36.15
C TRP F 41 16.16 15.30 -35.52
N VAL F 42 15.60 15.29 -34.32
CA VAL F 42 15.19 14.10 -33.60
C VAL F 42 13.76 14.36 -33.17
N THR F 43 12.82 13.53 -33.64
CA THR F 43 11.40 13.75 -33.33
C THR F 43 10.83 12.61 -32.51
N VAL F 44 10.15 13.00 -31.43
CA VAL F 44 9.50 12.11 -30.48
C VAL F 44 8.05 11.91 -30.91
N TYR F 45 7.63 10.66 -31.00
CA TYR F 45 6.27 10.28 -31.37
C TYR F 45 5.65 9.54 -30.20
N TYR F 46 4.48 9.99 -29.75
CA TYR F 46 3.76 9.38 -28.64
C TYR F 46 2.49 8.75 -29.20
N GLY F 47 2.33 7.46 -28.97
CA GLY F 47 1.25 6.68 -29.49
C GLY F 47 1.75 5.70 -30.54
N VAL F 48 3.04 5.38 -30.50
CA VAL F 48 3.67 4.45 -31.46
C VAL F 48 3.18 3.02 -31.20
N PRO F 49 2.70 2.29 -32.25
CA PRO F 49 2.15 0.93 -32.05
C PRO F 49 3.23 -0.14 -31.86
N VAL F 50 3.99 -0.05 -30.76
CA VAL F 50 5.01 -1.04 -30.42
C VAL F 50 4.81 -1.53 -28.99
N TRP F 51 5.44 -2.65 -28.71
CA TRP F 51 5.30 -3.31 -27.42
C TRP F 51 6.55 -4.14 -27.13
N LYS F 52 6.66 -4.55 -25.86
CA LYS F 52 7.71 -5.45 -25.42
C LYS F 52 7.09 -6.49 -24.50
N GLU F 53 7.73 -7.66 -24.41
CA GLU F 53 7.22 -8.69 -23.52
C GLU F 53 7.24 -8.17 -22.09
N ALA F 54 6.16 -8.45 -21.35
CA ALA F 54 6.06 -8.01 -19.96
C ALA F 54 5.13 -8.93 -19.20
N THR F 55 5.33 -8.97 -17.88
CA THR F 55 4.48 -9.72 -16.97
C THR F 55 3.79 -8.72 -16.05
N THR F 56 2.45 -8.76 -16.04
CA THR F 56 1.65 -7.91 -15.17
C THR F 56 0.53 -8.74 -14.57
N THR F 57 -0.22 -8.12 -13.66
CA THR F 57 -1.37 -8.77 -13.06
C THR F 57 -2.55 -8.62 -13.99
N LEU F 58 -3.18 -9.75 -14.34
CA LEU F 58 -4.36 -9.76 -15.18
C LEU F 58 -5.60 -9.85 -14.32
N PHE F 59 -6.71 -9.28 -14.79
CA PHE F 59 -7.97 -9.38 -14.06
C PHE F 59 -8.81 -10.41 -14.79
N CYS F 60 -10.00 -10.69 -14.26
CA CYS F 60 -10.81 -11.78 -14.79
C CYS F 60 -12.27 -11.40 -14.94
N ALA F 61 -12.81 -11.70 -16.13
CA ALA F 61 -14.19 -11.45 -16.48
C ALA F 61 -14.89 -12.81 -16.61
N SER F 62 -16.21 -12.80 -16.43
CA SER F 62 -17.01 -14.01 -16.56
C SER F 62 -18.14 -13.84 -17.57
N ASP F 63 -19.21 -13.16 -17.16
CA ASP F 63 -20.38 -12.93 -18.00
C ASP F 63 -21.42 -12.15 -17.20
N ASN F 73 -20.22 -20.19 -8.92
CA ASN F 73 -20.38 -19.46 -7.66
C ASN F 73 -19.08 -18.77 -7.30
N VAL F 74 -18.02 -19.55 -7.07
CA VAL F 74 -16.74 -18.94 -6.72
C VAL F 74 -16.14 -18.23 -7.92
N TRP F 75 -16.32 -18.79 -9.11
CA TRP F 75 -15.81 -18.14 -10.30
C TRP F 75 -16.66 -16.95 -10.69
N ALA F 76 -17.97 -17.05 -10.52
CA ALA F 76 -18.83 -15.92 -10.87
C ALA F 76 -18.57 -14.76 -9.92
N THR F 77 -18.32 -15.07 -8.65
CA THR F 77 -18.03 -14.05 -7.66
C THR F 77 -16.66 -13.44 -7.88
N HIS F 78 -15.63 -14.27 -8.11
CA HIS F 78 -14.29 -13.76 -8.29
C HIS F 78 -14.14 -13.02 -9.61
N CYS F 79 -14.57 -13.65 -10.71
CA CYS F 79 -14.46 -13.04 -12.04
C CYS F 79 -15.73 -12.23 -12.28
N CYS F 80 -15.87 -11.18 -11.47
CA CYS F 80 -17.08 -10.36 -11.41
C CYS F 80 -17.20 -9.37 -12.55
N VAL F 81 -16.16 -9.13 -13.33
CA VAL F 81 -16.24 -8.09 -14.36
C VAL F 81 -17.04 -8.64 -15.55
N PRO F 82 -18.07 -7.93 -16.02
CA PRO F 82 -18.79 -8.40 -17.22
C PRO F 82 -17.85 -8.41 -18.42
N THR F 83 -18.10 -9.33 -19.35
CA THR F 83 -17.28 -9.39 -20.55
C THR F 83 -17.81 -8.42 -21.58
N ASP F 84 -16.96 -8.09 -22.54
CA ASP F 84 -17.36 -7.25 -23.66
C ASP F 84 -17.81 -8.12 -24.83
N PRO F 85 -19.08 -8.05 -25.26
CA PRO F 85 -19.48 -8.84 -26.42
C PRO F 85 -18.70 -8.40 -27.65
N SER F 86 -18.46 -9.35 -28.55
CA SER F 86 -17.74 -9.08 -29.81
C SER F 86 -16.44 -8.31 -29.60
N PRO F 87 -15.44 -8.91 -28.93
CA PRO F 87 -14.16 -8.22 -28.73
C PRO F 87 -13.60 -7.73 -30.06
N GLN F 88 -12.86 -6.61 -30.00
CA GLN F 88 -12.40 -5.98 -31.23
C GLN F 88 -11.54 -6.92 -32.07
N GLU F 89 -10.72 -7.75 -31.44
CA GLU F 89 -9.87 -8.74 -32.13
C GLU F 89 -9.14 -8.12 -33.33
N VAL F 90 -8.24 -7.18 -33.07
CA VAL F 90 -7.62 -6.45 -34.17
C VAL F 90 -6.53 -7.32 -34.79
N VAL F 91 -6.66 -7.54 -36.09
CA VAL F 91 -5.71 -8.33 -36.87
C VAL F 91 -4.49 -7.48 -37.18
N LEU F 92 -3.31 -8.03 -36.93
CA LEU F 92 -2.05 -7.37 -37.25
C LEU F 92 -1.64 -7.95 -38.61
N GLU F 93 -1.73 -7.12 -39.65
CA GLU F 93 -1.59 -7.60 -41.02
C GLU F 93 -0.20 -8.11 -41.39
N ASN F 94 0.87 -7.51 -40.88
CA ASN F 94 2.23 -7.89 -41.27
C ASN F 94 3.18 -7.99 -40.08
N VAL F 95 2.89 -8.87 -39.12
CA VAL F 95 3.77 -9.04 -37.96
C VAL F 95 4.07 -10.51 -37.78
N THR F 96 5.20 -10.76 -37.12
CA THR F 96 5.60 -12.09 -36.67
C THR F 96 5.95 -11.92 -35.21
N GLU F 97 5.41 -12.79 -34.36
CA GLU F 97 5.63 -12.70 -32.91
C GLU F 97 6.04 -14.06 -32.38
N ASN F 98 7.10 -14.09 -31.59
CA ASN F 98 7.57 -15.33 -31.00
C ASN F 98 6.77 -15.66 -29.76
N PHE F 99 6.26 -16.89 -29.68
CA PHE F 99 5.50 -17.38 -28.55
C PHE F 99 6.28 -18.50 -27.89
N ASN F 100 5.98 -18.76 -26.62
CA ASN F 100 6.56 -19.89 -25.90
C ASN F 100 5.56 -20.28 -24.81
N MET F 101 4.76 -21.32 -25.09
CA MET F 101 3.70 -21.70 -24.17
C MET F 101 4.21 -22.25 -22.84
N TRP F 102 5.49 -22.63 -22.74
CA TRP F 102 6.02 -23.23 -21.53
C TRP F 102 6.73 -22.22 -20.63
N LYS F 103 6.75 -20.94 -21.02
CA LYS F 103 7.34 -19.85 -20.24
C LYS F 103 6.33 -18.73 -20.10
N ASN F 104 5.05 -19.04 -20.27
CA ASN F 104 3.95 -18.09 -20.29
C ASN F 104 3.51 -17.80 -18.86
N ASN F 105 3.71 -16.58 -18.39
CA ASN F 105 3.38 -16.27 -17.01
C ASN F 105 1.88 -16.15 -16.80
N MET F 106 1.07 -16.25 -17.86
CA MET F 106 -0.37 -16.24 -17.68
C MET F 106 -0.80 -17.53 -17.02
N VAL F 107 -0.03 -18.60 -17.25
CA VAL F 107 -0.34 -19.90 -16.67
C VAL F 107 0.00 -19.86 -15.19
N GLU F 108 1.13 -19.24 -14.86
CA GLU F 108 1.54 -19.12 -13.46
C GLU F 108 0.53 -18.29 -12.69
N GLN F 109 0.01 -17.23 -13.32
CA GLN F 109 -1.00 -16.43 -12.65
C GLN F 109 -2.30 -17.20 -12.51
N MET F 110 -2.69 -17.96 -13.54
CA MET F 110 -3.93 -18.72 -13.44
C MET F 110 -3.84 -19.74 -12.32
N HIS F 111 -2.67 -20.38 -12.19
CA HIS F 111 -2.44 -21.37 -11.15
C HIS F 111 -2.54 -20.73 -9.77
N GLU F 112 -1.87 -19.60 -9.58
CA GLU F 112 -1.92 -18.93 -8.28
C GLU F 112 -3.33 -18.43 -7.97
N ASP F 113 -4.05 -17.94 -8.99
CA ASP F 113 -5.40 -17.45 -8.75
C ASP F 113 -6.33 -18.58 -8.36
N ILE F 114 -6.16 -19.76 -8.97
CA ILE F 114 -7.01 -20.89 -8.64
C ILE F 114 -6.75 -21.36 -7.22
N ILE F 115 -5.47 -21.45 -6.84
CA ILE F 115 -5.17 -21.90 -5.48
C ILE F 115 -5.67 -20.88 -4.46
N SER F 116 -5.44 -19.60 -4.72
CA SER F 116 -5.89 -18.56 -3.79
C SER F 116 -7.41 -18.57 -3.66
N LEU F 117 -8.12 -18.72 -4.78
CA LEU F 117 -9.57 -18.72 -4.74
C LEU F 117 -10.10 -19.92 -3.96
N TRP F 118 -9.50 -21.10 -4.17
CA TRP F 118 -9.94 -22.28 -3.42
C TRP F 118 -9.69 -22.09 -1.93
N ASP F 119 -8.53 -21.52 -1.58
CA ASP F 119 -8.21 -21.32 -0.18
C ASP F 119 -9.17 -20.33 0.47
N GLN F 120 -9.47 -19.23 -0.22
CA GLN F 120 -10.39 -18.25 0.35
C GLN F 120 -11.79 -18.85 0.48
N SER F 121 -12.18 -19.67 -0.49
CA SER F 121 -13.52 -20.25 -0.45
C SER F 121 -13.64 -21.22 0.71
N LEU F 122 -12.56 -21.93 1.05
CA LEU F 122 -12.62 -22.88 2.15
C LEU F 122 -12.41 -22.27 3.53
N LYS F 123 -11.75 -21.09 3.64
CA LYS F 123 -11.56 -20.50 4.96
C LYS F 123 -12.85 -20.36 5.78
N PRO F 124 -13.91 -19.70 5.27
CA PRO F 124 -15.14 -19.55 6.07
C PRO F 124 -16.04 -20.78 6.02
N CYS F 125 -15.52 -21.93 6.44
CA CYS F 125 -16.28 -23.18 6.38
C CYS F 125 -15.96 -24.02 7.62
N VAL F 126 -16.76 -25.08 7.78
CA VAL F 126 -16.67 -25.95 8.94
C VAL F 126 -15.39 -26.78 8.95
N LYS F 127 -14.68 -26.76 10.07
CA LYS F 127 -13.49 -27.56 10.27
C LYS F 127 -13.94 -28.90 10.83
N LEU F 128 -13.24 -29.98 10.46
CA LEU F 128 -13.59 -31.31 10.92
C LEU F 128 -12.66 -31.85 12.01
N THR F 129 -11.89 -30.99 12.67
CA THR F 129 -11.00 -31.43 13.74
C THR F 129 -11.68 -32.32 14.78
N PRO F 130 -12.89 -32.01 15.27
CA PRO F 130 -13.54 -32.90 16.27
C PRO F 130 -13.75 -34.33 15.81
N LEU F 131 -13.70 -34.62 14.51
CA LEU F 131 -13.90 -35.96 13.98
C LEU F 131 -12.64 -36.80 13.92
N CYS F 132 -11.49 -36.30 14.36
CA CYS F 132 -10.26 -37.09 14.31
C CYS F 132 -10.22 -37.97 15.57
N VAL F 133 -11.14 -38.93 15.58
CA VAL F 133 -11.36 -39.85 16.68
C VAL F 133 -11.42 -41.27 16.12
N THR F 134 -11.33 -42.24 17.02
CA THR F 134 -11.47 -43.64 16.61
C THR F 134 -12.85 -43.87 16.02
N LEU F 135 -12.88 -44.53 14.86
CA LEU F 135 -14.10 -44.87 14.16
C LEU F 135 -14.32 -46.38 14.19
N ASN F 136 -15.50 -46.81 14.66
CA ASN F 136 -15.86 -48.24 14.69
C ASN F 136 -16.70 -48.47 13.44
N CYS F 137 -16.10 -49.08 12.41
CA CYS F 137 -16.69 -49.16 11.08
C CYS F 137 -17.10 -50.57 10.73
N THR F 138 -18.26 -50.70 10.07
CA THR F 138 -18.73 -51.94 9.50
C THR F 138 -18.90 -51.74 8.00
N ASP F 139 -19.12 -52.85 7.28
CA ASP F 139 -19.21 -52.83 5.83
C ASP F 139 -20.66 -52.78 5.37
N LEU F 140 -20.91 -52.05 4.28
CA LEU F 140 -22.22 -52.00 3.64
C LEU F 140 -22.18 -52.81 2.36
N GLY F 141 -23.27 -53.51 2.08
CA GLY F 141 -23.40 -54.27 0.84
C GLY F 141 -22.67 -55.59 0.92
N GLU F 164 -16.37 -53.26 -4.51
CA GLU F 164 -17.54 -53.54 -3.69
C GLU F 164 -17.14 -54.41 -2.50
N LYS F 165 -18.12 -54.74 -1.65
CA LYS F 165 -17.90 -55.56 -0.46
C LYS F 165 -16.83 -54.96 0.45
N GLY F 166 -17.11 -53.74 0.92
CA GLY F 166 -16.19 -53.01 1.77
C GLY F 166 -15.71 -51.68 1.21
N GLU F 167 -16.24 -51.26 0.06
CA GLU F 167 -15.85 -49.97 -0.49
C GLU F 167 -16.42 -48.82 0.32
N ILE F 168 -17.63 -48.98 0.85
CA ILE F 168 -18.31 -47.98 1.65
C ILE F 168 -18.50 -48.55 3.04
N LYS F 169 -18.09 -47.81 4.07
CA LYS F 169 -18.20 -48.23 5.45
C LYS F 169 -19.11 -47.32 6.26
N ASN F 170 -19.83 -47.93 7.20
CA ASN F 170 -20.72 -47.25 8.13
C ASN F 170 -20.00 -47.19 9.48
N CYS F 171 -19.51 -46.00 9.83
CA CYS F 171 -18.62 -45.79 10.96
C CYS F 171 -19.35 -45.06 12.08
N SER F 172 -19.20 -45.57 13.31
CA SER F 172 -19.77 -44.94 14.50
C SER F 172 -18.66 -44.34 15.37
N PHE F 173 -19.00 -43.26 16.06
CA PHE F 173 -18.03 -42.59 16.94
C PHE F 173 -18.74 -41.74 17.98
N ASN F 174 -18.00 -41.42 19.05
CA ASN F 174 -18.47 -40.56 20.13
C ASN F 174 -17.95 -39.15 19.90
N ILE F 175 -18.83 -38.22 19.54
CA ILE F 175 -18.45 -36.84 19.25
C ILE F 175 -19.26 -35.86 20.10
N THR F 176 -18.58 -34.85 20.63
CA THR F 176 -19.24 -33.81 21.40
C THR F 176 -20.11 -33.00 20.44
N THR F 177 -21.36 -32.75 20.83
CA THR F 177 -22.29 -32.03 19.97
C THR F 177 -22.21 -30.52 20.21
N SER F 178 -23.13 -29.77 19.58
CA SER F 178 -23.08 -28.32 19.57
C SER F 178 -23.16 -27.73 20.98
N VAL F 179 -23.80 -28.43 21.90
CA VAL F 179 -23.88 -28.00 23.30
C VAL F 179 -22.73 -28.70 24.00
N ARG F 180 -21.78 -27.93 24.53
CA ARG F 180 -20.49 -28.51 24.94
C ARG F 180 -20.56 -29.11 26.35
N ASP F 181 -21.44 -30.09 26.50
CA ASP F 181 -21.53 -30.88 27.73
C ASP F 181 -22.14 -32.26 27.51
N LYS F 182 -22.52 -32.59 26.26
CA LYS F 182 -23.15 -33.86 25.91
C LYS F 182 -22.32 -34.59 24.87
N MET F 183 -21.92 -35.82 25.18
CA MET F 183 -21.20 -36.66 24.24
C MET F 183 -22.27 -37.46 23.52
N GLN F 184 -22.28 -37.41 22.19
CA GLN F 184 -23.31 -38.08 21.39
C GLN F 184 -22.69 -39.06 20.42
N LYS F 185 -23.18 -40.28 20.45
CA LYS F 185 -22.76 -41.31 19.51
C LYS F 185 -23.44 -41.03 18.17
N GLU F 186 -22.65 -40.98 17.11
CA GLU F 186 -23.14 -40.66 15.77
C GLU F 186 -22.63 -41.71 14.80
N TYR F 187 -23.34 -41.84 13.68
CA TYR F 187 -22.98 -42.70 12.59
C TYR F 187 -22.80 -41.86 11.33
N ALA F 188 -21.79 -42.21 10.54
CA ALA F 188 -21.49 -41.52 9.29
C ALA F 188 -20.99 -42.53 8.28
N THR F 189 -21.15 -42.21 7.00
CA THR F 189 -20.75 -43.09 5.92
C THR F 189 -19.48 -42.54 5.30
N PHE F 190 -18.43 -43.38 5.21
CA PHE F 190 -17.16 -42.99 4.62
C PHE F 190 -16.74 -43.99 3.56
N TYR F 191 -15.97 -43.50 2.58
CA TYR F 191 -15.41 -44.37 1.56
C TYR F 191 -14.09 -44.94 2.04
N LYS F 192 -13.78 -46.15 1.58
CA LYS F 192 -12.55 -46.83 1.96
C LYS F 192 -11.30 -45.97 1.74
N LEU F 193 -11.27 -45.18 0.67
CA LEU F 193 -10.08 -44.38 0.40
C LEU F 193 -9.82 -43.30 1.42
N ASP F 194 -10.83 -42.92 2.21
CA ASP F 194 -10.71 -41.87 3.21
C ASP F 194 -10.47 -42.41 4.62
N ILE F 195 -10.43 -43.73 4.78
CA ILE F 195 -10.36 -44.39 6.06
C ILE F 195 -9.09 -45.25 6.12
N VAL F 196 -8.32 -45.08 7.20
CA VAL F 196 -7.09 -45.84 7.44
C VAL F 196 -7.25 -46.66 8.70
N PRO F 197 -6.89 -47.95 8.71
CA PRO F 197 -6.99 -48.75 9.95
C PRO F 197 -6.12 -48.21 11.10
N ILE F 198 -6.63 -48.36 12.32
CA ILE F 198 -5.87 -48.01 13.53
C ILE F 198 -5.32 -49.26 14.20
N ASP F 199 -6.19 -50.22 14.47
CA ASP F 199 -5.89 -51.44 15.19
C ASP F 199 -5.89 -52.61 14.19
N ASN F 200 -5.65 -53.81 14.72
CA ASN F 200 -5.60 -55.01 13.90
C ASN F 200 -6.88 -55.83 13.97
N ASP F 201 -7.96 -55.25 14.55
CA ASP F 201 -9.23 -55.94 14.68
C ASP F 201 -10.15 -55.75 13.47
N ASN F 202 -9.71 -54.97 12.47
CA ASN F 202 -10.44 -54.66 11.24
C ASN F 202 -11.72 -53.85 11.49
N ASN F 203 -11.88 -53.27 12.68
CA ASN F 203 -13.03 -52.44 13.02
C ASN F 203 -12.67 -51.01 13.38
N SER F 204 -11.49 -50.78 13.97
CA SER F 204 -11.10 -49.46 14.45
C SER F 204 -10.32 -48.71 13.39
N TYR F 205 -10.89 -47.61 12.89
CA TYR F 205 -10.32 -46.83 11.80
C TYR F 205 -10.25 -45.35 12.18
N ARG F 206 -9.43 -44.61 11.42
CA ARG F 206 -9.24 -43.18 11.57
C ARG F 206 -9.33 -42.52 10.20
N LEU F 207 -9.61 -41.22 10.18
CA LEU F 207 -9.58 -40.50 8.91
C LEU F 207 -8.15 -40.53 8.37
N ILE F 208 -8.05 -40.64 7.04
CA ILE F 208 -6.79 -40.90 6.33
C ILE F 208 -5.63 -40.01 6.77
N ASN F 209 -5.87 -38.71 7.00
CA ASN F 209 -4.77 -37.83 7.41
C ASN F 209 -5.16 -36.83 8.50
N CYS F 210 -6.12 -37.14 9.36
CA CYS F 210 -6.56 -36.12 10.30
C CYS F 210 -5.54 -35.81 11.39
N ASN F 211 -4.58 -36.71 11.64
CA ASN F 211 -3.61 -36.45 12.70
C ASN F 211 -2.46 -35.58 12.23
N THR F 212 -2.30 -35.40 10.91
CA THR F 212 -1.19 -34.63 10.33
C THR F 212 -1.67 -33.44 9.51
N SER F 213 -2.96 -33.19 9.45
CA SER F 213 -3.50 -32.12 8.61
C SER F 213 -4.82 -31.65 9.19
N VAL F 214 -5.24 -30.47 8.75
CA VAL F 214 -6.55 -29.92 9.11
C VAL F 214 -7.48 -30.15 7.93
N ILE F 215 -8.56 -30.88 8.18
CA ILE F 215 -9.55 -31.20 7.17
C ILE F 215 -10.67 -30.17 7.30
N THR F 216 -10.94 -29.45 6.22
CA THR F 216 -11.97 -28.41 6.20
C THR F 216 -13.09 -28.88 5.30
N GLN F 217 -14.32 -28.79 5.79
CA GLN F 217 -15.47 -29.19 4.99
C GLN F 217 -15.81 -28.08 4.00
N ALA F 218 -16.03 -28.45 2.74
CA ALA F 218 -16.44 -27.44 1.77
C ALA F 218 -17.84 -26.97 2.15
N CYS F 219 -18.08 -25.68 2.01
CA CYS F 219 -19.42 -25.17 2.29
C CYS F 219 -20.42 -25.71 1.25
N PRO F 220 -21.52 -26.34 1.67
CA PRO F 220 -22.50 -26.84 0.68
C PRO F 220 -23.10 -25.76 -0.21
N LYS F 221 -23.05 -24.50 0.20
CA LYS F 221 -23.62 -23.39 -0.56
C LYS F 221 -22.63 -22.76 -1.51
N VAL F 222 -21.39 -23.24 -1.56
CA VAL F 222 -20.33 -22.70 -2.40
C VAL F 222 -20.06 -23.75 -3.47
N SER F 223 -20.29 -23.38 -4.73
CA SER F 223 -20.09 -24.26 -5.87
C SER F 223 -18.78 -23.96 -6.58
N PHE F 224 -18.00 -25.02 -6.83
CA PHE F 224 -16.72 -24.94 -7.49
C PHE F 224 -16.81 -25.36 -8.95
N GLU F 225 -18.01 -25.49 -9.50
CA GLU F 225 -18.19 -25.91 -10.89
C GLU F 225 -17.42 -24.97 -11.84
N PRO F 226 -16.54 -25.49 -12.71
CA PRO F 226 -15.87 -24.62 -13.67
C PRO F 226 -16.86 -23.95 -14.61
N ILE F 227 -16.60 -22.67 -14.89
CA ILE F 227 -17.38 -21.90 -15.85
C ILE F 227 -16.37 -21.24 -16.78
N PRO F 228 -16.77 -20.84 -17.98
CA PRO F 228 -15.83 -20.08 -18.81
C PRO F 228 -15.46 -18.77 -18.13
N ILE F 229 -14.16 -18.48 -18.14
CA ILE F 229 -13.64 -17.22 -17.64
C ILE F 229 -12.72 -16.64 -18.70
N HIS F 230 -12.50 -15.33 -18.62
CA HIS F 230 -11.65 -14.64 -19.58
C HIS F 230 -10.61 -13.85 -18.81
N TYR F 231 -9.34 -14.02 -19.15
CA TYR F 231 -8.27 -13.26 -18.54
C TYR F 231 -8.04 -12.00 -19.37
N CYS F 232 -8.08 -10.85 -18.70
CA CYS F 232 -8.06 -9.56 -19.36
C CYS F 232 -6.87 -8.74 -18.89
N ALA F 233 -6.24 -8.07 -19.82
CA ALA F 233 -5.09 -7.22 -19.54
C ALA F 233 -5.53 -5.87 -18.97
N PRO F 234 -4.76 -5.30 -18.04
CA PRO F 234 -5.06 -3.94 -17.57
C PRO F 234 -4.64 -2.93 -18.63
N ALA F 235 -5.14 -1.70 -18.48
CA ALA F 235 -4.79 -0.64 -19.41
C ALA F 235 -3.28 -0.49 -19.47
N GLY F 236 -2.78 -0.31 -20.69
CA GLY F 236 -1.37 -0.17 -20.95
C GLY F 236 -0.74 -1.45 -21.47
N PHE F 237 -1.47 -2.56 -21.39
CA PHE F 237 -1.04 -3.89 -21.82
C PHE F 237 -2.05 -4.42 -22.82
N ALA F 238 -1.63 -5.42 -23.60
CA ALA F 238 -2.49 -6.06 -24.57
C ALA F 238 -2.14 -7.54 -24.62
N ILE F 239 -3.10 -8.37 -25.03
CA ILE F 239 -2.85 -9.80 -25.17
C ILE F 239 -2.76 -10.10 -26.66
N LEU F 240 -1.66 -10.71 -27.08
CA LEU F 240 -1.47 -11.09 -28.46
C LEU F 240 -1.86 -12.56 -28.57
N LYS F 241 -2.69 -12.88 -29.55
CA LYS F 241 -3.20 -14.23 -29.78
C LYS F 241 -2.65 -14.75 -31.11
N CYS F 242 -2.12 -15.97 -31.08
CA CYS F 242 -1.68 -16.63 -32.30
C CYS F 242 -2.87 -17.31 -32.93
N ASN F 243 -3.17 -16.98 -34.19
CA ASN F 243 -4.30 -17.53 -34.92
C ASN F 243 -3.88 -18.56 -35.96
N ASN F 244 -2.68 -19.13 -35.83
CA ASN F 244 -2.22 -20.20 -36.71
C ASN F 244 -2.78 -21.50 -36.14
N LYS F 245 -3.68 -22.12 -36.91
CA LYS F 245 -4.43 -23.30 -36.46
C LYS F 245 -3.54 -24.48 -36.07
N THR F 246 -2.33 -24.59 -36.61
CA THR F 246 -1.44 -25.71 -36.33
C THR F 246 -0.18 -25.30 -35.58
N PHE F 247 -0.19 -24.14 -34.93
CA PHE F 247 0.98 -23.66 -34.20
C PHE F 247 1.35 -24.65 -33.10
N ASN F 248 2.65 -24.94 -32.97
CA ASN F 248 3.14 -25.95 -32.04
C ASN F 248 3.47 -25.38 -30.67
N GLY F 249 3.03 -24.17 -30.37
CA GLY F 249 3.19 -23.58 -29.05
C GLY F 249 4.49 -22.87 -28.80
N THR F 250 5.39 -22.82 -29.78
CA THR F 250 6.67 -22.15 -29.60
C THR F 250 7.14 -21.66 -30.95
N GLY F 251 7.90 -20.56 -30.92
CA GLY F 251 8.46 -20.01 -32.13
C GLY F 251 7.59 -18.95 -32.76
N PRO F 252 7.99 -18.48 -33.94
CA PRO F 252 7.26 -17.36 -34.58
C PRO F 252 5.88 -17.76 -35.06
N CYS F 253 4.93 -16.86 -34.85
CA CYS F 253 3.57 -16.96 -35.36
C CYS F 253 3.41 -15.78 -36.31
N THR F 254 3.05 -16.05 -37.56
CA THR F 254 2.96 -15.02 -38.60
C THR F 254 1.53 -14.58 -38.89
N ASN F 255 0.57 -15.00 -38.08
CA ASN F 255 -0.85 -14.65 -38.26
C ASN F 255 -1.30 -14.42 -36.82
N VAL F 256 -1.11 -13.19 -36.34
CA VAL F 256 -1.25 -12.78 -34.94
C VAL F 256 -2.24 -11.62 -34.83
N SER F 257 -3.14 -11.68 -33.85
CA SER F 257 -4.11 -10.62 -33.61
C SER F 257 -3.99 -10.12 -32.17
N THR F 258 -4.51 -8.93 -31.92
CA THR F 258 -4.50 -8.31 -30.60
C THR F 258 -5.89 -8.34 -29.98
N VAL F 259 -5.99 -8.83 -28.74
CA VAL F 259 -7.25 -8.89 -28.01
C VAL F 259 -7.08 -8.25 -26.64
N GLN F 260 -8.22 -7.86 -26.07
CA GLN F 260 -8.28 -7.36 -24.71
C GLN F 260 -8.33 -8.50 -23.70
N CYS F 261 -9.02 -9.58 -24.06
CA CYS F 261 -9.23 -10.72 -23.16
C CYS F 261 -9.08 -12.02 -23.94
N THR F 262 -8.77 -13.08 -23.21
CA THR F 262 -8.69 -14.43 -23.78
C THR F 262 -10.08 -15.00 -24.02
N HIS F 263 -10.11 -16.15 -24.70
CA HIS F 263 -11.36 -16.84 -24.94
C HIS F 263 -11.87 -17.41 -23.63
N GLY F 264 -13.06 -18.01 -23.65
CA GLY F 264 -13.56 -18.55 -22.41
C GLY F 264 -12.82 -19.83 -22.10
N ILE F 265 -12.20 -19.87 -20.93
CA ILE F 265 -11.41 -21.01 -20.46
C ILE F 265 -12.10 -21.56 -19.22
N ARG F 266 -12.34 -22.87 -19.21
CA ARG F 266 -12.97 -23.48 -18.06
C ARG F 266 -11.89 -24.02 -17.14
N PRO F 267 -11.81 -23.62 -15.86
CA PRO F 267 -10.75 -24.14 -14.96
C PRO F 267 -11.08 -25.54 -14.48
N VAL F 268 -11.06 -26.49 -15.42
CA VAL F 268 -11.37 -27.89 -15.12
C VAL F 268 -10.13 -28.52 -14.52
N VAL F 269 -10.32 -29.25 -13.42
CA VAL F 269 -9.26 -29.94 -12.70
C VAL F 269 -9.32 -31.42 -13.04
N SER F 270 -8.23 -31.94 -13.60
CA SER F 270 -8.13 -33.35 -13.96
C SER F 270 -6.66 -33.72 -13.96
N THR F 271 -6.37 -35.04 -13.92
CA THR F 271 -4.99 -35.51 -13.91
C THR F 271 -4.46 -36.18 -15.18
N GLN F 272 -5.32 -36.72 -16.06
CA GLN F 272 -4.81 -37.42 -17.24
C GLN F 272 -5.43 -36.94 -18.54
N LEU F 273 -6.73 -36.77 -18.56
CA LEU F 273 -7.46 -36.31 -19.72
C LEU F 273 -7.89 -34.88 -19.49
N LEU F 274 -7.91 -34.09 -20.57
CA LEU F 274 -8.36 -32.70 -20.51
C LEU F 274 -9.82 -32.70 -20.93
N LEU F 275 -10.69 -32.25 -20.03
CA LEU F 275 -12.12 -32.25 -20.25
C LEU F 275 -12.64 -30.85 -20.49
N ASN F 276 -13.67 -30.75 -21.34
CA ASN F 276 -14.39 -29.51 -21.62
C ASN F 276 -13.45 -28.39 -22.05
N GLY F 277 -12.43 -28.72 -22.82
CA GLY F 277 -11.49 -27.74 -23.34
C GLY F 277 -11.79 -27.35 -24.77
N SER F 278 -10.81 -26.73 -25.41
CA SER F 278 -10.96 -26.30 -26.79
C SER F 278 -10.47 -27.40 -27.71
N LEU F 279 -11.09 -27.51 -28.88
CA LEU F 279 -10.66 -28.43 -29.91
C LEU F 279 -9.78 -27.75 -30.95
N ALA F 280 -8.91 -28.54 -31.58
CA ALA F 280 -8.11 -28.04 -32.68
C ALA F 280 -9.01 -27.77 -33.87
N GLU F 281 -8.66 -26.74 -34.66
CA GLU F 281 -9.48 -26.40 -35.81
C GLU F 281 -9.39 -27.42 -36.94
N GLU F 282 -8.19 -27.92 -37.26
CA GLU F 282 -8.01 -28.80 -38.42
C GLU F 282 -7.41 -30.17 -38.15
N GLU F 283 -6.54 -30.32 -37.16
CA GLU F 283 -5.85 -31.58 -36.95
C GLU F 283 -5.48 -31.72 -35.48
N ILE F 284 -5.16 -32.94 -35.07
CA ILE F 284 -4.69 -33.14 -33.71
C ILE F 284 -3.30 -32.54 -33.62
N VAL F 285 -3.07 -31.70 -32.62
CA VAL F 285 -1.78 -31.02 -32.46
C VAL F 285 -1.13 -31.56 -31.19
N ILE F 286 0.06 -32.10 -31.34
CA ILE F 286 0.82 -32.69 -30.24
C ILE F 286 1.93 -31.69 -29.94
N ARG F 287 2.00 -31.22 -28.70
CA ARG F 287 2.96 -30.20 -28.30
C ARG F 287 3.83 -30.71 -27.16
N SER F 288 5.10 -30.36 -27.21
CA SER F 288 6.02 -30.69 -26.13
C SER F 288 7.16 -29.68 -26.15
N GLU F 289 7.63 -29.31 -24.97
CA GLU F 289 8.74 -28.37 -24.88
C GLU F 289 9.96 -28.92 -25.62
N ASN F 290 10.19 -30.22 -25.51
CA ASN F 290 11.30 -30.89 -26.18
C ASN F 290 10.85 -32.33 -26.38
N PHE F 291 10.54 -32.71 -27.62
CA PHE F 291 9.99 -34.04 -27.86
C PHE F 291 10.98 -35.15 -27.55
N THR F 292 12.27 -34.88 -27.65
CA THR F 292 13.27 -35.91 -27.39
C THR F 292 13.65 -35.99 -25.92
N ASP F 293 13.10 -35.10 -25.09
CA ASP F 293 13.35 -35.09 -23.64
C ASP F 293 12.21 -35.86 -22.99
N ASN F 294 12.52 -37.02 -22.41
CA ASN F 294 11.48 -37.87 -21.84
C ASN F 294 10.88 -37.29 -20.56
N GLY F 295 11.46 -36.24 -20.01
CA GLY F 295 10.98 -35.60 -18.80
C GLY F 295 9.95 -34.52 -19.00
N LYS F 296 9.56 -34.22 -20.23
CA LYS F 296 8.59 -33.17 -20.54
C LYS F 296 7.25 -33.78 -20.90
N THR F 297 6.18 -33.14 -20.44
CA THR F 297 4.83 -33.58 -20.72
C THR F 297 4.47 -33.28 -22.17
N ILE F 298 3.83 -34.25 -22.81
CA ILE F 298 3.30 -34.10 -24.16
C ILE F 298 1.82 -33.80 -24.03
N ILE F 299 1.39 -32.67 -24.57
CA ILE F 299 -0.01 -32.23 -24.51
C ILE F 299 -0.61 -32.49 -25.89
N VAL F 300 -1.63 -33.33 -25.95
CA VAL F 300 -2.28 -33.70 -27.21
C VAL F 300 -3.61 -32.96 -27.25
N GLN F 301 -3.78 -32.10 -28.25
CA GLN F 301 -5.02 -31.35 -28.44
C GLN F 301 -5.80 -32.00 -29.56
N LEU F 302 -7.00 -32.49 -29.24
CA LEU F 302 -7.79 -33.22 -30.21
C LEU F 302 -8.54 -32.26 -31.12
N ASN F 303 -8.82 -32.69 -32.35
CA ASN F 303 -9.61 -31.90 -33.28
C ASN F 303 -11.08 -32.33 -33.30
N GLU F 304 -11.44 -33.33 -32.50
CA GLU F 304 -12.79 -33.84 -32.37
C GLU F 304 -12.88 -34.38 -30.96
N SER F 305 -13.95 -34.05 -30.24
CA SER F 305 -14.04 -34.50 -28.87
C SER F 305 -14.53 -35.94 -28.77
N VAL F 306 -14.28 -36.55 -27.62
CA VAL F 306 -14.80 -37.87 -27.29
C VAL F 306 -15.70 -37.73 -26.06
N GLU F 307 -16.91 -38.27 -26.15
CA GLU F 307 -17.85 -38.11 -25.04
C GLU F 307 -17.53 -39.13 -23.95
N ILE F 308 -17.43 -38.64 -22.72
CA ILE F 308 -17.17 -39.45 -21.52
C ILE F 308 -18.32 -39.21 -20.55
N ASN F 309 -19.09 -40.26 -20.26
CA ASN F 309 -20.30 -40.15 -19.45
C ASN F 309 -20.10 -40.89 -18.14
N CYS F 310 -19.88 -40.14 -17.07
CA CYS F 310 -19.53 -40.67 -15.75
C CYS F 310 -20.74 -40.57 -14.84
N THR F 311 -20.94 -41.58 -13.99
CA THR F 311 -22.08 -41.54 -13.08
C THR F 311 -21.76 -42.17 -11.73
N ARG F 312 -22.52 -41.73 -10.71
CA ARG F 312 -22.53 -42.30 -9.38
C ARG F 312 -23.98 -42.73 -9.19
N PRO F 313 -24.32 -43.98 -9.53
CA PRO F 313 -25.72 -44.43 -9.53
C PRO F 313 -26.33 -44.59 -8.15
N ASN F 314 -25.55 -44.62 -7.08
CA ASN F 314 -26.12 -44.84 -5.76
C ASN F 314 -26.99 -43.66 -5.35
N ASN F 315 -28.23 -43.97 -4.97
CA ASN F 315 -29.23 -42.97 -4.57
C ASN F 315 -29.06 -42.72 -3.08
N ASN F 316 -28.40 -41.61 -2.75
CA ASN F 316 -28.04 -41.30 -1.37
C ASN F 316 -29.02 -40.32 -0.73
N THR F 317 -29.34 -40.58 0.54
CA THR F 317 -30.09 -39.67 1.39
C THR F 317 -29.10 -39.10 2.39
N ARG F 318 -28.97 -37.78 2.37
CA ARG F 318 -28.00 -37.06 3.19
C ARG F 318 -28.60 -36.65 4.53
N LYS F 319 -27.75 -36.67 5.57
CA LYS F 319 -28.12 -36.21 6.90
C LYS F 319 -27.02 -35.30 7.42
N SER F 320 -27.38 -34.45 8.38
CA SER F 320 -26.44 -33.55 9.04
C SER F 320 -26.11 -34.04 10.44
N ILE F 321 -24.84 -33.91 10.81
CA ILE F 321 -24.37 -34.15 12.17
C ILE F 321 -23.81 -32.82 12.66
N HIS F 322 -24.36 -32.30 13.75
CA HIS F 322 -23.92 -31.02 14.27
C HIS F 322 -22.79 -31.24 15.28
N ILE F 323 -21.68 -30.54 15.06
CA ILE F 323 -20.48 -30.67 15.87
C ILE F 323 -20.07 -29.34 16.51
N GLY F 324 -20.95 -28.35 16.52
CA GLY F 324 -20.64 -27.07 17.08
C GLY F 324 -21.78 -26.10 16.92
N PRO F 325 -21.61 -24.88 17.43
CA PRO F 325 -22.70 -23.90 17.40
C PRO F 325 -22.90 -23.38 15.98
N GLY F 326 -23.57 -24.18 15.16
CA GLY F 326 -23.78 -23.86 13.75
C GLY F 326 -22.80 -24.54 12.81
N ARG F 327 -22.02 -25.50 13.30
CA ARG F 327 -21.03 -26.22 12.52
C ARG F 327 -21.59 -27.62 12.27
N ALA F 328 -22.12 -27.83 11.07
CA ALA F 328 -22.73 -29.10 10.71
C ALA F 328 -21.81 -29.91 9.81
N PHE F 329 -21.63 -31.17 10.16
CA PHE F 329 -20.91 -32.14 9.36
C PHE F 329 -21.92 -32.87 8.49
N TYR F 330 -21.65 -32.96 7.19
CA TYR F 330 -22.56 -33.60 6.25
C TYR F 330 -22.01 -34.97 5.86
N THR F 331 -22.87 -35.97 5.94
CA THR F 331 -22.53 -37.35 5.62
C THR F 331 -23.75 -37.98 4.98
N THR F 332 -23.54 -39.12 4.32
CA THR F 332 -24.67 -39.84 3.76
C THR F 332 -25.39 -40.54 4.90
N GLY F 333 -26.70 -40.32 4.98
CA GLY F 333 -27.48 -40.91 6.04
C GLY F 333 -27.85 -42.34 5.71
N GLN F 334 -28.32 -42.56 4.48
CA GLN F 334 -28.66 -43.91 4.06
C GLN F 334 -28.55 -44.00 2.54
N ILE F 335 -28.35 -45.22 2.06
CA ILE F 335 -28.30 -45.50 0.63
C ILE F 335 -29.55 -46.31 0.30
N ILE F 336 -30.33 -45.83 -0.67
CA ILE F 336 -31.58 -46.46 -1.06
C ILE F 336 -31.28 -47.40 -2.22
N GLY F 337 -31.74 -48.64 -2.09
CA GLY F 337 -31.47 -49.63 -3.11
C GLY F 337 -30.13 -50.29 -2.89
N ASN F 338 -29.58 -50.82 -3.97
CA ASN F 338 -28.34 -51.57 -3.91
C ASN F 338 -27.16 -50.63 -4.10
N ILE F 339 -26.01 -51.04 -3.56
CA ILE F 339 -24.76 -50.32 -3.77
C ILE F 339 -24.19 -50.75 -5.12
N ARG F 340 -23.85 -49.78 -5.95
CA ARG F 340 -23.35 -50.02 -7.29
C ARG F 340 -22.03 -49.28 -7.49
N GLN F 341 -21.26 -49.77 -8.46
CA GLN F 341 -19.98 -49.15 -8.81
C GLN F 341 -20.20 -47.90 -9.64
N ALA F 342 -19.47 -46.84 -9.30
CA ALA F 342 -19.58 -45.55 -9.99
C ALA F 342 -18.77 -45.57 -11.29
N HIS F 343 -19.23 -46.38 -12.23
CA HIS F 343 -18.53 -46.57 -13.49
C HIS F 343 -18.66 -45.34 -14.39
N CYS F 344 -17.80 -45.27 -15.40
CA CYS F 344 -17.85 -44.21 -16.41
C CYS F 344 -17.68 -44.81 -17.81
N ASN F 345 -18.57 -44.45 -18.74
CA ASN F 345 -18.60 -45.03 -20.08
C ASN F 345 -18.01 -44.09 -21.13
N ILE F 346 -17.12 -44.63 -21.95
CA ILE F 346 -16.50 -43.94 -23.09
C ILE F 346 -16.81 -44.77 -24.32
N SER F 347 -17.23 -44.13 -25.41
CA SER F 347 -17.52 -44.90 -26.63
C SER F 347 -16.26 -45.58 -27.14
N ARG F 348 -16.37 -46.88 -27.45
CA ARG F 348 -15.20 -47.63 -27.92
C ARG F 348 -14.76 -47.21 -29.31
N ALA F 349 -15.71 -47.03 -30.23
CA ALA F 349 -15.34 -46.68 -31.61
C ALA F 349 -14.68 -45.31 -31.68
N LYS F 350 -15.19 -44.35 -30.90
CA LYS F 350 -14.61 -43.01 -30.95
C LYS F 350 -13.22 -43.02 -30.35
N TRP F 351 -13.03 -43.75 -29.26
CA TRP F 351 -11.71 -43.79 -28.65
C TRP F 351 -10.72 -44.48 -29.57
N ASN F 352 -11.14 -45.58 -30.22
CA ASN F 352 -10.22 -46.29 -31.10
C ASN F 352 -9.80 -45.39 -32.26
N ASN F 353 -10.73 -44.62 -32.82
CA ASN F 353 -10.36 -43.73 -33.91
C ASN F 353 -9.49 -42.59 -33.39
N THR F 354 -9.76 -42.14 -32.16
CA THR F 354 -8.95 -41.08 -31.55
C THR F 354 -7.51 -41.55 -31.39
N LEU F 355 -7.33 -42.76 -30.89
CA LEU F 355 -5.97 -43.27 -30.73
C LEU F 355 -5.31 -43.47 -32.08
N HIS F 356 -6.06 -43.92 -33.08
CA HIS F 356 -5.47 -44.10 -34.41
C HIS F 356 -4.92 -42.78 -34.93
N LYS F 357 -5.70 -41.70 -34.78
CA LYS F 357 -5.25 -40.41 -35.28
C LYS F 357 -4.11 -39.85 -34.42
N ILE F 358 -4.14 -40.11 -33.11
CA ILE F 358 -3.05 -39.65 -32.26
C ILE F 358 -1.77 -40.35 -32.67
N VAL F 359 -1.84 -41.65 -32.93
CA VAL F 359 -0.66 -42.39 -33.36
C VAL F 359 -0.14 -41.84 -34.68
N LYS F 360 -1.03 -41.58 -35.62
CA LYS F 360 -0.59 -41.06 -36.92
C LYS F 360 0.12 -39.72 -36.77
N LYS F 361 -0.34 -38.84 -35.86
CA LYS F 361 0.37 -37.58 -35.69
C LYS F 361 1.60 -37.73 -34.82
N LEU F 362 1.56 -38.62 -33.83
CA LEU F 362 2.67 -38.82 -32.91
C LEU F 362 3.87 -39.43 -33.62
N ARG F 363 3.63 -40.28 -34.61
CA ARG F 363 4.70 -40.90 -35.39
C ARG F 363 5.49 -39.90 -36.23
N GLU F 364 5.04 -38.64 -36.31
CA GLU F 364 5.78 -37.62 -37.04
C GLU F 364 7.01 -37.20 -36.25
N GLN F 365 6.94 -37.27 -34.92
CA GLN F 365 8.03 -36.88 -34.04
C GLN F 365 8.90 -38.08 -33.69
N PHE F 366 8.32 -39.27 -33.70
CA PHE F 366 8.98 -40.53 -33.37
C PHE F 366 8.88 -41.40 -34.62
N ARG F 367 9.80 -41.17 -35.55
CA ARG F 367 9.73 -41.80 -36.87
C ARG F 367 10.08 -43.28 -36.82
N ASN F 368 9.29 -44.08 -37.54
CA ASN F 368 9.50 -45.51 -37.69
C ASN F 368 9.55 -46.24 -36.34
N LYS F 369 8.70 -45.81 -35.41
CA LYS F 369 8.59 -46.46 -34.09
C LYS F 369 7.18 -46.98 -33.90
N THR F 370 7.09 -48.06 -33.12
CA THR F 370 5.80 -48.59 -32.69
C THR F 370 5.33 -47.73 -31.52
N ILE F 371 4.05 -47.36 -31.52
CA ILE F 371 3.51 -46.54 -30.45
C ILE F 371 2.74 -47.47 -29.52
N VAL F 372 3.19 -47.53 -28.27
CA VAL F 372 2.62 -48.44 -27.27
C VAL F 372 2.04 -47.59 -26.15
N PHE F 373 0.78 -47.82 -25.80
CA PHE F 373 0.14 -47.13 -24.71
C PHE F 373 0.03 -48.11 -23.56
N LYS F 374 0.44 -47.66 -22.37
CA LYS F 374 0.40 -48.42 -21.13
C LYS F 374 -0.13 -47.56 -20.02
N GLN F 375 -0.56 -48.20 -18.94
CA GLN F 375 -1.00 -47.45 -17.77
C GLN F 375 0.24 -46.94 -17.03
N SER F 376 0.07 -45.87 -16.26
CA SER F 376 1.19 -45.30 -15.55
C SER F 376 1.65 -46.20 -14.41
N SER F 377 2.88 -45.95 -13.94
CA SER F 377 3.48 -46.74 -12.87
C SER F 377 2.65 -46.60 -11.60
N GLY F 378 2.61 -47.68 -10.82
CA GLY F 378 1.75 -47.71 -9.64
C GLY F 378 2.04 -46.59 -8.64
N GLY F 379 0.98 -46.19 -7.95
CA GLY F 379 1.05 -45.10 -7.01
C GLY F 379 -0.33 -44.74 -6.50
N ASP F 380 -0.40 -43.64 -5.77
CA ASP F 380 -1.67 -43.19 -5.19
C ASP F 380 -2.69 -42.88 -6.30
N PRO F 381 -4.00 -43.01 -6.01
CA PRO F 381 -5.03 -42.67 -7.01
C PRO F 381 -4.85 -41.31 -7.67
N GLU F 382 -4.37 -40.30 -6.94
CA GLU F 382 -4.17 -38.99 -7.53
C GLU F 382 -3.09 -39.00 -8.62
N ILE F 383 -2.24 -40.02 -8.63
CA ILE F 383 -1.14 -40.15 -9.57
C ILE F 383 -1.49 -41.06 -10.73
N VAL F 384 -2.11 -42.21 -10.47
CA VAL F 384 -2.31 -43.24 -11.48
C VAL F 384 -3.73 -43.36 -12.00
N MET F 385 -4.70 -42.68 -11.40
CA MET F 385 -6.07 -42.76 -11.85
C MET F 385 -6.47 -41.42 -12.47
N HIS F 386 -7.57 -41.47 -13.23
CA HIS F 386 -8.14 -40.28 -13.85
C HIS F 386 -9.00 -39.61 -12.80
N SER F 387 -8.53 -38.48 -12.28
CA SER F 387 -9.21 -37.78 -11.21
C SER F 387 -10.01 -36.63 -11.80
N PHE F 388 -11.25 -36.46 -11.37
CA PHE F 388 -12.03 -35.32 -11.84
C PHE F 388 -13.18 -35.03 -10.89
N ASN F 389 -13.68 -33.79 -10.96
CA ASN F 389 -14.84 -33.35 -10.20
C ASN F 389 -16.10 -33.46 -11.06
N CYS F 390 -16.97 -34.40 -10.72
CA CYS F 390 -18.22 -34.70 -11.41
C CYS F 390 -19.41 -34.38 -10.53
N GLY F 391 -20.01 -33.21 -10.75
CA GLY F 391 -21.18 -32.85 -10.00
C GLY F 391 -20.93 -32.56 -8.54
N GLY F 392 -19.69 -32.25 -8.17
CA GLY F 392 -19.32 -32.04 -6.80
C GLY F 392 -18.64 -33.23 -6.15
N GLU F 393 -18.71 -34.42 -6.75
CA GLU F 393 -18.02 -35.59 -6.21
C GLU F 393 -16.71 -35.76 -6.96
N PHE F 394 -15.71 -36.28 -6.27
CA PHE F 394 -14.40 -36.50 -6.85
C PHE F 394 -14.24 -37.97 -7.22
N PHE F 395 -14.16 -38.23 -8.53
CA PHE F 395 -14.06 -39.56 -9.08
C PHE F 395 -12.61 -39.86 -9.42
N TYR F 396 -12.18 -41.09 -9.14
CA TYR F 396 -10.87 -41.60 -9.53
C TYR F 396 -11.15 -42.84 -10.36
N CYS F 397 -11.03 -42.72 -11.68
CA CYS F 397 -11.38 -43.77 -12.62
C CYS F 397 -10.14 -44.50 -13.11
N ASN F 398 -10.28 -45.81 -13.29
CA ASN F 398 -9.17 -46.64 -13.77
C ASN F 398 -9.16 -46.59 -15.29
N SER F 399 -8.20 -45.86 -15.85
CA SER F 399 -8.08 -45.58 -17.27
C SER F 399 -7.29 -46.62 -18.03
N THR F 400 -6.91 -47.73 -17.38
CA THR F 400 -6.10 -48.77 -18.03
C THR F 400 -6.69 -49.24 -19.35
N GLN F 401 -8.01 -49.34 -19.43
CA GLN F 401 -8.62 -49.83 -20.66
C GLN F 401 -8.43 -48.85 -21.82
N LEU F 402 -8.11 -47.59 -21.54
CA LEU F 402 -7.91 -46.59 -22.57
C LEU F 402 -6.47 -46.55 -23.07
N PHE F 403 -5.52 -46.88 -22.20
CA PHE F 403 -4.10 -46.81 -22.49
C PHE F 403 -3.45 -48.19 -22.36
N ASN F 404 -3.94 -49.15 -23.14
CA ASN F 404 -3.44 -50.52 -23.15
C ASN F 404 -3.52 -51.01 -24.59
N SER F 405 -2.57 -50.58 -25.42
CA SER F 405 -2.62 -50.98 -26.82
C SER F 405 -1.25 -50.84 -27.48
N THR F 406 -1.05 -51.58 -28.57
CA THR F 406 0.16 -51.48 -29.40
C THR F 406 -0.27 -51.16 -30.83
N TRP F 407 0.25 -50.06 -31.38
CA TRP F 407 -0.05 -49.60 -32.72
C TRP F 407 1.23 -49.59 -33.53
N TYR F 408 1.17 -50.10 -34.77
CA TYR F 408 2.33 -50.17 -35.64
C TYR F 408 2.34 -49.15 -36.76
N GLY F 409 1.21 -48.50 -37.03
CA GLY F 409 1.09 -47.53 -38.10
C GLY F 409 0.51 -48.07 -39.38
N ASN F 410 0.39 -49.39 -39.51
CA ASN F 410 -0.15 -50.03 -40.70
C ASN F 410 -1.61 -50.43 -40.54
N GLU F 411 -2.29 -49.94 -39.51
CA GLU F 411 -3.69 -50.24 -39.28
C GLU F 411 -4.57 -49.32 -40.11
N SER F 412 -5.88 -49.50 -40.02
CA SER F 412 -6.82 -48.70 -40.78
C SER F 412 -8.16 -48.71 -40.05
N SER F 413 -9.03 -47.78 -40.45
CA SER F 413 -10.38 -47.71 -39.90
C SER F 413 -11.29 -46.91 -40.81
N ASN F 421 -18.85 -50.05 -25.99
CA ASN F 421 -18.53 -49.19 -24.86
C ASN F 421 -17.33 -49.69 -24.07
N ILE F 422 -16.56 -48.74 -23.57
CA ILE F 422 -15.46 -48.97 -22.64
C ILE F 422 -15.95 -48.46 -21.30
N THR F 423 -16.06 -49.35 -20.32
CA THR F 423 -16.55 -49.00 -19.00
C THR F 423 -15.36 -48.98 -18.05
N LEU F 424 -15.10 -47.84 -17.45
CA LEU F 424 -14.00 -47.66 -16.53
C LEU F 424 -14.54 -47.71 -15.10
N PRO F 425 -14.05 -48.57 -14.21
CA PRO F 425 -14.53 -48.50 -12.83
C PRO F 425 -13.95 -47.27 -12.19
N CYS F 426 -14.67 -46.71 -11.22
CA CYS F 426 -14.16 -45.55 -10.52
C CYS F 426 -14.47 -45.68 -9.03
N ARG F 427 -13.71 -44.93 -8.25
CA ARG F 427 -13.85 -44.86 -6.80
C ARG F 427 -14.12 -43.41 -6.45
N ILE F 428 -14.81 -43.19 -5.34
CA ILE F 428 -15.15 -41.86 -4.85
C ILE F 428 -14.35 -41.62 -3.60
N LYS F 429 -13.74 -40.43 -3.52
CA LYS F 429 -12.92 -40.05 -2.38
C LYS F 429 -13.46 -38.71 -1.88
N GLN F 430 -13.73 -38.63 -0.58
CA GLN F 430 -14.27 -37.41 0.00
C GLN F 430 -13.23 -36.46 0.58
N ILE F 431 -12.06 -36.95 1.00
CA ILE F 431 -11.03 -36.09 1.58
C ILE F 431 -10.00 -35.85 0.50
N ILE F 432 -9.98 -34.61 -0.01
CA ILE F 432 -9.23 -34.22 -1.20
C ILE F 432 -8.18 -33.19 -0.81
N ASN F 433 -6.98 -33.33 -1.38
CA ASN F 433 -5.90 -32.36 -1.20
C ASN F 433 -5.42 -32.04 -2.62
N LEU F 434 -6.17 -31.17 -3.30
CA LEU F 434 -5.93 -30.93 -4.72
C LEU F 434 -4.60 -30.27 -5.02
N TRP F 435 -4.11 -29.40 -4.14
CA TRP F 435 -2.91 -28.63 -4.41
C TRP F 435 -1.69 -29.15 -3.69
N GLN F 436 -1.75 -30.36 -3.13
CA GLN F 436 -0.63 -30.99 -2.43
C GLN F 436 -0.06 -30.07 -1.34
N GLU F 437 -0.96 -29.49 -0.55
CA GLU F 437 -0.54 -28.62 0.54
C GLU F 437 -0.14 -29.46 1.74
N VAL F 438 0.76 -28.93 2.56
CA VAL F 438 1.21 -29.60 3.76
C VAL F 438 0.34 -29.13 4.92
N GLY F 439 -0.30 -30.08 5.60
CA GLY F 439 -1.12 -29.77 6.75
C GLY F 439 -2.52 -29.28 6.44
N LYS F 440 -3.01 -29.49 5.21
CA LYS F 440 -4.35 -29.03 4.83
C LYS F 440 -5.01 -30.08 3.94
N ALA F 441 -6.33 -30.19 4.08
CA ALA F 441 -7.11 -31.05 3.21
C ALA F 441 -8.54 -30.55 3.20
N MET F 442 -9.26 -30.88 2.14
CA MET F 442 -10.68 -30.57 2.00
C MET F 442 -11.50 -31.84 2.10
N TYR F 443 -12.65 -31.74 2.76
CA TYR F 443 -13.64 -32.80 2.80
C TYR F 443 -14.80 -32.39 1.89
N ALA F 444 -15.09 -33.21 0.89
CA ALA F 444 -16.19 -32.92 -0.02
C ALA F 444 -17.46 -33.55 0.53
N PRO F 445 -18.48 -32.78 0.92
CA PRO F 445 -19.66 -33.40 1.51
C PRO F 445 -20.40 -34.22 0.47
N PRO F 446 -21.13 -35.27 0.87
CA PRO F 446 -21.84 -36.05 -0.14
C PRO F 446 -23.03 -35.29 -0.68
N ILE F 447 -23.39 -35.65 -1.91
CA ILE F 447 -24.56 -35.14 -2.61
C ILE F 447 -25.58 -36.26 -2.71
N GLY F 448 -26.81 -35.98 -2.30
CA GLY F 448 -27.84 -37.00 -2.30
C GLY F 448 -28.34 -37.26 -3.70
N GLY F 449 -29.18 -38.30 -3.82
CA GLY F 449 -29.64 -38.68 -5.14
C GLY F 449 -28.53 -39.36 -5.92
N GLN F 450 -28.55 -39.17 -7.24
CA GLN F 450 -27.61 -39.79 -8.15
C GLN F 450 -26.89 -38.68 -8.89
N ILE F 451 -25.67 -38.98 -9.36
CA ILE F 451 -24.89 -38.02 -10.15
C ILE F 451 -24.62 -38.55 -11.54
N ARG F 452 -24.82 -37.70 -12.54
CA ARG F 452 -24.51 -38.01 -13.92
C ARG F 452 -23.80 -36.80 -14.50
N CYS F 453 -22.70 -37.04 -15.22
CA CYS F 453 -21.96 -36.02 -15.92
C CYS F 453 -21.70 -36.52 -17.33
N SER F 454 -21.72 -35.61 -18.29
CA SER F 454 -21.29 -35.90 -19.65
C SER F 454 -20.29 -34.82 -20.01
N SER F 455 -19.04 -35.21 -20.21
CA SER F 455 -17.96 -34.27 -20.50
C SER F 455 -17.37 -34.63 -21.84
N ASN F 456 -16.70 -33.65 -22.44
CA ASN F 456 -16.00 -33.83 -23.69
C ASN F 456 -14.51 -33.98 -23.40
N ILE F 457 -13.91 -35.05 -23.92
CA ILE F 457 -12.47 -35.22 -23.85
C ILE F 457 -11.91 -34.48 -25.05
N THR F 458 -11.15 -33.43 -24.77
CA THR F 458 -10.59 -32.55 -25.78
C THR F 458 -9.08 -32.67 -25.88
N GLY F 459 -8.43 -33.40 -24.98
CA GLY F 459 -7.00 -33.57 -25.07
C GLY F 459 -6.52 -34.59 -24.06
N LEU F 460 -5.22 -34.90 -24.18
CA LEU F 460 -4.54 -35.87 -23.35
C LEU F 460 -3.21 -35.31 -22.84
N LEU F 461 -2.79 -35.76 -21.67
CA LEU F 461 -1.44 -35.54 -21.19
C LEU F 461 -0.72 -36.88 -21.20
N LEU F 462 0.35 -36.98 -21.98
CA LEU F 462 1.14 -38.20 -22.09
C LEU F 462 2.56 -37.94 -21.63
N THR F 463 3.16 -38.95 -21.01
CA THR F 463 4.57 -38.93 -20.61
C THR F 463 5.24 -40.11 -21.30
N ARG F 464 6.40 -39.86 -21.90
CA ARG F 464 7.14 -40.92 -22.57
C ARG F 464 8.09 -41.54 -21.56
N ASP F 465 8.20 -42.87 -21.62
CA ASP F 465 9.08 -43.59 -20.70
C ASP F 465 10.53 -43.14 -20.84
N GLY F 466 11.20 -42.96 -19.69
CA GLY F 466 12.60 -42.61 -19.73
C GLY F 466 13.46 -43.87 -19.77
N GLY F 467 14.66 -43.72 -20.30
CA GLY F 467 15.59 -44.83 -20.34
C GLY F 467 15.26 -45.81 -21.44
N ASN F 468 14.33 -45.46 -22.33
CA ASN F 468 13.86 -46.33 -23.40
C ASN F 468 14.52 -45.92 -24.71
N ASN F 469 15.51 -46.71 -25.13
CA ASN F 469 16.22 -46.43 -26.37
C ASN F 469 16.76 -47.76 -26.89
N ASN F 470 17.43 -47.70 -28.04
CA ASN F 470 18.07 -48.84 -28.67
C ASN F 470 17.08 -49.92 -29.12
N ILE F 471 15.78 -49.60 -29.14
CA ILE F 471 14.75 -50.55 -29.58
C ILE F 471 13.86 -49.85 -30.61
N THR F 472 12.97 -50.63 -31.22
CA THR F 472 12.07 -50.16 -32.26
C THR F 472 10.70 -49.71 -31.76
N THR F 473 10.46 -49.66 -30.44
CA THR F 473 9.17 -49.25 -29.91
C THR F 473 9.33 -48.11 -28.91
N GLU F 474 8.26 -47.32 -28.78
CA GLU F 474 8.13 -46.26 -27.80
C GLU F 474 6.92 -46.54 -26.93
N ILE F 475 7.02 -46.27 -25.63
CA ILE F 475 5.92 -46.46 -24.69
C ILE F 475 5.51 -45.11 -24.15
N PHE F 476 4.21 -44.82 -24.24
CA PHE F 476 3.60 -43.59 -23.74
C PHE F 476 2.63 -43.98 -22.65
N ARG F 477 2.62 -43.22 -21.55
CA ARG F 477 1.73 -43.46 -20.43
C ARG F 477 0.90 -42.23 -20.13
N PRO F 478 -0.32 -42.38 -19.62
CA PRO F 478 -1.13 -41.20 -19.28
C PRO F 478 -0.57 -40.47 -18.08
N GLY F 479 -0.81 -39.18 -18.06
CA GLY F 479 -0.44 -38.34 -16.93
C GLY F 479 0.70 -37.42 -17.32
N GLY F 480 0.64 -36.19 -16.83
CA GLY F 480 1.63 -35.17 -17.11
C GLY F 480 2.37 -34.78 -15.86
N GLY F 481 2.59 -33.48 -15.70
CA GLY F 481 3.29 -32.95 -14.55
C GLY F 481 2.27 -32.39 -13.59
N ASP F 482 2.44 -31.15 -13.15
CA ASP F 482 1.51 -30.56 -12.20
C ASP F 482 0.32 -29.96 -12.93
N MET F 483 -0.52 -29.24 -12.19
CA MET F 483 -1.76 -28.68 -12.72
C MET F 483 -1.55 -27.68 -13.84
N ARG F 484 -0.35 -27.11 -13.98
CA ARG F 484 -0.11 -26.12 -15.01
C ARG F 484 -0.33 -26.71 -16.40
N ASP F 485 -0.06 -28.01 -16.55
CA ASP F 485 -0.21 -28.64 -17.85
C ASP F 485 -1.66 -28.62 -18.31
N ASN F 486 -2.62 -28.48 -17.39
CA ASN F 486 -4.02 -28.46 -17.79
C ASN F 486 -4.45 -27.10 -18.30
N TRP F 487 -3.64 -26.06 -18.08
CA TRP F 487 -3.98 -24.71 -18.46
C TRP F 487 -3.12 -24.20 -19.60
N ARG F 488 -1.92 -24.75 -19.76
CA ARG F 488 -1.08 -24.38 -20.89
C ARG F 488 -1.80 -24.74 -22.18
N SER F 489 -2.57 -25.83 -22.14
CA SER F 489 -3.28 -26.33 -23.31
C SER F 489 -4.33 -25.33 -23.79
N GLU F 490 -4.71 -24.36 -22.96
CA GLU F 490 -5.65 -23.33 -23.35
C GLU F 490 -4.95 -22.00 -23.56
N LEU F 491 -3.91 -21.71 -22.78
CA LEU F 491 -3.23 -20.44 -22.84
C LEU F 491 -2.02 -20.46 -23.79
N TYR F 492 -1.83 -21.56 -24.51
CA TYR F 492 -0.65 -21.70 -25.38
C TYR F 492 -0.58 -20.65 -26.48
N LYS F 493 -1.72 -20.10 -26.90
CA LYS F 493 -1.75 -19.14 -27.99
C LYS F 493 -1.74 -17.69 -27.55
N TYR F 494 -1.63 -17.40 -26.25
CA TYR F 494 -1.68 -16.03 -25.75
C TYR F 494 -0.40 -15.61 -25.06
N LYS F 495 -0.05 -14.35 -25.23
CA LYS F 495 1.04 -13.72 -24.48
C LYS F 495 0.61 -12.30 -24.12
N VAL F 496 1.12 -11.80 -22.99
CA VAL F 496 0.83 -10.44 -22.54
C VAL F 496 2.02 -9.56 -22.87
N VAL F 497 1.75 -8.41 -23.50
CA VAL F 497 2.80 -7.45 -23.84
C VAL F 497 2.45 -6.08 -23.29
N LYS F 498 3.49 -5.32 -22.98
CA LYS F 498 3.38 -3.93 -22.52
C LYS F 498 3.54 -3.02 -23.72
N ILE F 499 2.71 -1.98 -23.77
CA ILE F 499 2.73 -1.02 -24.87
C ILE F 499 3.71 0.09 -24.53
N GLU F 500 4.61 0.40 -25.47
CA GLU F 500 5.67 1.39 -25.30
C GLU F 500 5.41 2.51 -26.30
N PRO F 501 4.56 3.49 -25.96
CA PRO F 501 4.07 4.45 -26.96
C PRO F 501 5.10 5.46 -27.42
N LEU F 502 6.24 5.60 -26.77
CA LEU F 502 7.23 6.61 -27.14
C LEU F 502 8.29 6.04 -28.09
N GLY F 503 8.35 6.65 -29.28
CA GLY F 503 9.31 6.27 -30.28
C GLY F 503 10.06 7.52 -30.71
N VAL F 504 11.21 7.33 -31.32
CA VAL F 504 12.06 8.41 -31.79
C VAL F 504 12.48 8.12 -33.22
N ALA F 505 12.42 9.14 -34.09
CA ALA F 505 12.87 8.99 -35.46
C ALA F 505 13.74 10.18 -35.87
N PRO F 506 14.80 9.96 -36.72
CA PRO F 506 15.71 11.04 -37.13
C PRO F 506 15.16 11.95 -38.22
N THR F 507 14.07 12.66 -37.95
CA THR F 507 13.51 13.52 -38.98
C THR F 507 14.42 14.74 -39.10
N LYS F 508 14.18 15.58 -40.11
CA LYS F 508 15.02 16.76 -40.32
C LYS F 508 14.32 18.08 -39.97
N CYS F 509 13.16 18.02 -39.31
CA CYS F 509 12.46 19.24 -38.95
C CYS F 509 13.21 19.94 -37.83
N LYS F 510 13.36 21.26 -37.94
CA LYS F 510 14.03 21.99 -36.87
C LYS F 510 13.05 22.26 -35.73
N ARG F 511 13.60 22.47 -34.54
CA ARG F 511 12.79 22.74 -33.37
C ARG F 511 11.98 24.03 -33.51
N ARG F 512 12.59 25.06 -34.09
CA ARG F 512 11.95 26.36 -34.22
C ARG F 512 12.81 27.30 -35.07
N ALA G 1 32.91 26.60 -15.11
CA ALA G 1 33.32 27.24 -13.87
C ALA G 1 32.69 28.63 -13.76
N VAL G 2 32.80 29.42 -14.82
CA VAL G 2 32.34 30.80 -14.84
C VAL G 2 30.94 30.82 -15.47
N GLY G 3 30.00 31.43 -14.76
CA GLY G 3 28.64 31.52 -15.25
C GLY G 3 27.75 32.12 -14.18
N ILE G 4 26.46 32.18 -14.52
CA ILE G 4 25.43 32.74 -13.64
C ILE G 4 24.43 31.64 -13.32
N GLY G 5 24.13 31.48 -12.04
CA GLY G 5 23.16 30.52 -11.56
C GLY G 5 23.85 29.39 -10.82
N ALA G 6 23.61 29.28 -9.51
CA ALA G 6 24.31 28.31 -8.69
C ALA G 6 23.60 26.96 -8.73
N VAL G 7 23.64 26.34 -9.92
CA VAL G 7 23.00 25.04 -10.11
C VAL G 7 23.70 23.98 -9.27
N PHE G 8 25.04 24.08 -9.18
CA PHE G 8 25.88 23.13 -8.45
C PHE G 8 25.56 23.02 -6.96
N LEU G 9 24.71 23.88 -6.39
CA LEU G 9 24.39 23.76 -4.98
C LEU G 9 23.42 22.63 -4.69
N GLY G 10 22.72 22.10 -5.69
CA GLY G 10 21.82 20.99 -5.48
C GLY G 10 20.44 21.37 -4.99
N PHE G 11 19.65 20.33 -4.70
CA PHE G 11 18.27 20.51 -4.28
C PHE G 11 18.23 21.27 -2.97
N LEU G 12 17.43 22.34 -2.93
CA LEU G 12 17.31 23.27 -1.82
C LEU G 12 18.62 23.95 -1.45
N GLY G 13 19.66 23.83 -2.28
CA GLY G 13 20.94 24.43 -1.95
C GLY G 13 20.87 25.93 -1.81
N ALA G 14 19.96 26.56 -2.56
CA ALA G 14 19.77 27.99 -2.55
C ALA G 14 18.73 28.43 -1.52
N ALA G 15 18.25 27.49 -0.68
CA ALA G 15 17.22 27.83 0.29
C ALA G 15 17.66 28.96 1.22
N GLY G 16 18.96 29.03 1.54
CA GLY G 16 19.46 30.07 2.39
C GLY G 16 19.91 31.31 1.65
N SER G 17 19.78 31.30 0.32
CA SER G 17 20.16 32.41 -0.52
C SER G 17 19.00 33.38 -0.60
N THR G 18 19.27 34.58 -1.10
CA THR G 18 18.20 35.55 -1.21
C THR G 18 17.26 35.14 -2.33
N MET G 19 16.08 35.75 -2.35
CA MET G 19 15.04 35.39 -3.30
C MET G 19 15.53 35.52 -4.75
N GLY G 20 16.28 36.57 -5.05
CA GLY G 20 16.79 36.74 -6.39
C GLY G 20 17.73 35.64 -6.82
N ALA G 21 18.78 35.39 -6.03
CA ALA G 21 19.73 34.34 -6.39
C ALA G 21 19.07 32.98 -6.46
N ALA G 22 18.10 32.72 -5.57
CA ALA G 22 17.50 31.40 -5.57
C ALA G 22 16.59 31.19 -6.77
N SER G 23 16.28 32.25 -7.51
CA SER G 23 15.40 32.11 -8.63
C SER G 23 16.14 31.50 -9.81
N MET G 24 17.47 31.38 -9.69
CA MET G 24 18.27 30.76 -10.73
C MET G 24 18.34 29.25 -10.53
N THR G 25 17.71 28.70 -9.47
CA THR G 25 17.72 27.28 -9.21
C THR G 25 16.33 26.66 -9.24
N LEU G 26 15.36 27.33 -9.89
CA LEU G 26 14.00 26.80 -9.91
C LEU G 26 13.96 25.48 -10.66
N THR G 27 14.79 25.35 -11.69
CA THR G 27 14.84 24.11 -12.48
C THR G 27 15.26 22.97 -11.57
N VAL G 28 16.20 23.24 -10.67
CA VAL G 28 16.72 22.19 -9.80
C VAL G 28 15.59 21.68 -8.93
N GLN G 29 14.80 22.60 -8.38
CA GLN G 29 13.71 22.16 -7.54
C GLN G 29 12.64 21.46 -8.37
N ALA G 30 12.33 22.02 -9.54
CA ALA G 30 11.27 21.45 -10.37
C ALA G 30 11.63 20.07 -10.87
N ARG G 31 12.89 19.88 -11.27
CA ARG G 31 13.29 18.58 -11.78
C ARG G 31 13.15 17.53 -10.69
N GLN G 32 13.45 17.89 -9.44
CA GLN G 32 13.31 16.91 -8.38
C GLN G 32 11.84 16.54 -8.18
N LEU G 33 10.93 17.50 -8.36
CA LEU G 33 9.52 17.26 -8.13
C LEU G 33 8.77 16.74 -9.35
N LEU G 34 9.13 17.18 -10.55
CA LEU G 34 8.38 16.82 -11.74
C LEU G 34 8.83 15.48 -12.32
N SER G 35 9.79 14.80 -11.68
CA SER G 35 10.26 13.48 -12.06
C SER G 35 9.98 12.45 -10.97
N GLY G 36 9.19 12.81 -9.95
CA GLY G 36 8.98 11.91 -8.83
C GLY G 36 8.39 10.57 -9.22
N ILE G 37 7.55 10.55 -10.26
CA ILE G 37 6.93 9.29 -10.67
C ILE G 37 7.91 8.54 -11.57
N VAL G 38 8.60 9.26 -12.46
CA VAL G 38 9.56 8.60 -13.34
C VAL G 38 10.64 7.94 -12.49
N GLN G 39 11.14 8.68 -11.50
CA GLN G 39 12.18 8.18 -10.63
C GLN G 39 11.65 7.06 -9.74
N GLN G 40 10.40 7.17 -9.27
CA GLN G 40 9.89 6.10 -8.42
C GLN G 40 9.73 4.82 -9.24
N GLN G 41 9.30 4.94 -10.49
CA GLN G 41 9.15 3.74 -11.32
C GLN G 41 10.51 3.12 -11.59
N SER G 42 11.54 3.97 -11.76
CA SER G 42 12.86 3.42 -11.97
C SER G 42 13.36 2.72 -10.72
N ASN G 43 12.98 3.23 -9.54
CA ASN G 43 13.42 2.59 -8.31
C ASN G 43 12.67 1.28 -8.11
N LEU G 44 11.41 1.23 -8.55
CA LEU G 44 10.63 0.00 -8.42
C LEU G 44 11.17 -1.09 -9.32
N LEU G 45 11.78 -0.71 -10.47
CA LEU G 45 12.31 -1.73 -11.35
C LEU G 45 13.55 -2.41 -10.77
N ARG G 46 14.14 -1.87 -9.71
CA ARG G 46 15.31 -2.48 -9.10
C ARG G 46 14.97 -3.62 -8.14
N ALA G 47 13.71 -3.79 -7.77
CA ALA G 47 13.29 -4.85 -6.85
C ALA G 47 11.86 -5.28 -7.17
N PRO G 48 11.66 -6.00 -8.28
CA PRO G 48 10.30 -6.37 -8.71
C PRO G 48 9.50 -7.11 -7.65
N GLU G 49 10.15 -7.78 -6.71
CA GLU G 49 9.46 -8.51 -5.65
C GLU G 49 8.63 -7.61 -4.73
N CYS G 50 8.89 -6.30 -4.71
CA CYS G 50 8.10 -5.42 -3.85
C CYS G 50 6.70 -5.26 -4.42
N GLY G 61 0.45 -2.67 2.57
CA GLY G 61 -0.39 -2.53 1.39
C GLY G 61 -1.12 -1.20 1.34
N ILE G 62 -1.86 -0.89 2.40
CA ILE G 62 -2.63 0.34 2.43
C ILE G 62 -1.70 1.54 2.51
N LYS G 63 -0.68 1.46 3.37
CA LYS G 63 0.25 2.59 3.51
C LYS G 63 0.97 2.89 2.19
N GLN G 64 1.33 1.84 1.44
CA GLN G 64 2.05 2.05 0.19
C GLN G 64 1.13 2.72 -0.84
N LEU G 65 -0.12 2.26 -0.92
CA LEU G 65 -1.04 2.89 -1.86
C LEU G 65 -1.37 4.30 -1.44
N GLN G 66 -1.48 4.57 -0.14
CA GLN G 66 -1.77 5.95 0.27
C GLN G 66 -0.61 6.85 -0.10
N ALA G 67 0.63 6.38 0.09
CA ALA G 67 1.78 7.20 -0.27
C ALA G 67 1.84 7.45 -1.77
N ARG G 68 1.52 6.43 -2.58
CA ARG G 68 1.60 6.60 -4.03
C ARG G 68 0.47 7.49 -4.54
N VAL G 69 -0.74 7.32 -3.98
CA VAL G 69 -1.86 8.13 -4.39
C VAL G 69 -1.61 9.57 -3.98
N LEU G 70 -1.07 9.79 -2.77
CA LEU G 70 -0.82 11.16 -2.34
C LEU G 70 0.22 11.81 -3.23
N ALA G 71 1.29 11.09 -3.59
CA ALA G 71 2.29 11.67 -4.47
C ALA G 71 1.68 12.06 -5.82
N VAL G 72 0.78 11.22 -6.33
CA VAL G 72 0.10 11.53 -7.58
C VAL G 72 -0.80 12.74 -7.41
N GLU G 73 -1.56 12.79 -6.31
CA GLU G 73 -2.45 13.93 -6.08
C GLU G 73 -1.66 15.23 -5.95
N HIS G 74 -0.50 15.19 -5.28
CA HIS G 74 0.26 16.44 -5.16
C HIS G 74 0.77 16.90 -6.51
N TYR G 75 1.25 15.95 -7.33
CA TYR G 75 1.70 16.32 -8.67
C TYR G 75 0.55 16.91 -9.48
N LEU G 76 -0.59 16.22 -9.50
CA LEU G 76 -1.70 16.69 -10.32
C LEU G 76 -2.28 17.99 -9.78
N LYS G 77 -2.32 18.18 -8.46
CA LYS G 77 -2.83 19.44 -7.95
C LYS G 77 -1.94 20.60 -8.34
N ASP G 78 -0.62 20.42 -8.30
CA ASP G 78 0.25 21.51 -8.74
C ASP G 78 0.09 21.77 -10.23
N GLN G 79 -0.06 20.69 -11.03
CA GLN G 79 -0.20 20.90 -12.46
C GLN G 79 -1.54 21.51 -12.79
N GLN G 80 -2.59 21.13 -12.05
CA GLN G 80 -3.91 21.70 -12.28
C GLN G 80 -3.90 23.16 -11.93
N LEU G 81 -3.23 23.52 -10.84
CA LEU G 81 -3.25 24.90 -10.40
C LEU G 81 -2.50 25.76 -11.41
N LEU G 82 -1.37 25.27 -11.92
CA LEU G 82 -0.66 26.03 -12.95
C LEU G 82 -1.44 26.06 -14.26
N GLY G 83 -2.20 25.00 -14.54
CA GLY G 83 -3.05 24.96 -15.72
C GLY G 83 -4.20 25.94 -15.65
N ILE G 84 -4.78 26.11 -14.47
CA ILE G 84 -5.85 27.08 -14.28
C ILE G 84 -5.30 28.49 -14.45
N TRP G 85 -4.14 28.75 -13.89
CA TRP G 85 -3.47 30.02 -14.08
C TRP G 85 -2.89 29.96 -15.47
N GLY G 86 -2.59 31.10 -16.09
CA GLY G 86 -1.94 30.96 -17.39
C GLY G 86 -0.45 30.70 -17.26
N CYS G 87 -0.09 29.66 -16.49
CA CYS G 87 1.29 29.36 -16.11
C CYS G 87 1.76 27.99 -16.55
N SER G 88 0.98 27.27 -17.36
CA SER G 88 1.37 25.92 -17.76
C SER G 88 2.67 25.92 -18.54
N GLY G 89 3.58 25.03 -18.15
CA GLY G 89 4.83 24.87 -18.86
C GLY G 89 5.90 25.87 -18.49
N LYS G 90 5.68 26.75 -17.52
CA LYS G 90 6.62 27.79 -17.15
C LYS G 90 7.04 27.68 -15.69
N LEU G 91 8.33 27.92 -15.45
CA LEU G 91 8.87 27.98 -14.10
C LEU G 91 8.64 29.36 -13.48
N ILE G 92 8.66 30.42 -14.28
CA ILE G 92 8.37 31.78 -13.85
C ILE G 92 7.19 32.26 -14.69
N CYS G 93 6.14 32.72 -14.02
CA CYS G 93 4.91 33.15 -14.66
C CYS G 93 4.41 34.45 -14.05
N THR G 94 4.00 35.39 -14.89
CA THR G 94 3.46 36.66 -14.43
C THR G 94 2.01 36.75 -14.87
N THR G 95 1.23 37.53 -14.12
CA THR G 95 -0.18 37.75 -14.42
C THR G 95 -0.54 39.23 -14.41
N ALA G 96 -1.82 39.48 -14.67
CA ALA G 96 -2.47 40.78 -14.76
C ALA G 96 -2.96 41.33 -13.41
N VAL G 97 -2.70 40.63 -12.31
CA VAL G 97 -3.17 41.05 -10.99
C VAL G 97 -2.16 42.02 -10.39
N PRO G 98 -2.55 43.27 -10.09
CA PRO G 98 -1.63 44.18 -9.38
C PRO G 98 -1.39 43.69 -7.96
N TRP G 99 -0.22 44.02 -7.41
CA TRP G 99 0.08 43.67 -6.04
C TRP G 99 -0.54 44.71 -5.10
N ASN G 100 -1.23 44.22 -4.07
CA ASN G 100 -1.83 45.06 -3.05
C ASN G 100 -0.81 45.43 -1.98
N ALA G 101 -0.79 46.71 -1.61
CA ALA G 101 0.11 47.21 -0.58
C ALA G 101 -0.14 46.56 0.78
N THR G 102 -1.33 46.01 1.00
CA THR G 102 -1.66 45.38 2.27
C THR G 102 -1.00 44.02 2.43
N TRP G 103 -0.74 43.31 1.33
CA TRP G 103 -0.19 41.97 1.43
C TRP G 103 1.21 41.99 2.03
N SER G 104 2.03 42.95 1.61
CA SER G 104 3.37 43.12 2.17
C SER G 104 3.84 44.52 1.83
N ASN G 105 4.22 45.31 2.84
CA ASN G 105 4.68 46.68 2.64
C ASN G 105 6.19 46.72 2.92
N LYS G 106 6.97 46.56 1.86
CA LYS G 106 8.42 46.51 1.96
C LYS G 106 9.00 47.03 0.65
N THR G 107 10.25 47.50 0.73
CA THR G 107 10.98 47.88 -0.47
C THR G 107 11.26 46.63 -1.29
N LEU G 108 11.03 46.71 -2.61
CA LEU G 108 11.24 45.54 -3.47
C LEU G 108 12.69 45.08 -3.45
N ASP G 109 13.63 46.03 -3.35
CA ASP G 109 15.04 45.67 -3.32
C ASP G 109 15.36 44.88 -2.06
N ASN G 110 14.69 45.20 -0.95
CA ASN G 110 14.95 44.47 0.29
C ASN G 110 14.27 43.11 0.24
N ILE G 111 13.12 43.01 -0.44
CA ILE G 111 12.45 41.72 -0.56
C ILE G 111 13.34 40.75 -1.34
N TRP G 112 13.86 41.22 -2.48
CA TRP G 112 14.66 40.34 -3.33
C TRP G 112 16.10 40.16 -2.88
N ASN G 113 16.70 41.14 -2.20
CA ASN G 113 18.10 41.04 -1.77
C ASN G 113 18.30 40.92 -0.27
N ASN G 114 17.30 41.21 0.56
CA ASN G 114 17.44 41.13 2.01
C ASN G 114 16.56 40.06 2.64
N MET G 115 15.93 39.20 1.83
CA MET G 115 15.07 38.13 2.32
C MET G 115 15.31 36.87 1.51
N THR G 116 15.11 35.73 2.17
CA THR G 116 15.12 34.42 1.53
C THR G 116 13.68 34.03 1.22
N TRP G 117 13.50 32.96 0.46
CA TRP G 117 12.13 32.55 0.17
C TRP G 117 11.42 32.04 1.41
N MET G 118 12.14 31.48 2.38
CA MET G 118 11.48 31.04 3.61
C MET G 118 10.89 32.23 4.34
N GLU G 119 11.69 33.30 4.45
CA GLU G 119 11.25 34.50 5.15
C GLU G 119 10.11 35.16 4.40
N TRP G 120 10.18 35.16 3.07
CA TRP G 120 9.13 35.75 2.28
C TRP G 120 7.82 34.98 2.41
N GLU G 121 7.87 33.65 2.28
CA GLU G 121 6.62 32.91 2.35
C GLU G 121 6.01 33.02 3.72
N LYS G 122 6.84 33.13 4.77
CA LYS G 122 6.27 33.37 6.10
C LYS G 122 5.63 34.75 6.14
N GLU G 123 6.30 35.74 5.54
CA GLU G 123 5.83 37.12 5.55
C GLU G 123 4.44 37.31 4.93
N ILE G 124 4.12 36.57 3.87
CA ILE G 124 2.81 36.72 3.20
C ILE G 124 1.93 35.48 3.33
N SER G 125 2.19 34.61 4.31
CA SER G 125 1.41 33.37 4.41
C SER G 125 -0.10 33.61 4.43
N ASN G 126 -0.56 34.61 5.19
CA ASN G 126 -2.00 34.80 5.36
C ASN G 126 -2.70 35.29 4.11
N TYR G 127 -1.96 35.69 3.08
CA TYR G 127 -2.54 36.22 1.87
C TYR G 127 -2.35 35.29 0.68
N THR G 128 -1.71 34.12 0.88
CA THR G 128 -1.40 33.27 -0.26
C THR G 128 -2.66 32.80 -0.97
N ASN G 129 -3.67 32.37 -0.22
CA ASN G 129 -4.86 31.85 -0.87
C ASN G 129 -5.60 32.96 -1.56
N LEU G 130 -5.56 34.16 -0.98
CA LEU G 130 -6.26 35.28 -1.59
C LEU G 130 -5.63 35.59 -2.93
N ILE G 131 -4.30 35.59 -2.97
CA ILE G 131 -3.60 35.93 -4.19
C ILE G 131 -3.94 34.88 -5.26
N TYR G 132 -3.96 33.61 -4.86
CA TYR G 132 -4.22 32.56 -5.83
C TYR G 132 -5.60 32.74 -6.45
N ASN G 133 -6.60 33.12 -5.64
CA ASN G 133 -7.93 33.30 -6.19
C ASN G 133 -7.96 34.42 -7.21
N LEU G 134 -7.20 35.48 -6.94
CA LEU G 134 -7.18 36.59 -7.87
C LEU G 134 -6.55 36.18 -9.19
N ILE G 135 -5.54 35.31 -9.12
CA ILE G 135 -4.87 34.89 -10.34
C ILE G 135 -5.87 34.13 -11.21
N GLU G 136 -6.66 33.26 -10.57
CA GLU G 136 -7.63 32.47 -11.33
C GLU G 136 -8.63 33.38 -12.02
N GLU G 137 -9.06 34.44 -11.32
CA GLU G 137 -10.03 35.35 -11.89
C GLU G 137 -9.49 36.01 -13.14
N SER G 138 -8.21 36.40 -13.09
CA SER G 138 -7.63 37.07 -14.24
C SER G 138 -7.57 36.14 -15.44
N GLN G 139 -7.28 34.85 -15.22
CA GLN G 139 -7.22 33.98 -16.38
C GLN G 139 -8.59 33.82 -17.01
N ASN G 140 -9.65 33.81 -16.20
CA ASN G 140 -10.97 33.67 -16.80
C ASN G 140 -11.27 34.86 -17.68
N GLN G 141 -10.83 36.06 -17.26
CA GLN G 141 -11.06 37.22 -18.09
C GLN G 141 -10.28 37.10 -19.38
N GLN G 142 -9.07 36.56 -19.29
CA GLN G 142 -8.26 36.41 -20.49
C GLN G 142 -8.90 35.38 -21.41
N GLU G 143 -9.46 34.32 -20.83
CA GLU G 143 -10.08 33.29 -21.67
C GLU G 143 -11.24 33.88 -22.45
N LYS G 144 -12.03 34.75 -21.79
CA LYS G 144 -13.13 35.37 -22.53
C LYS G 144 -12.56 36.27 -23.61
N ASN G 145 -11.50 37.01 -23.29
CA ASN G 145 -10.91 37.90 -24.28
C ASN G 145 -10.46 37.10 -25.51
N GLU G 146 -10.04 35.85 -25.31
CA GLU G 146 -9.62 35.05 -26.46
C GLU G 146 -10.76 34.78 -27.43
N THR G 147 -12.00 34.69 -26.95
CA THR G 147 -13.15 34.46 -27.83
C THR G 147 -14.13 35.62 -27.92
N GLU G 148 -14.12 36.55 -26.96
CA GLU G 148 -15.03 37.70 -27.04
C GLU G 148 -14.55 38.72 -28.06
N ASN G 149 -13.23 38.85 -28.21
CA ASN G 149 -12.62 39.76 -29.18
C ASN G 149 -12.45 38.95 -30.44
N LEU G 150 -13.33 39.16 -31.42
CA LEU G 150 -13.37 38.29 -32.59
C LEU G 150 -12.30 38.63 -33.61
N THR G 151 -11.45 39.63 -33.36
CA THR G 151 -10.38 39.95 -34.30
C THR G 151 -9.24 38.94 -34.18
N LEU G 152 -9.24 38.12 -33.14
CA LEU G 152 -8.26 37.07 -32.91
C LEU G 152 -8.74 35.72 -33.43
N CYS G 153 -9.94 35.66 -34.00
CA CYS G 153 -10.57 34.43 -34.44
C CYS G 153 -10.81 34.47 -35.94
N GLY H 10 -8.27 0.05 -35.66
CA GLY H 10 -8.27 -0.69 -34.41
C GLY H 10 -7.01 -0.46 -33.60
N PHE H 11 -7.02 -0.89 -32.35
CA PHE H 11 -5.87 -0.71 -31.48
C PHE H 11 -4.70 -1.55 -31.96
N LEU H 12 -3.56 -0.89 -32.19
CA LEU H 12 -2.35 -1.49 -32.76
C LEU H 12 -2.56 -2.01 -34.18
N GLY H 13 -3.63 -1.58 -34.85
CA GLY H 13 -3.87 -2.05 -36.21
C GLY H 13 -2.76 -1.67 -37.16
N ALA H 14 -2.10 -0.55 -36.90
CA ALA H 14 -1.00 -0.06 -37.72
C ALA H 14 0.33 -0.71 -37.36
N ALA H 15 0.35 -1.63 -36.37
CA ALA H 15 1.61 -2.22 -35.91
C ALA H 15 2.38 -2.87 -37.05
N GLY H 16 1.69 -3.47 -38.02
CA GLY H 16 2.38 -4.10 -39.12
C GLY H 16 2.56 -3.18 -40.32
N SER H 17 2.08 -1.95 -40.23
CA SER H 17 2.15 -0.98 -41.32
C SER H 17 3.48 -0.25 -41.23
N THR H 18 3.77 0.54 -42.26
CA THR H 18 5.04 1.26 -42.24
C THR H 18 4.98 2.38 -41.20
N MET H 19 6.16 2.88 -40.84
CA MET H 19 6.26 3.95 -39.84
C MET H 19 5.47 5.18 -40.27
N GLY H 20 5.46 5.49 -41.56
CA GLY H 20 4.71 6.66 -42.00
C GLY H 20 3.22 6.49 -41.78
N ALA H 21 2.66 5.37 -42.24
CA ALA H 21 1.23 5.13 -42.09
C ALA H 21 0.81 5.13 -40.62
N ALA H 22 1.66 4.55 -39.75
CA ALA H 22 1.29 4.44 -38.36
C ALA H 22 1.22 5.79 -37.67
N SER H 23 1.79 6.84 -38.27
CA SER H 23 1.78 8.14 -37.64
C SER H 23 0.36 8.70 -37.64
N MET H 24 -0.54 8.13 -38.45
CA MET H 24 -1.93 8.56 -38.49
C MET H 24 -2.77 7.86 -37.43
N THR H 25 -2.19 6.95 -36.65
CA THR H 25 -2.92 6.21 -35.62
C THR H 25 -2.42 6.53 -34.21
N LEU H 26 -1.68 7.63 -34.04
CA LEU H 26 -1.13 7.94 -32.73
C LEU H 26 -2.23 8.16 -31.69
N THR H 27 -3.40 8.62 -32.11
CA THR H 27 -4.49 8.86 -31.16
C THR H 27 -5.21 7.57 -30.78
N VAL H 28 -5.01 6.50 -31.56
CA VAL H 28 -5.69 5.25 -31.27
C VAL H 28 -5.08 4.61 -30.02
N GLN H 29 -3.76 4.60 -29.95
CA GLN H 29 -3.06 4.02 -28.80
C GLN H 29 -3.09 4.94 -27.59
N ALA H 30 -2.92 6.25 -27.82
CA ALA H 30 -2.86 7.23 -26.73
C ALA H 30 -4.09 7.17 -25.83
N ARG H 31 -5.27 6.97 -26.41
CA ARG H 31 -6.47 6.91 -25.58
C ARG H 31 -6.58 5.56 -24.88
N GLN H 32 -6.19 4.48 -25.56
CA GLN H 32 -6.31 3.16 -24.98
C GLN H 32 -5.45 2.99 -23.72
N LEU H 33 -4.30 3.67 -23.68
CA LEU H 33 -3.40 3.53 -22.54
C LEU H 33 -3.96 4.05 -21.22
N LEU H 34 -4.94 4.95 -21.26
CA LEU H 34 -5.53 5.53 -20.06
C LEU H 34 -6.90 4.93 -19.84
N SER H 35 -7.06 4.21 -18.73
CA SER H 35 -8.33 3.58 -18.37
C SER H 35 -8.19 2.85 -17.04
N TRP H 60 -8.07 -10.24 -5.54
CA TRP H 60 -8.94 -9.06 -5.53
C TRP H 60 -8.44 -8.00 -4.56
N GLY H 61 -9.17 -6.88 -4.50
CA GLY H 61 -8.80 -5.81 -3.60
C GLY H 61 -7.51 -5.10 -3.98
N ILE H 62 -6.51 -5.23 -3.09
CA ILE H 62 -5.21 -4.60 -3.31
C ILE H 62 -4.64 -5.06 -4.64
N LYS H 63 -4.81 -6.35 -4.96
CA LYS H 63 -4.24 -6.92 -6.17
C LYS H 63 -4.67 -6.13 -7.40
N GLN H 64 -5.92 -5.66 -7.42
CA GLN H 64 -6.38 -4.90 -8.57
C GLN H 64 -6.27 -3.41 -8.34
N LEU H 65 -6.28 -2.96 -7.09
CA LEU H 65 -6.18 -1.54 -6.83
C LEU H 65 -4.81 -1.01 -7.22
N GLN H 66 -3.78 -1.82 -6.95
CA GLN H 66 -2.44 -1.43 -7.35
C GLN H 66 -2.35 -1.31 -8.85
N ALA H 67 -3.07 -2.18 -9.57
CA ALA H 67 -3.00 -2.14 -11.02
C ALA H 67 -3.56 -0.82 -11.54
N ARG H 68 -4.62 -0.33 -10.90
CA ARG H 68 -5.18 0.94 -11.36
C ARG H 68 -4.20 2.05 -11.06
N VAL H 69 -3.61 2.00 -9.87
CA VAL H 69 -2.66 3.03 -9.48
C VAL H 69 -1.45 2.92 -10.40
N LEU H 70 -1.02 1.69 -10.68
CA LEU H 70 0.14 1.53 -11.53
C LEU H 70 -0.14 2.05 -12.93
N ALA H 71 -1.34 1.79 -13.45
CA ALA H 71 -1.66 2.29 -14.78
C ALA H 71 -1.58 3.81 -14.81
N VAL H 72 -2.04 4.45 -13.72
CA VAL H 72 -1.96 5.89 -13.65
C VAL H 72 -0.52 6.34 -13.62
N GLU H 73 0.31 5.67 -12.82
CA GLU H 73 1.71 6.04 -12.76
C GLU H 73 2.38 5.86 -14.10
N HIS H 74 2.01 4.81 -14.84
CA HIS H 74 2.65 4.63 -16.14
C HIS H 74 2.24 5.76 -17.07
N TYR H 75 0.96 6.13 -17.03
CA TYR H 75 0.51 7.24 -17.85
C TYR H 75 1.27 8.48 -17.48
N LEU H 76 1.35 8.76 -16.19
CA LEU H 76 2.01 9.98 -15.75
C LEU H 76 3.50 9.90 -16.02
N LYS H 77 4.09 8.70 -15.92
CA LYS H 77 5.50 8.56 -16.24
C LYS H 77 5.79 9.10 -17.63
N ASP H 78 4.96 8.71 -18.61
CA ASP H 78 5.20 9.20 -19.95
C ASP H 78 4.91 10.69 -20.03
N GLN H 79 3.89 11.14 -19.32
CA GLN H 79 3.58 12.56 -19.37
C GLN H 79 4.69 13.35 -18.70
N GLN H 80 5.26 12.80 -17.61
CA GLN H 80 6.33 13.54 -16.97
C GLN H 80 7.52 13.59 -17.90
N LEU H 81 7.79 12.50 -18.61
CA LEU H 81 8.93 12.52 -19.51
C LEU H 81 8.65 13.52 -20.60
N LEU H 82 7.41 13.53 -21.10
CA LEU H 82 7.02 14.51 -22.10
C LEU H 82 7.03 15.91 -21.49
N GLY H 83 6.77 16.00 -20.19
CA GLY H 83 6.87 17.28 -19.51
C GLY H 83 8.31 17.75 -19.35
N ILE H 84 9.25 16.81 -19.16
CA ILE H 84 10.65 17.18 -19.02
C ILE H 84 11.18 17.70 -20.35
N TRP H 85 10.83 17.01 -21.42
CA TRP H 85 11.12 17.42 -22.78
C TRP H 85 10.10 18.49 -23.10
N GLY H 86 10.42 19.43 -23.99
CA GLY H 86 9.35 20.38 -24.28
C GLY H 86 8.31 19.84 -25.25
N CYS H 87 7.69 18.72 -24.89
CA CYS H 87 6.77 17.98 -25.75
C CYS H 87 5.36 17.92 -25.19
N SER H 88 5.05 18.66 -24.13
CA SER H 88 3.72 18.57 -23.53
C SER H 88 2.63 19.01 -24.50
N GLY H 89 1.57 18.22 -24.55
CA GLY H 89 0.42 18.54 -25.37
C GLY H 89 0.52 18.12 -26.82
N LYS H 90 1.63 17.52 -27.24
CA LYS H 90 1.84 17.12 -28.62
C LYS H 90 2.01 15.61 -28.76
N LEU H 91 1.55 15.10 -29.90
CA LEU H 91 1.76 13.71 -30.28
C LEU H 91 3.04 13.53 -31.07
N ILE H 92 3.39 14.54 -31.87
CA ILE H 92 4.63 14.56 -32.65
C ILE H 92 5.40 15.77 -32.17
N CYS H 93 6.57 15.53 -31.56
CA CYS H 93 7.38 16.58 -30.97
C CYS H 93 8.77 16.61 -31.60
N THR H 94 9.08 17.68 -32.32
CA THR H 94 10.36 17.87 -32.95
C THR H 94 11.32 18.47 -31.94
N THR H 95 12.48 17.84 -31.73
CA THR H 95 13.45 18.35 -30.77
C THR H 95 14.57 19.09 -31.49
N ALA H 96 15.49 19.65 -30.69
CA ALA H 96 16.64 20.40 -31.18
C ALA H 96 17.95 19.65 -31.02
N VAL H 97 17.92 18.32 -30.90
CA VAL H 97 19.13 17.52 -30.75
C VAL H 97 19.56 17.02 -32.13
N PRO H 98 20.81 17.27 -32.56
CA PRO H 98 21.27 16.67 -33.81
C PRO H 98 21.34 15.15 -33.70
N TRP H 99 21.14 14.48 -34.84
CA TRP H 99 21.21 13.02 -34.89
C TRP H 99 22.62 12.52 -35.21
N ASN H 100 23.59 13.41 -35.45
CA ASN H 100 24.93 13.03 -35.92
C ASN H 100 25.82 12.63 -34.73
N ALA H 101 25.59 11.42 -34.24
CA ALA H 101 26.31 10.85 -33.11
C ALA H 101 26.79 9.45 -33.51
N THR H 102 26.60 8.45 -32.64
CA THR H 102 27.00 7.07 -32.86
C THR H 102 25.77 6.20 -33.10
N TRP H 103 24.62 6.84 -33.24
CA TRP H 103 23.31 6.20 -33.35
C TRP H 103 23.18 5.52 -34.70
N SER H 104 22.47 4.39 -34.73
CA SER H 104 22.21 3.71 -35.99
C SER H 104 21.01 4.40 -36.62
N ASN H 105 21.24 5.06 -37.75
CA ASN H 105 20.19 5.82 -38.46
C ASN H 105 20.16 5.43 -39.93
N LYS H 106 19.09 4.76 -40.32
CA LYS H 106 18.87 4.29 -41.68
C LYS H 106 18.35 5.46 -42.50
N THR H 107 18.45 5.37 -43.82
CA THR H 107 17.91 6.44 -44.66
C THR H 107 16.42 6.58 -44.39
N LEU H 108 15.96 7.84 -44.37
CA LEU H 108 14.56 8.13 -44.03
C LEU H 108 13.57 7.49 -45.00
N ASP H 109 13.97 7.29 -46.26
CA ASP H 109 13.06 6.64 -47.21
C ASP H 109 12.71 5.25 -46.73
N ASN H 110 13.66 4.55 -46.14
CA ASN H 110 13.42 3.20 -45.68
C ASN H 110 12.79 3.19 -44.31
N ILE H 111 13.16 4.15 -43.45
CA ILE H 111 12.59 4.18 -42.11
C ILE H 111 11.10 4.41 -42.20
N TRP H 112 10.68 5.36 -43.03
CA TRP H 112 9.26 5.68 -43.11
C TRP H 112 8.48 4.81 -44.08
N ASN H 113 9.09 4.25 -45.13
CA ASN H 113 8.32 3.43 -46.08
C ASN H 113 8.70 1.96 -46.11
N ASN H 114 9.86 1.56 -45.58
CA ASN H 114 10.28 0.16 -45.62
C ASN H 114 10.52 -0.45 -44.24
N MET H 115 10.12 0.22 -43.16
CA MET H 115 10.29 -0.30 -41.81
C MET H 115 9.03 -0.06 -40.99
N THR H 116 8.79 -0.96 -40.04
CA THR H 116 7.72 -0.80 -39.07
C THR H 116 8.35 -0.28 -37.78
N TRP H 117 7.52 0.19 -36.86
CA TRP H 117 8.07 0.74 -35.62
C TRP H 117 8.71 -0.31 -34.73
N MET H 118 8.27 -1.57 -34.78
CA MET H 118 8.86 -2.59 -33.90
C MET H 118 10.33 -2.80 -34.24
N GLU H 119 10.61 -3.02 -35.53
CA GLU H 119 11.99 -3.27 -35.92
C GLU H 119 12.81 -2.00 -35.82
N TRP H 120 12.18 -0.84 -36.03
CA TRP H 120 12.90 0.41 -35.85
C TRP H 120 13.36 0.59 -34.41
N GLU H 121 12.43 0.38 -33.45
CA GLU H 121 12.81 0.57 -32.06
C GLU H 121 13.87 -0.45 -31.65
N LYS H 122 13.78 -1.67 -32.19
CA LYS H 122 14.82 -2.65 -31.89
C LYS H 122 16.16 -2.20 -32.43
N GLU H 123 16.16 -1.62 -33.65
CA GLU H 123 17.38 -1.17 -34.31
C GLU H 123 18.14 -0.13 -33.50
N ILE H 124 17.45 0.76 -32.78
CA ILE H 124 18.10 1.82 -32.00
C ILE H 124 17.97 1.60 -30.50
N SER H 125 17.65 0.38 -30.07
CA SER H 125 17.40 0.13 -28.64
C SER H 125 18.56 0.53 -27.75
N ASN H 126 19.79 0.24 -28.16
CA ASN H 126 20.94 0.50 -27.29
C ASN H 126 21.23 1.97 -27.10
N TYR H 127 20.61 2.86 -27.88
CA TYR H 127 20.86 4.28 -27.78
C TYR H 127 19.69 5.02 -27.16
N THR H 128 18.64 4.29 -26.72
CA THR H 128 17.44 4.96 -26.21
C THR H 128 17.73 5.93 -25.08
N ASN H 129 18.55 5.50 -24.11
CA ASN H 129 18.78 6.38 -22.97
C ASN H 129 19.64 7.56 -23.36
N LEU H 130 20.54 7.36 -24.32
CA LEU H 130 21.42 8.46 -24.70
C LEU H 130 20.59 9.52 -25.38
N ILE H 131 19.63 9.07 -26.18
CA ILE H 131 18.80 10.00 -26.92
C ILE H 131 17.99 10.80 -25.93
N TYR H 132 17.41 10.11 -24.94
CA TYR H 132 16.56 10.79 -23.99
C TYR H 132 17.35 11.80 -23.18
N ASN H 133 18.60 11.46 -22.83
CA ASN H 133 19.37 12.40 -22.04
C ASN H 133 19.67 13.66 -22.81
N LEU H 134 19.97 13.52 -24.10
CA LEU H 134 20.26 14.73 -24.86
C LEU H 134 19.02 15.58 -25.02
N ILE H 135 17.85 14.94 -25.14
CA ILE H 135 16.64 15.73 -25.32
C ILE H 135 16.42 16.56 -24.07
N GLU H 136 16.60 15.94 -22.89
CA GLU H 136 16.42 16.69 -21.66
C GLU H 136 17.43 17.83 -21.60
N GLU H 137 18.67 17.57 -21.98
CA GLU H 137 19.68 18.62 -21.94
C GLU H 137 19.31 19.74 -22.88
N SER H 138 18.79 19.40 -24.06
CA SER H 138 18.40 20.43 -25.00
C SER H 138 17.29 21.28 -24.42
N GLN H 139 16.30 20.64 -23.79
CA GLN H 139 15.22 21.41 -23.21
C GLN H 139 15.73 22.29 -22.08
N ASN H 140 16.70 21.80 -21.31
CA ASN H 140 17.21 22.62 -20.22
C ASN H 140 17.84 23.90 -20.77
N GLN H 141 18.49 23.80 -21.93
CA GLN H 141 19.06 25.01 -22.50
C GLN H 141 17.95 25.94 -22.95
N GLN H 142 16.89 25.37 -23.49
CA GLN H 142 15.75 26.19 -23.91
C GLN H 142 15.11 26.82 -22.69
N GLU H 143 15.07 26.08 -21.58
CA GLU H 143 14.48 26.65 -20.38
C GLU H 143 15.31 27.82 -19.88
N LYS H 144 16.65 27.69 -19.98
CA LYS H 144 17.50 28.82 -19.58
C LYS H 144 17.13 30.05 -20.39
N ASN H 145 16.90 29.87 -21.70
CA ASN H 145 16.48 30.99 -22.52
C ASN H 145 15.10 31.47 -22.10
N GLU H 146 14.16 30.54 -21.89
CA GLU H 146 12.79 30.89 -21.54
C GLU H 146 12.63 31.42 -20.12
N THR H 147 13.39 30.90 -19.16
CA THR H 147 13.24 31.26 -17.75
C THR H 147 14.32 32.16 -17.20
N GLU H 148 15.58 32.01 -17.60
CA GLU H 148 16.67 32.75 -16.99
C GLU H 148 17.17 33.94 -17.80
N ASN H 149 17.13 33.87 -19.13
CA ASN H 149 17.65 34.96 -19.96
C ASN H 149 16.56 35.97 -20.32
N LEU H 150 15.42 35.50 -20.80
CA LEU H 150 14.32 36.39 -21.22
C LEU H 150 13.45 36.74 -20.01
N THR H 151 14.04 37.50 -19.09
CA THR H 151 13.36 37.89 -17.85
C THR H 151 12.50 39.12 -18.13
N LEU H 152 11.48 38.91 -18.96
CA LEU H 152 10.61 39.97 -19.46
C LEU H 152 9.25 39.91 -18.78
N CYS H 153 8.64 41.08 -18.63
CA CYS H 153 7.31 41.26 -18.05
C CYS H 153 6.99 42.74 -17.96
C1 NAG I . -26.77 -15.89 42.45
C2 NAG I . -26.56 -14.46 42.96
C3 NAG I . -25.12 -14.33 43.41
C4 NAG I . -24.85 -15.34 44.50
C5 NAG I . -25.17 -16.75 43.98
C6 NAG I . -25.10 -17.82 45.03
C7 NAG I . -27.73 -12.52 41.96
C8 NAG I . -27.89 -11.73 40.68
N2 NAG I . -26.88 -13.56 41.87
O3 NAG I . -24.94 -13.01 43.86
O4 NAG I . -23.46 -15.30 44.72
O5 NAG I . -26.50 -16.78 43.49
O6 NAG I . -26.21 -17.70 45.88
O7 NAG I . -28.35 -12.22 42.96
C1 NAG I . -23.19 -14.91 46.08
C2 NAG I . -21.82 -15.50 46.48
C3 NAG I . -21.50 -15.04 47.89
C4 NAG I . -21.51 -13.53 47.95
C5 NAG I . -22.88 -13.00 47.50
C6 NAG I . -22.94 -11.49 47.40
C7 NAG I . -21.46 -17.66 45.38
C8 NAG I . -21.62 -19.16 45.54
N2 NAG I . -21.87 -16.93 46.42
O3 NAG I . -20.25 -15.54 48.28
O4 NAG I . -21.21 -13.12 49.27
O5 NAG I . -23.16 -13.50 46.20
O6 NAG I . -22.61 -10.94 48.65
O7 NAG I . -21.00 -17.18 44.35
C1 NAG J . -30.30 10.27 22.51
C2 NAG J . -29.90 8.84 22.86
C3 NAG J . -29.63 8.73 24.35
C4 NAG J . -28.54 9.70 24.73
C5 NAG J . -28.97 11.11 24.32
C6 NAG J . -27.90 12.16 24.52
C7 NAG J . -30.91 6.98 21.56
C8 NAG J . -32.19 6.24 21.33
N2 NAG J . -30.99 7.98 22.46
O3 NAG J . -29.23 7.41 24.63
O4 NAG J . -28.40 9.64 26.13
O5 NAG J . -29.27 11.14 22.93
O6 NAG J . -28.26 13.31 23.81
O7 NAG J . -29.88 6.68 20.97
C1 NAG J . -27.01 9.69 26.53
C2 NAG J . -26.95 10.18 27.98
C3 NAG J . -25.49 10.25 28.40
C4 NAG J . -24.86 8.88 28.24
C5 NAG J . -25.01 8.43 26.79
C6 NAG J . -24.46 7.03 26.54
C7 NAG J . -28.55 11.83 28.89
C8 NAG J . -29.00 13.27 28.77
N2 NAG J . -27.55 11.49 28.06
O3 NAG J . -25.41 10.67 29.73
O4 NAG J . -23.50 9.01 28.56
O5 NAG J . -26.38 8.43 26.43
O6 NAG J . -25.15 6.12 27.35
O7 NAG J . -29.07 11.07 29.68
C1 BMA J . -23.08 8.06 29.57
C2 BMA J . -21.58 7.87 29.41
C3 BMA J . -21.09 6.89 30.50
C4 BMA J . -21.47 7.48 31.86
C5 BMA J . -22.97 7.67 31.93
C6 BMA J . -23.42 8.31 33.24
O2 BMA J . -20.93 9.11 29.51
O3 BMA J . -19.69 6.76 30.41
O4 BMA J . -21.04 6.58 32.86
O5 BMA J . -23.38 8.52 30.87
O6 BMA J . -22.84 9.61 33.30
C1 MAN J . -19.35 5.37 30.25
C2 MAN J . -17.92 5.18 30.77
C3 MAN J . -16.95 5.98 29.89
C4 MAN J . -17.13 5.60 28.42
C5 MAN J . -18.60 5.74 28.02
C6 MAN J . -18.83 5.20 26.62
O2 MAN J . -17.64 3.80 30.72
O3 MAN J . -15.64 5.71 30.35
O4 MAN J . -16.29 6.46 27.67
O5 MAN J . -19.42 5.00 28.91
O6 MAN J . -17.89 5.76 25.74
C1 MAN J . -23.22 10.23 34.55
C2 MAN J . -24.42 11.13 34.27
C3 MAN J . -24.00 12.25 33.31
C4 MAN J . -22.80 13.00 33.87
C5 MAN J . -21.67 12.03 34.24
C6 MAN J . -20.57 12.72 35.00
O2 MAN J . -24.85 11.63 35.51
O3 MAN J . -25.11 13.10 33.15
O4 MAN J . -22.38 13.90 32.86
O5 MAN J . -22.17 10.98 35.08
O6 MAN J . -20.02 13.73 34.19
C1 NAG K . 25.87 32.26 2.99
C2 NAG K . 25.96 32.52 1.48
C3 NAG K . 27.36 32.99 1.17
C4 NAG K . 27.67 34.24 1.98
C5 NAG K . 27.50 33.93 3.47
C6 NAG K . 27.65 35.12 4.37
C7 NAG K . 24.62 31.13 -0.07
C8 NAG K . 24.50 29.76 -0.69
N2 NAG K . 25.64 31.30 0.78
O3 NAG K . 27.47 33.27 -0.20
O4 NAG K . 29.02 34.58 1.74
O5 NAG K . 26.19 33.44 3.69
O6 NAG K . 26.62 36.04 4.09
O7 NAG K . 23.82 32.01 -0.35
C1 NAG K . 29.18 35.98 1.42
C2 NAG K . 30.65 36.33 1.72
C3 NAG K . 30.87 37.78 1.35
C4 NAG K . 30.54 37.97 -0.13
C5 NAG K . 29.09 37.57 -0.36
C6 NAG K . 28.65 37.65 -1.79
C7 NAG K . 31.56 35.15 3.69
C8 NAG K . 31.68 35.21 5.19
N2 NAG K . 30.88 36.17 3.13
O3 NAG K . 32.21 38.10 1.62
O4 NAG K . 30.70 39.33 -0.47
O5 NAG K . 28.90 36.23 0.06
O6 NAG K . 27.24 37.62 -1.86
O7 NAG K . 32.06 34.24 3.04
C1 BMA K . 31.82 39.48 -1.37
C2 BMA K . 31.67 40.81 -2.09
C3 BMA K . 32.91 41.01 -3.00
C4 BMA K . 34.16 40.95 -2.13
C5 BMA K . 34.23 39.61 -1.40
C6 BMA K . 35.39 39.51 -0.43
O2 BMA K . 31.53 41.86 -1.18
O3 BMA K . 32.80 42.26 -3.63
O4 BMA K . 35.29 41.11 -2.98
O5 BMA K . 33.04 39.44 -0.65
O6 BMA K . 36.59 39.73 -1.16
C1 NAG L . 13.13 -34.87 31.37
C2 NAG L . 14.43 -34.89 30.55
C3 NAG L . 14.18 -35.76 29.33
C4 NAG L . 13.78 -37.16 29.78
C5 NAG L . 12.55 -37.06 30.68
C6 NAG L . 12.16 -38.37 31.31
C7 NAG L . 15.99 -33.02 30.12
C8 NAG L . 16.08 -31.60 29.64
N2 NAG L . 14.75 -33.55 30.13
O3 NAG L . 15.36 -35.82 28.58
O4 NAG L . 13.38 -37.83 28.60
O5 NAG L . 12.82 -36.18 31.75
O6 NAG L . 13.08 -38.66 32.34
O7 NAG L . 16.98 -33.63 30.48
C1 NAG L . 14.18 -39.01 28.40
C2 NAG L . 13.36 -39.98 27.55
C3 NAG L . 14.20 -41.22 27.29
C4 NAG L . 15.48 -40.80 26.60
C5 NAG L . 16.23 -39.79 27.46
C6 NAG L . 17.48 -39.23 26.80
C7 NAG L . 10.94 -39.83 27.99
C8 NAG L . 9.83 -40.37 28.85
N2 NAG L . 12.16 -40.36 28.24
O3 NAG L . 13.49 -42.12 26.49
O4 NAG L . 16.27 -41.96 26.36
O5 NAG L . 15.39 -38.69 27.73
O6 NAG L . 18.35 -40.30 26.48
O7 NAG L . 10.74 -38.98 27.14
C1 NAG M . 34.00 -13.83 31.25
C2 NAG M . 34.57 -15.08 30.58
C3 NAG M . 34.88 -16.10 31.66
C4 NAG M . 35.88 -15.49 32.63
C5 NAG M . 35.28 -14.21 33.22
C6 NAG M . 36.24 -13.44 34.11
C7 NAG M . 33.90 -16.08 28.43
C8 NAG M . 32.71 -16.54 27.63
N2 NAG M . 33.62 -15.57 29.64
O3 NAG M . 35.40 -17.25 31.06
O4 NAG M . 36.09 -16.39 33.71
O5 NAG M . 34.95 -13.33 32.17
O6 NAG M . 35.53 -12.52 34.89
O7 NAG M . 35.04 -16.18 28.00
C1 NAG M . 37.39 -17.01 33.61
C2 NAG M . 37.85 -17.38 35.02
C3 NAG M . 39.18 -18.11 34.91
C4 NAG M . 39.02 -19.31 34.01
C5 NAG M . 38.53 -18.87 32.64
C6 NAG M . 38.22 -20.02 31.71
C7 NAG M . 37.23 -15.84 36.86
C8 NAG M . 37.61 -14.55 37.52
N2 NAG M . 38.00 -16.20 35.81
O3 NAG M . 39.61 -18.50 36.18
O4 NAG M . 40.26 -19.96 33.92
O5 NAG M . 37.32 -18.15 32.80
O6 NAG M . 37.66 -19.54 30.52
O7 NAG M . 36.29 -16.51 37.26
C1 NAG N . 37.31 -11.21 29.80
C2 NAG N . 38.56 -12.06 30.00
C3 NAG N . 39.15 -12.39 28.64
C4 NAG N . 38.11 -13.12 27.82
C5 NAG N . 36.86 -12.26 27.71
C6 NAG N . 35.72 -12.99 27.02
C7 NAG N . 40.16 -11.82 31.87
C8 NAG N . 41.10 -10.85 32.54
N2 NAG N . 39.50 -11.33 30.80
O3 NAG N . 40.28 -13.20 28.81
O4 NAG N . 38.64 -13.27 26.52
O5 NAG N . 36.39 -11.92 29.00
O6 NAG N . 34.62 -12.12 26.87
O7 NAG N . 40.03 -12.96 32.28
C1 NAG N . 38.81 -14.67 26.21
C2 NAG N . 38.92 -14.79 24.68
C3 NAG N . 39.17 -16.24 24.34
C4 NAG N . 40.42 -16.72 25.05
C5 NAG N . 40.26 -16.53 26.57
C6 NAG N . 41.48 -16.92 27.35
C7 NAG N . 37.50 -13.17 23.47
C8 NAG N . 36.12 -12.95 22.93
N2 NAG N . 37.69 -14.35 24.09
O3 NAG N . 39.33 -16.37 22.95
O4 NAG N . 40.63 -18.07 24.72
O5 NAG N . 39.97 -15.18 26.84
O6 NAG N . 41.74 -18.29 27.17
O7 NAG N . 38.39 -12.33 23.34
C1 NAG O . 31.93 -2.03 17.55
C2 NAG O . 31.54 -2.86 16.32
C3 NAG O . 32.80 -3.22 15.56
C4 NAG O . 33.55 -1.96 15.19
C5 NAG O . 33.87 -1.19 16.46
C6 NAG O . 34.57 0.12 16.21
C7 NAG O . 29.62 -4.40 16.51
C8 NAG O . 29.21 -5.72 17.11
N2 NAG O . 30.89 -4.06 16.77
O3 NAG O . 32.43 -3.93 14.40
O4 NAG O . 34.75 -2.33 14.56
O5 NAG O . 32.67 -0.90 17.15
O6 NAG O . 34.81 0.75 17.46
O7 NAG O . 28.86 -3.73 15.83
C1 NAG O . 34.75 -1.84 13.20
C2 NAG O . 36.16 -2.11 12.65
C3 NAG O . 36.19 -1.66 11.20
C4 NAG O . 35.11 -2.40 10.42
C5 NAG O . 33.75 -2.13 11.05
C6 NAG O . 32.62 -2.89 10.40
C7 NAG O . 37.84 -1.88 14.42
C8 NAG O . 38.76 -0.89 15.10
N2 NAG O . 37.10 -1.36 13.43
O3 NAG O . 37.45 -1.91 10.64
O4 NAG O . 35.15 -1.95 9.08
O5 NAG O . 33.79 -2.52 12.42
O6 NAG O . 32.46 -2.43 9.08
O7 NAG O . 37.81 -3.04 14.77
C1 NAG P . 24.96 -6.41 17.50
C2 NAG P . 23.87 -7.47 17.71
C3 NAG P . 24.54 -8.83 17.72
C4 NAG P . 25.31 -9.07 16.43
C5 NAG P . 26.33 -7.94 16.28
C6 NAG P . 27.08 -7.96 14.96
C7 NAG P . 21.97 -7.06 19.23
C8 NAG P . 21.61 -6.86 20.68
N2 NAG P . 23.28 -7.26 19.00
O3 NAG P . 23.54 -9.80 17.80
O4 NAG P . 26.00 -10.29 16.60
O5 NAG P . 25.67 -6.70 16.32
O6 NAG P . 26.15 -7.85 13.91
O7 NAG P . 21.12 -7.03 18.36
C1 NAG P . 25.80 -11.17 15.47
C2 NAG P . 27.02 -12.11 15.40
C3 NAG P . 26.83 -13.03 14.20
C4 NAG P . 25.55 -13.81 14.39
C5 NAG P . 24.37 -12.83 14.51
C6 NAG P . 23.06 -13.49 14.84
C7 NAG P . 29.17 -11.20 16.22
C8 NAG P . 30.31 -10.30 15.84
N2 NAG P . 28.21 -11.31 15.29
O3 NAG P . 27.93 -13.90 14.13
O4 NAG P . 25.38 -14.68 13.29
O5 NAG P . 24.62 -11.94 15.59
O6 NAG P . 23.14 -14.01 16.14
O7 NAG P . 29.14 -11.77 17.30
C1 BMA P . 24.98 -15.99 13.74
C2 BMA P . 24.13 -16.63 12.63
C3 BMA P . 23.72 -18.03 13.10
C4 BMA P . 24.98 -18.84 13.40
C5 BMA P . 25.81 -18.12 14.46
C6 BMA P . 27.11 -18.85 14.76
O2 BMA P . 24.86 -16.69 11.44
O3 BMA P . 22.98 -18.68 12.10
O4 BMA P . 24.59 -20.11 13.84
O5 BMA P . 26.11 -16.81 14.01
O6 BMA P . 28.16 -18.22 14.06
C1 MAN P . 21.57 -18.38 12.21
C2 MAN P . 20.81 -19.71 12.20
C3 MAN P . 21.09 -20.43 10.89
C4 MAN P . 20.76 -19.55 9.70
C5 MAN P . 21.42 -18.17 9.84
C6 MAN P . 20.89 -17.19 8.81
O2 MAN P . 19.44 -19.41 12.36
O3 MAN P . 20.29 -21.60 10.90
O4 MAN P . 21.22 -20.21 8.54
O5 MAN P . 21.16 -17.61 11.12
O6 MAN P . 21.13 -17.70 7.53
C1 MAN P . 29.23 -19.17 13.84
C2 MAN P . 30.46 -18.39 13.39
C3 MAN P . 30.26 -17.80 11.99
C4 MAN P . 29.82 -18.88 11.01
C5 MAN P . 28.58 -19.59 11.57
C6 MAN P . 28.17 -20.75 10.69
O2 MAN P . 31.54 -19.30 13.41
O3 MAN P . 31.47 -17.20 11.61
O4 MAN P . 29.56 -18.25 9.77
O5 MAN P . 28.86 -20.10 12.86
O6 MAN P . 28.02 -20.29 9.37
C1 NAG Q . -5.10 -15.63 -40.29
C2 NAG Q . -5.89 -14.40 -39.85
C3 NAG Q . -7.32 -14.82 -39.59
C4 NAG Q . -7.93 -15.36 -40.87
C5 NAG Q . -7.03 -16.50 -41.38
C6 NAG Q . -7.48 -17.02 -42.73
C7 NAG Q . -4.39 -12.90 -38.68
C8 NAG Q . -4.03 -12.42 -37.32
N2 NAG Q . -5.37 -13.80 -38.67
O3 NAG Q . -8.00 -13.70 -39.08
O4 NAG Q . -9.17 -15.97 -40.57
O5 NAG Q . -5.68 -16.08 -41.51
O6 NAG Q . -6.71 -18.15 -43.08
O7 NAG Q . -3.85 -12.47 -39.70
C1 NAG Q . -10.31 -15.07 -40.62
C2 NAG Q . -11.57 -15.89 -40.79
C3 NAG Q . -12.78 -14.96 -40.75
C4 NAG Q . -12.76 -14.20 -39.43
C5 NAG Q . -11.45 -13.42 -39.32
C6 NAG Q . -11.30 -12.69 -38.00
C7 NAG Q . -11.51 -17.88 -42.26
C8 NAG Q . -11.48 -18.33 -43.70
N2 NAG Q . -11.54 -16.55 -42.07
O3 NAG Q . -13.96 -15.70 -40.87
O4 NAG Q . -13.88 -13.34 -39.40
O5 NAG Q . -10.37 -14.32 -39.42
O6 NAG Q . -12.33 -11.74 -37.88
O7 NAG Q . -11.53 -18.70 -41.35
C1 NAG R . -25.36 -47.00 9.80
C2 NAG R . -26.48 -46.76 8.77
C3 NAG R . -27.52 -45.88 9.43
C4 NAG R . -28.05 -46.55 10.68
C5 NAG R . -26.89 -46.84 11.61
C6 NAG R . -27.25 -47.60 12.87
C7 NAG R . -26.16 -46.44 6.34
C8 NAG R . -25.47 -45.59 5.31
N2 NAG R . -25.93 -46.10 7.63
O3 NAG R . -28.54 -45.65 8.49
O4 NAG R . -28.89 -45.60 11.31
O5 NAG R . -25.91 -47.62 10.94
O6 NAG R . -27.26 -48.97 12.58
O7 NAG R . -26.88 -47.37 6.01
C1 NAG R . -30.21 -46.14 11.54
C2 NAG R . -30.89 -45.27 12.60
C3 NAG R . -32.30 -45.80 12.81
C4 NAG R . -33.04 -45.78 11.49
C5 NAG R . -32.28 -46.64 10.48
C6 NAG R . -32.90 -46.63 9.10
C7 NAG R . -29.25 -44.48 14.26
C8 NAG R . -28.62 -44.80 15.59
N2 NAG R . -30.16 -45.37 13.84
O3 NAG R . -32.95 -44.99 13.74
O4 NAG R . -34.35 -46.26 11.70
O5 NAG R . -30.96 -46.15 10.34
O6 NAG R . -34.21 -47.15 9.18
O7 NAG R . -28.94 -43.48 13.64
C1 NAG S . -18.26 -30.49 -18.62
C2 NAG S . -18.21 -30.69 -17.10
C3 NAG S . -19.49 -31.38 -16.69
C4 NAG S . -20.69 -30.55 -17.10
C5 NAG S . -20.65 -30.39 -18.61
C6 NAG S . -21.72 -29.49 -19.18
C7 NAG S . -16.13 -31.30 -15.91
C8 NAG S . -15.06 -32.36 -15.82
N2 NAG S . -17.08 -31.55 -16.83
O3 NAG S . -19.51 -31.51 -15.29
O4 NAG S . -21.83 -31.27 -16.69
O5 NAG S . -19.41 -29.78 -18.97
O6 NAG S . -21.65 -28.24 -18.55
O7 NAG S . -16.09 -30.30 -15.21
C1 NAG S . -22.81 -30.41 -16.06
C2 NAG S . -24.19 -31.04 -16.24
C3 NAG S . -25.22 -30.14 -15.57
C4 NAG S . -24.86 -30.00 -14.11
C5 NAG S . -23.45 -29.41 -13.99
C6 NAG S . -22.94 -29.35 -12.57
C7 NAG S . -24.63 -32.31 -18.32
C8 NAG S . -24.90 -32.15 -19.80
N2 NAG S . -24.47 -31.15 -17.66
O3 NAG S . -26.49 -30.72 -15.71
O4 NAG S . -25.80 -29.14 -13.50
O5 NAG S . -22.54 -30.24 -14.68
O6 NAG S . -22.83 -30.67 -12.08
O7 NAG S . -24.55 -33.41 -17.80
C1 BMA S . -26.32 -29.74 -12.29
C2 BMA S . -26.82 -28.63 -11.36
C3 BMA S . -27.39 -29.29 -10.08
C4 BMA S . -28.52 -30.24 -10.51
C5 BMA S . -27.98 -31.28 -11.47
C6 BMA S . -29.07 -32.23 -11.98
O2 BMA S . -27.79 -27.86 -12.02
O3 BMA S . -27.92 -28.35 -9.18
O4 BMA S . -29.02 -30.86 -9.35
O5 BMA S . -27.40 -30.63 -12.59
O6 BMA S . -29.83 -31.54 -12.95
C1 MAN S . -27.06 -27.28 -8.71
C2 MAN S . -25.93 -27.81 -7.84
C3 MAN S . -26.51 -28.56 -6.65
C4 MAN S . -27.41 -27.63 -5.85
C5 MAN S . -28.45 -26.97 -6.79
C6 MAN S . -29.19 -25.87 -6.07
O2 MAN S . -25.19 -26.69 -7.42
O3 MAN S . -25.44 -29.05 -5.88
O4 MAN S . -28.04 -28.41 -4.85
O5 MAN S . -27.82 -26.39 -7.92
O6 MAN S . -29.54 -26.33 -4.78
C1 MAN S . -31.02 -32.33 -13.23
C2 MAN S . -31.68 -31.77 -14.49
C3 MAN S . -32.23 -30.38 -14.23
C4 MAN S . -33.18 -30.39 -13.03
C5 MAN S . -32.43 -30.99 -11.83
C6 MAN S . -33.34 -31.16 -10.63
O2 MAN S . -32.70 -32.68 -14.84
O3 MAN S . -32.89 -29.95 -15.40
O4 MAN S . -33.58 -29.06 -12.80
O5 MAN S . -31.93 -32.27 -12.16
O6 MAN S . -33.37 -29.95 -9.90
C1 NAG T . -25.83 1.17 44.15
C2 NAG T . -25.95 2.71 44.26
C3 NAG T . -24.60 3.27 44.65
C4 NAG T . -24.17 2.63 45.96
C5 NAG T . -24.10 1.11 45.78
C6 NAG T . -23.73 0.37 47.05
C7 NAG T . -27.56 3.75 42.70
C8 NAG T . -27.72 4.26 41.28
N2 NAG T . -26.34 3.25 42.98
O3 NAG T . -24.69 4.65 44.81
O4 NAG T . -22.90 3.16 46.30
O5 NAG T . -25.37 0.64 45.36
O6 NAG T . -22.43 0.74 47.43
O7 NAG T . -28.48 3.80 43.49
C1 NAG U . -36.58 13.58 31.71
C2 NAG U . -37.88 14.38 31.77
C3 NAG U . -37.56 15.83 31.49
C4 NAG U . -36.55 16.32 32.52
C5 NAG U . -35.29 15.43 32.44
C6 NAG U . -34.24 15.79 33.47
C7 NAG U . -40.08 13.57 31.00
C8 NAG U . -40.82 13.01 29.80
N2 NAG U . -38.78 13.85 30.79
O3 NAG U . -38.73 16.60 31.58
O4 NAG U . -36.24 17.67 32.25
O5 NAG U . -35.65 14.08 32.65
O6 NAG U . -33.89 17.14 33.32
O7 NAG U . -40.66 13.75 32.06
C1 NAG V . -43.04 12.15 34.99
C2 NAG V . -43.41 12.64 36.39
C3 NAG V . -42.37 13.64 36.85
C4 NAG V . -41.00 12.98 36.83
C5 NAG V . -40.72 12.48 35.42
C6 NAG V . -39.42 11.71 35.29
C7 NAG V . -45.86 12.67 36.70
C8 NAG V . -47.09 13.54 36.57
N2 NAG V . -44.71 13.27 36.35
O3 NAG V . -42.66 14.07 38.14
O4 NAG V . -40.05 13.93 37.24
O5 NAG V . -41.74 11.60 35.02
O6 NAG V . -39.57 10.46 35.92
O7 NAG V . -45.93 11.51 37.08
C1 NAG W . -35.04 17.12 22.65
C2 NAG W . -33.58 17.15 23.14
C3 NAG W . -33.39 18.36 24.01
C4 NAG W . -33.76 19.61 23.22
C5 NAG W . -35.22 19.49 22.74
C6 NAG W . -35.68 20.64 21.88
C7 NAG W . -32.38 15.03 23.57
C8 NAG W . -32.31 13.86 24.53
N2 NAG W . -33.31 15.94 23.88
O3 NAG W . -32.05 18.45 24.42
O4 NAG W . -33.59 20.74 24.05
O5 NAG W . -35.36 18.31 21.98
O6 NAG W . -35.63 21.84 22.63
O7 NAG W . -31.62 15.11 22.60
C1 NAG X . -20.94 -29.39 38.35
C2 NAG X . -22.46 -29.66 38.39
C3 NAG X . -22.79 -30.32 39.71
C4 NAG X . -21.98 -31.60 39.87
C5 NAG X . -20.49 -31.24 39.81
C6 NAG X . -19.57 -32.44 39.89
C7 NAG X . -23.67 -27.88 37.18
C8 NAG X . -24.40 -26.58 37.36
N2 NAG X . -23.19 -28.43 38.31
O3 NAG X . -24.16 -30.59 39.76
O4 NAG X . -22.31 -32.19 41.11
O5 NAG X . -20.24 -30.59 38.58
O6 NAG X . -18.24 -32.00 39.84
O7 NAG X . -23.53 -28.39 36.08
C1 NAG Y . -31.08 -26.43 40.22
C2 NAG Y . -30.29 -27.26 41.24
C3 NAG Y . -31.19 -27.55 42.43
C4 NAG Y . -31.64 -26.23 43.03
C5 NAG Y . -32.38 -25.42 41.95
C6 NAG Y . -32.76 -24.02 42.39
C7 NAG Y . -28.59 -28.81 40.33
C8 NAG Y . -28.40 -30.14 39.66
N2 NAG Y . -29.87 -28.48 40.61
O3 NAG Y . -30.49 -28.30 43.38
O4 NAG Y . -32.49 -26.50 44.12
O5 NAG Y . -31.52 -25.24 40.84
O6 NAG Y . -33.76 -24.12 43.38
O7 NAG Y . -27.64 -28.09 40.59
C1 NAG Z . -31.64 -27.08 21.19
C2 NAG Z . -32.62 -26.14 21.91
C3 NAG Z . -33.50 -26.97 22.82
C4 NAG Z . -34.24 -27.99 21.98
C5 NAG Z . -33.22 -28.87 21.25
C6 NAG Z . -33.86 -29.86 20.30
C7 NAG Z . -31.84 -23.85 22.45
C8 NAG Z . -30.94 -23.06 23.37
N2 NAG Z . -31.85 -25.18 22.66
O3 NAG Z . -34.43 -26.12 23.46
O4 NAG Z . -35.04 -28.77 22.83
O5 NAG Z . -32.37 -28.04 20.46
O6 NAG Z . -34.74 -30.68 21.01
O7 NAG Z . -32.49 -23.28 21.58
C1 NAG AA . -49.15 -5.74 25.66
C2 NAG AA . -49.08 -6.92 24.69
C3 NAG AA . -50.51 -7.39 24.42
C4 NAG AA . -51.15 -7.78 25.75
C5 NAG AA . -51.13 -6.58 26.68
C6 NAG AA . -51.68 -6.88 28.06
C7 NAG AA . -47.27 -6.71 23.02
C8 NAG AA . -46.96 -6.15 21.66
N2 NAG AA . -48.52 -6.49 23.44
O3 NAG AA . -50.47 -8.49 23.57
O4 NAG AA . -52.48 -8.20 25.48
O5 NAG AA . -49.79 -6.14 26.85
O6 NAG AA . -53.05 -7.20 27.96
O7 NAG AA . -46.44 -7.31 23.69
C1 NAG BA . -34.27 28.67 0.25
C2 NAG BA . -35.12 29.71 1.00
C3 NAG BA . -34.19 30.64 1.75
C4 NAG BA . -33.31 29.82 2.70
C5 NAG BA . -32.53 28.79 1.87
C6 NAG BA . -31.67 27.87 2.71
C7 NAG BA . -37.17 30.19 -0.29
C8 NAG BA . -37.77 31.12 -1.32
N2 NAG BA . -35.89 30.46 0.05
O3 NAG BA . -34.94 31.57 2.47
O4 NAG BA . -32.45 30.70 3.39
O5 NAG BA . -33.45 27.98 1.16
O6 NAG BA . -30.73 28.64 3.42
O7 NAG BA . -37.81 29.27 0.18
C1 NAG CA . 26.77 -30.29 21.79
C2 NAG CA . 28.25 -30.33 21.37
C3 NAG CA . 28.34 -31.07 20.05
C4 NAG CA . 27.75 -32.47 20.21
C5 NAG CA . 26.30 -32.33 20.67
C6 NAG CA . 25.63 -33.66 20.94
C7 NAG CA . 29.46 -28.33 22.12
C8 NAG CA . 29.86 -26.94 21.72
N2 NAG CA . 28.74 -29.00 21.21
O3 NAG CA . 29.69 -31.17 19.66
O4 NAG CA . 27.85 -33.14 18.98
O5 NAG CA . 26.25 -31.59 21.87
O6 NAG CA . 25.61 -34.43 19.76
O7 NAG CA . 29.76 -28.79 23.21
C1 NAG DA . 34.71 -9.00 23.58
C2 NAG DA . 35.99 -8.73 24.36
C3 NAG DA . 36.90 -7.90 23.48
C4 NAG DA . 37.17 -8.61 22.16
C5 NAG DA . 35.84 -8.92 21.48
C6 NAG DA . 35.99 -9.75 20.24
C7 NAG DA . 35.35 -8.48 26.73
C8 NAG DA . 35.07 -7.48 27.82
N2 NAG DA . 35.69 -7.97 25.53
O3 NAG DA . 38.09 -7.64 24.16
O4 NAG DA . 37.89 -7.70 21.37
O5 NAG DA . 35.01 -9.65 22.36
O6 NAG DA . 36.93 -9.13 19.38
O7 NAG DA . 35.27 -9.68 26.94
C1 NAG EA . -1.80 -38.34 33.11
C2 NAG EA . -1.09 -38.12 34.45
C3 NAG EA . -0.87 -39.48 35.09
C4 NAG EA . -2.21 -40.17 35.27
C5 NAG EA . -2.86 -40.33 33.90
C6 NAG EA . -4.24 -40.95 33.95
C7 NAG EA . 0.40 -36.16 34.24
C8 NAG EA . 1.82 -35.74 34.00
N2 NAG EA . 0.18 -37.49 34.24
O3 NAG EA . -0.25 -39.30 36.33
O4 NAG EA . -1.98 -41.43 35.89
O5 NAG EA . -3.01 -39.05 33.31
O6 NAG EA . -4.15 -42.22 34.56
O7 NAG EA . -0.49 -35.35 34.42
C1 NAG FA . 5.17 -35.73 39.81
C2 NAG FA . 4.22 -36.81 40.34
C3 NAG FA . 4.91 -37.51 41.49
C4 NAG FA . 6.24 -38.09 41.03
C5 NAG FA . 7.10 -36.94 40.49
C6 NAG FA . 8.44 -37.39 39.95
C7 NAG FA . 1.89 -36.01 40.13
C8 NAG FA . 0.78 -35.31 40.88
N2 NAG FA . 3.03 -36.17 40.83
O3 NAG FA . 4.09 -38.56 41.96
O4 NAG FA . 6.85 -38.72 42.12
O5 NAG FA . 6.40 -36.30 39.43
O6 NAG FA . 9.21 -37.92 40.99
O7 NAG FA . 1.74 -36.39 38.98
C1 NAG GA . -4.21 -16.66 36.89
C2 NAG GA . -2.71 -16.46 37.13
C3 NAG GA . -2.53 -15.87 38.52
C4 NAG GA . -3.30 -14.55 38.58
C5 NAG GA . -4.77 -14.79 38.24
C6 NAG GA . -5.57 -13.52 38.15
C7 NAG GA . -0.85 -17.88 36.32
C8 NAG GA . -0.36 -19.30 36.28
N2 NAG GA . -2.02 -17.71 36.97
O3 NAG GA . -1.18 -15.66 38.78
O4 NAG GA . -3.15 -14.03 39.88
O5 NAG GA . -4.88 -15.42 36.97
O6 NAG GA . -6.89 -13.83 37.76
O7 NAG GA . -0.23 -16.98 35.78
C1 NAG HA . 25.69 22.98 18.57
C2 NAG HA . 26.51 24.24 18.33
C3 NAG HA . 27.08 24.68 19.66
C4 NAG HA . 25.94 24.92 20.63
C5 NAG HA . 25.12 23.63 20.77
C6 NAG HA . 23.91 23.77 21.67
C7 NAG HA . 27.82 24.55 16.25
C8 NAG HA . 29.01 24.01 15.48
N2 NAG HA . 27.59 23.93 17.42
O3 NAG HA . 27.81 25.86 19.48
O4 NAG HA . 26.49 25.31 21.88
O5 NAG HA . 24.66 23.23 19.49
O6 NAG HA . 24.33 24.13 22.96
O7 NAG HA . 27.15 25.46 15.81
C1 NAG IA . 36.33 11.05 22.26
C2 NAG IA . 37.21 11.72 23.33
C3 NAG IA . 38.25 12.56 22.61
C4 NAG IA . 39.06 11.66 21.68
C5 NAG IA . 38.10 10.99 20.69
C6 NAG IA . 38.80 9.99 19.79
C7 NAG IA . 35.81 12.11 25.30
C8 NAG IA . 35.02 13.10 26.13
N2 NAG IA . 36.43 12.58 24.20
O3 NAG IA . 39.10 13.17 23.55
O4 NAG IA . 40.00 12.46 21.01
O5 NAG IA . 37.12 10.27 21.40
O6 NAG IA . 37.83 9.31 19.03
O7 NAG IA . 35.87 10.94 25.62
C1 NAG JA . 38.06 3.36 38.36
C2 NAG JA . 37.16 3.09 39.57
C3 NAG JA . 37.62 3.95 40.73
C4 NAG JA . 39.09 3.64 41.02
C5 NAG JA . 39.92 3.83 39.74
C6 NAG JA . 41.36 3.41 39.91
C7 NAG JA . 34.79 2.43 39.41
C8 NAG JA . 33.41 2.91 39.02
N2 NAG JA . 35.77 3.32 39.26
O3 NAG JA . 36.81 3.68 41.85
O4 NAG JA . 39.54 4.55 42.01
O5 NAG JA . 39.37 3.00 38.72
O6 NAG JA . 41.47 2.03 39.66
O7 NAG JA . 34.95 1.29 39.82
C1 NAG KA . 21.56 -8.23 41.20
C2 NAG KA . 20.21 -8.46 41.89
C3 NAG KA . 20.24 -7.75 43.23
C4 NAG KA . 21.39 -8.28 44.06
C5 NAG KA . 22.69 -8.06 43.28
C6 NAG KA . 23.91 -8.61 43.99
C7 NAG KA . 18.24 -8.58 40.40
C8 NAG KA . 17.27 -7.74 39.62
N2 NAG KA . 19.18 -7.89 41.08
O3 NAG KA . 19.02 -7.98 43.90
O4 NAG KA . 21.41 -7.58 45.29
O5 NAG KA . 22.61 -8.70 42.03
O6 NAG KA . 24.04 -8.01 45.25
O7 NAG KA . 18.15 -9.80 40.41
C1 NAG LA . 28.72 -1.59 45.29
C2 NAG LA . 28.29 -2.98 45.80
C3 NAG LA . 28.89 -3.17 47.19
C4 NAG LA . 30.40 -3.03 47.11
C5 NAG LA . 30.74 -1.65 46.55
C6 NAG LA . 32.23 -1.45 46.33
C7 NAG LA . 26.09 -3.88 45.14
C8 NAG LA . 24.62 -3.77 45.42
N2 NAG LA . 26.87 -3.06 45.88
O3 NAG LA . 28.56 -4.44 47.67
O4 NAG LA . 30.92 -3.20 48.41
O5 NAG LA . 30.12 -1.50 45.30
O6 NAG LA . 32.45 -0.15 45.81
O7 NAG LA . 26.53 -4.65 44.31
C1 NAG MA . 37.25 14.87 47.16
C2 NAG MA . 37.62 13.47 47.67
C3 NAG MA . 36.64 13.10 48.78
C4 NAG MA . 36.71 14.14 49.88
C5 NAG MA . 36.37 15.51 49.29
C6 NAG MA . 36.50 16.63 50.28
C7 NAG MA . 38.52 12.15 45.81
C8 NAG MA . 38.14 11.15 44.75
N2 NAG MA . 37.50 12.52 46.60
O3 NAG MA . 36.97 11.84 49.30
O4 NAG MA . 35.78 13.79 50.88
O5 NAG MA . 37.27 15.79 48.23
O6 NAG MA . 36.13 17.85 49.68
O7 NAG MA . 39.66 12.56 45.92
C1 NAG NA . 11.41 21.93 33.57
C2 NAG NA . 10.45 23.02 33.09
C3 NAG NA . 10.43 24.13 34.13
C4 NAG NA . 10.02 23.55 35.47
C5 NAG NA . 10.99 22.42 35.85
C6 NAG NA . 10.61 21.72 37.13
C7 NAG NA . 10.18 23.56 30.69
C8 NAG NA . 10.88 24.14 29.49
N2 NAG NA . 10.91 23.53 31.83
O3 NAG NA . 9.53 25.12 33.74
O4 NAG NA . 10.02 24.57 36.43
O5 NAG NA . 11.01 21.45 34.83
O6 NAG NA . 10.63 22.66 38.18
O7 NAG NA . 9.02 23.16 30.61
C1 NAG OA . 19.30 22.77 24.03
C2 NAG OA . 18.67 23.21 25.36
C3 NAG OA . 17.88 24.47 25.11
C4 NAG OA . 18.82 25.54 24.57
C5 NAG OA . 19.48 25.02 23.28
C6 NAG OA . 20.48 25.98 22.69
C7 NAG OA . 17.73 21.73 27.11
C8 NAG OA . 16.74 20.60 27.33
N2 NAG OA . 17.81 22.15 25.83
O3 NAG OA . 17.30 24.92 26.30
O4 NAG OA . 18.07 26.70 24.32
O5 NAG OA . 20.14 23.80 23.56
O6 NAG OA . 19.83 27.16 22.34
O7 NAG OA . 18.38 22.20 28.02
C1 NAG PA . -0.46 -40.16 11.93
C2 NAG PA . 0.91 -40.31 12.59
C3 NAG PA . 1.76 -41.21 11.72
C4 NAG PA . 1.07 -42.56 11.57
C5 NAG PA . -0.31 -42.34 10.95
C6 NAG PA . -1.14 -43.60 10.86
C7 NAG PA . 1.45 -38.22 13.79
C8 NAG PA . 2.18 -36.91 13.71
N2 NAG PA . 1.54 -39.02 12.71
O3 NAG PA . 3.02 -41.38 12.31
O4 NAG PA . 1.86 -43.39 10.76
O5 NAG PA . -1.05 -41.43 11.76
O6 NAG PA . -0.44 -44.56 10.11
O7 NAG PA . 0.80 -38.52 14.78
C1 NAG QA . -18.20 -44.75 22.22
C2 NAG QA . -17.10 -45.80 22.01
C3 NAG QA . -17.63 -47.14 22.50
C4 NAG QA . -18.02 -47.03 23.96
C5 NAG QA . -19.10 -45.94 24.09
C6 NAG QA . -19.50 -45.67 25.52
C7 NAG QA . -15.63 -45.46 20.06
C8 NAG QA . -15.53 -45.68 18.57
N2 NAG QA . -16.78 -45.89 20.62
O3 NAG QA . -16.62 -48.11 22.36
O4 NAG QA . -18.51 -48.27 24.38
O5 NAG QA . -18.59 -44.73 23.57
O6 NAG QA . -20.47 -44.63 25.54
O7 NAG QA . -14.71 -44.95 20.69
C1 NAG RA . 1.82 -22.66 -38.19
C2 NAG RA . 2.19 -22.34 -39.65
C3 NAG RA . 2.82 -23.57 -40.25
C4 NAG RA . 4.04 -23.96 -39.43
C5 NAG RA . 3.60 -24.21 -37.99
C6 NAG RA . 4.75 -24.56 -37.06
C7 NAG RA . 0.73 -20.80 -40.92
C8 NAG RA . -0.60 -20.71 -41.63
N2 NAG RA . 1.00 -22.01 -40.38
O3 NAG RA . 3.21 -23.30 -41.58
O4 NAG RA . 4.60 -25.12 -40.00
O5 NAG RA . 2.98 -23.06 -37.48
O6 NAG RA . 5.38 -25.73 -37.53
O7 NAG RA . 1.48 -19.84 -40.83
C1 NAG SA . 7.89 -25.41 -33.14
C2 NAG SA . 9.21 -26.16 -32.91
C3 NAG SA . 10.35 -25.25 -33.34
C4 NAG SA . 10.17 -24.85 -34.78
C5 NAG SA . 8.82 -24.16 -34.94
C6 NAG SA . 8.49 -23.78 -36.37
C7 NAG SA . 9.00 -27.65 -30.96
C8 NAG SA . 9.32 -27.80 -29.50
N2 NAG SA . 9.40 -26.50 -31.53
O3 NAG SA . 11.57 -25.91 -33.16
O4 NAG SA . 11.23 -24.00 -35.14
O5 NAG SA . 7.80 -25.01 -34.49
O6 NAG SA . 9.50 -22.95 -36.87
O7 NAG SA . 8.44 -28.54 -31.59
C1 NAG TA . 16.20 -31.76 -25.86
C2 NAG TA . 17.23 -30.65 -25.75
C3 NAG TA . 18.56 -31.17 -26.26
C4 NAG TA . 18.96 -32.39 -25.45
C5 NAG TA . 17.86 -33.45 -25.58
C6 NAG TA . 18.11 -34.68 -24.76
C7 NAG TA . 16.51 -28.30 -26.05
C8 NAG TA . 16.07 -27.30 -27.09
N2 NAG TA . 16.79 -29.52 -26.54
O3 NAG TA . 19.55 -30.18 -26.14
O4 NAG TA . 20.20 -32.87 -25.94
O5 NAG TA . 16.63 -32.89 -25.14
O6 NAG TA . 19.30 -35.28 -25.19
O7 NAG TA . 16.59 -27.99 -24.88
C1 NAG UA . -9.92 -33.73 -37.92
C2 NAG UA . -9.32 -35.15 -37.99
C3 NAG UA . -9.82 -35.78 -39.28
C4 NAG UA . -11.34 -35.79 -39.28
C5 NAG UA . -11.86 -34.36 -39.14
C6 NAG UA . -13.36 -34.27 -39.02
C7 NAG UA . -7.05 -35.74 -37.17
C8 NAG UA . -5.59 -35.56 -37.47
N2 NAG UA . -7.88 -35.12 -38.03
O3 NAG UA . -9.35 -37.10 -39.37
O4 NAG UA . -11.76 -36.37 -40.50
O5 NAG UA . -11.32 -33.80 -37.96
O6 NAG UA . -13.95 -34.82 -40.18
O7 NAG UA . -7.44 -36.43 -36.24
C1 NAG VA . -19.28 -31.74 -26.64
C2 NAG VA . -20.36 -30.83 -26.03
C3 NAG VA . -21.59 -30.90 -26.92
C4 NAG VA . -21.20 -30.46 -28.32
C5 NAG VA . -20.09 -31.39 -28.84
C6 NAG VA . -19.58 -31.01 -30.21
C7 NAG VA . -20.29 -30.77 -23.56
C8 NAG VA . -20.75 -31.50 -22.33
N2 NAG VA . -20.67 -31.34 -24.72
O3 NAG VA . -22.58 -30.04 -26.41
O4 NAG VA . -22.35 -30.52 -29.14
O5 NAG VA . -18.99 -31.33 -27.95
O6 NAG VA . -20.63 -31.12 -31.14
O7 NAG VA . -19.64 -29.74 -23.49
C1 NAG WA . -23.07 -39.74 -23.46
C2 NAG WA . -23.07 -40.79 -24.55
C3 NAG WA . -23.32 -40.09 -25.87
C4 NAG WA . -24.64 -39.33 -25.79
C5 NAG WA . -24.60 -38.36 -24.62
C6 NAG WA . -25.92 -37.66 -24.37
C7 NAG WA . -21.53 -42.72 -24.38
C8 NAG WA . -20.07 -43.11 -24.41
N2 NAG WA . -21.76 -41.41 -24.55
O3 NAG WA . -23.38 -41.04 -26.89
O4 NAG WA . -24.71 -38.58 -26.98
O5 NAG WA . -24.30 -39.07 -23.43
O6 NAG WA . -25.83 -36.91 -23.19
O7 NAG WA . -22.40 -43.56 -24.22
C1 NAG XA . -23.00 -47.20 -23.93
C2 NAG XA . -24.16 -48.14 -24.25
C3 NAG XA . -25.41 -47.32 -24.48
C4 NAG XA . -25.69 -46.49 -23.25
C5 NAG XA . -24.48 -45.60 -22.98
C6 NAG XA . -24.61 -44.74 -21.74
C7 NAG XA . -23.92 -50.22 -25.59
C8 NAG XA . -23.53 -50.73 -26.94
N2 NAG XA . -23.84 -48.88 -25.44
O3 NAG XA . -26.50 -48.18 -24.73
O4 NAG XA . -26.86 -45.73 -23.47
O5 NAG XA . -23.34 -46.40 -22.82
O6 NAG XA . -25.68 -43.84 -21.92
O7 NAG XA . -24.30 -50.97 -24.70
C1 NAG YA . -22.31 -48.21 -19.52
C2 NAG YA . -23.84 -48.11 -19.42
C3 NAG YA . -24.39 -49.48 -19.06
C4 NAG YA . -23.96 -50.46 -20.14
C5 NAG YA . -22.45 -50.48 -20.23
C6 NAG YA . -21.93 -51.35 -21.36
C7 NAG YA . -25.27 -46.37 -18.36
C8 NAG YA . -25.30 -45.41 -17.21
N2 NAG YA . -24.15 -47.11 -18.43
O3 NAG YA . -25.79 -49.45 -19.02
O4 NAG YA . -24.48 -51.73 -19.81
O5 NAG YA . -21.97 -49.18 -20.48
O6 NAG YA . -22.45 -52.64 -21.20
O7 NAG YA . -26.19 -46.45 -19.16
C1 NAG ZA . -33.89 -41.89 -3.95
C2 NAG ZA . -34.97 -42.16 -5.01
C3 NAG ZA . -36.12 -41.20 -4.79
C4 NAG ZA . -36.66 -41.39 -3.38
C5 NAG ZA . -35.53 -41.13 -2.38
C6 NAG ZA . -35.93 -41.38 -0.94
C7 NAG ZA . -34.13 -42.89 -7.22
C8 NAG ZA . -33.55 -42.37 -8.51
N2 NAG ZA . -34.41 -41.92 -6.32
O3 NAG ZA . -37.14 -41.45 -5.72
O4 NAG ZA . -37.73 -40.48 -3.19
O5 NAG ZA . -34.46 -42.02 -2.66
O6 NAG ZA . -36.98 -40.51 -0.59
O7 NAG ZA . -34.32 -44.08 -7.03
C1 NAG AB . -7.01 -51.01 -13.12
C2 NAG AB . -6.04 -51.16 -11.93
C3 NAG AB . -4.98 -52.15 -12.33
C4 NAG AB . -5.62 -53.47 -12.72
C5 NAG AB . -6.60 -53.22 -13.87
C6 NAG AB . -7.36 -54.46 -14.31
C7 NAG AB . -5.67 -49.12 -10.59
C8 NAG AB . -4.90 -47.84 -10.56
N2 NAG AB . -5.44 -49.89 -11.67
O3 NAG AB . -4.11 -52.36 -11.24
O4 NAG AB . -4.61 -54.37 -13.10
O5 NAG AB . -7.56 -52.26 -13.47
O6 NAG AB . -6.44 -55.45 -14.69
O7 NAG AB . -6.43 -49.43 -9.69
C1 NAG BB . -4.99 -55.07 -22.22
C2 NAG BB . -6.29 -55.66 -21.65
C3 NAG BB . -6.18 -57.17 -21.66
C4 NAG BB . -5.92 -57.63 -23.08
C5 NAG BB . -4.64 -56.98 -23.60
C6 NAG BB . -4.35 -57.30 -25.05
C7 NAG BB . -7.32 -54.18 -19.95
C8 NAG BB . -7.34 -53.86 -18.48
N2 NAG BB . -6.49 -55.17 -20.31
O3 NAG BB . -7.37 -57.72 -21.19
O4 NAG BB . -5.80 -59.04 -23.06
O5 NAG BB . -4.78 -55.57 -23.52
O6 NAG BB . -3.18 -56.64 -25.45
O7 NAG BB . -8.01 -53.56 -20.75
C1 NAG CB . 2.08 -54.16 -39.13
C2 NAG CB . 1.54 -55.51 -39.60
C3 NAG CB . 1.81 -56.53 -38.51
C4 NAG CB . 3.31 -56.59 -38.24
C5 NAG CB . 3.78 -55.20 -37.83
C6 NAG CB . 5.28 -55.10 -37.59
C7 NAG CB . -0.45 -55.17 -41.01
C8 NAG CB . -1.96 -55.08 -40.98
N2 NAG CB . 0.12 -55.39 -39.81
O3 NAG CB . 1.35 -57.79 -38.93
O4 NAG CB . 3.53 -57.54 -37.22
O5 NAG CB . 3.47 -54.27 -38.85
O6 NAG CB . 5.66 -56.04 -36.63
O7 NAG CB . 0.18 -55.06 -42.04
C1 NAG DB . 0.78 -5.25 -44.98
C2 NAG DB . 0.15 -3.85 -44.92
C3 NAG DB . -0.61 -3.61 -46.22
C4 NAG DB . 0.36 -3.74 -47.38
C5 NAG DB . 1.01 -5.13 -47.36
C6 NAG DB . 2.07 -5.31 -48.40
C7 NAG DB . -1.01 -2.66 -43.07
C8 NAG DB . -1.92 -2.84 -41.89
N2 NAG DB . -0.71 -3.78 -43.77
O3 NAG DB . -1.19 -2.34 -46.23
O4 NAG DB . -0.34 -3.53 -48.57
O5 NAG DB . 1.63 -5.33 -46.10
O6 NAG DB . 2.65 -6.58 -48.25
O7 NAG DB . -0.57 -1.57 -43.36
C1 NAG EB . -11.80 41.35 -21.81
C2 NAG EB . -10.72 42.27 -21.20
C3 NAG EB . -11.28 43.59 -20.66
C4 NAG EB . -12.27 44.17 -21.66
C5 NAG EB . -13.39 43.16 -21.83
C6 NAG EB . -14.51 43.68 -22.72
C7 NAG EB . -8.87 42.01 -19.56
C8 NAG EB . -8.25 41.13 -18.49
N2 NAG EB . -9.99 41.55 -20.17
O3 NAG EB . -10.24 44.50 -20.41
O4 NAG EB . -12.76 45.38 -21.15
O5 NAG EB . -12.86 42.01 -22.45
O6 NAG EB . -13.92 44.27 -23.86
O7 NAG EB . -8.37 43.08 -19.84
C1 NAG FB . -5.99 45.62 -0.45
C2 NAG FB . -6.79 46.68 -1.23
C3 NAG FB . -7.72 47.38 -0.26
C4 NAG FB . -8.63 46.35 0.40
C5 NAG FB . -7.77 45.33 1.12
C6 NAG FB . -8.57 44.21 1.76
C7 NAG FB . -5.44 47.62 -3.07
C8 NAG FB . -4.47 48.72 -3.42
N2 NAG FB . -5.87 47.62 -1.80
O3 NAG FB . -8.49 48.33 -0.95
O4 NAG FB . -9.48 47.03 1.29
O5 NAG FB . -6.88 44.74 0.19
O6 NAG FB . -7.68 43.24 2.28
O7 NAG FB . -5.79 46.80 -3.90
C1 NAG GB . 17.82 42.82 6.32
C2 NAG GB . 17.54 44.23 6.84
C3 NAG GB . 18.27 44.43 8.15
C4 NAG GB . 17.80 43.36 9.14
C5 NAG GB . 18.06 41.99 8.54
C6 NAG GB . 17.57 40.86 9.42
C7 NAG GB . 17.26 46.11 5.25
C8 NAG GB . 18.02 46.98 4.27
N2 NAG GB . 18.02 45.18 5.87
O3 NAG GB . 18.00 45.70 8.66
O4 NAG GB . 18.49 43.55 10.35
O5 NAG GB . 17.40 41.87 7.29
O6 NAG GB . 18.26 40.89 10.65
O7 NAG GB . 16.07 46.25 5.43
C1 NAG HB . 4.50 48.67 7.10
C2 NAG HB . 5.49 49.80 7.40
C3 NAG HB . 5.84 49.78 8.87
C4 NAG HB . 4.56 49.93 9.67
C5 NAG HB . 3.59 48.80 9.30
C6 NAG HB . 2.26 48.89 10.00
C7 NAG HB . 6.92 50.20 5.42
C8 NAG HB . 8.23 49.83 4.76
N2 NAG HB . 6.68 49.60 6.59
O3 NAG HB . 6.72 50.82 9.17
O4 NAG HB . 4.89 49.91 11.05
O5 NAG HB . 3.35 48.83 7.91
O6 NAG HB . 2.46 48.80 11.39
O7 NAG HB . 6.15 50.99 4.90
C1 NAG IB . -1.72 35.89 10.22
C2 NAG IB . -0.54 36.82 10.53
C3 NAG IB . -0.12 36.60 11.97
C4 NAG IB . -1.30 36.89 12.87
C5 NAG IB . -2.45 35.96 12.49
C6 NAG IB . -3.72 36.21 13.28
C7 NAG IB . 0.85 37.21 8.55
C8 NAG IB . 2.02 36.66 7.77
N2 NAG IB . 0.53 36.50 9.64
O3 NAG IB . 0.95 37.48 12.28
O4 NAG IB . -0.90 36.67 14.21
O5 NAG IB . -2.77 36.16 11.12
O6 NAG IB . -3.46 35.98 14.65
O7 NAG IB . 0.27 38.21 8.19
C1 NAG JB . 23.34 -3.75 -28.27
C2 NAG JB . 23.20 -4.20 -29.73
C3 NAG JB . 23.33 -5.71 -29.80
C4 NAG JB . 24.68 -6.10 -29.20
C5 NAG JB . 24.76 -5.60 -27.77
C6 NAG JB . 26.09 -5.87 -27.11
C7 NAG JB . 21.71 -2.66 -30.96
C8 NAG JB . 20.28 -2.46 -31.34
N2 NAG JB . 21.93 -3.77 -30.23
O3 NAG JB . 23.26 -6.13 -31.13
O4 NAG JB . 24.78 -7.51 -29.26
O5 NAG JB . 24.57 -4.18 -27.77
O6 NAG JB . 26.05 -5.44 -25.77
O7 NAG JB . 22.58 -1.88 -31.29
C1 NAG KB . 18.93 31.06 -26.84
C2 NAG KB . 20.04 29.99 -26.85
C3 NAG KB . 21.20 30.50 -27.69
C4 NAG KB . 20.70 30.80 -29.09
C5 NAG KB . 19.57 31.84 -29.00
C6 NAG KB . 18.96 32.16 -30.35
C7 NAG KB . 20.67 28.58 -24.93
C8 NAG KB . 21.12 28.62 -23.49
N2 NAG KB . 20.47 29.78 -25.49
O3 NAG KB . 22.20 29.52 -27.74
O4 NAG KB . 21.78 31.30 -29.83
O5 NAG KB . 18.54 31.34 -28.17
O6 NAG KB . 17.99 33.17 -30.19
O7 NAG KB . 20.52 27.53 -25.52
#